data_1V0A
# 
_entry.id   1V0A 
# 
_audit_conform.dict_name       mmcif_pdbx.dic 
_audit_conform.dict_version    5.398 
_audit_conform.dict_location   http://mmcif.pdb.org/dictionaries/ascii/mmcif_pdbx.dic 
# 
loop_
_database_2.database_id 
_database_2.database_code 
_database_2.pdbx_database_accession 
_database_2.pdbx_DOI 
PDB   1V0A         pdb_00001v0a 10.2210/pdb1v0a/pdb 
PDBE  EBI-14862    ?            ?                   
WWPDB D_1290014862 ?            ?                   
# 
loop_
_pdbx_audit_revision_history.ordinal 
_pdbx_audit_revision_history.data_content_type 
_pdbx_audit_revision_history.major_revision 
_pdbx_audit_revision_history.minor_revision 
_pdbx_audit_revision_history.revision_date 
1 'Structure model' 1 0 2005-01-12 
2 'Structure model' 1 1 2011-05-07 
3 'Structure model' 1 2 2011-07-13 
4 'Structure model' 1 3 2024-11-06 
# 
_pdbx_audit_revision_details.ordinal             1 
_pdbx_audit_revision_details.revision_ordinal    1 
_pdbx_audit_revision_details.data_content_type   'Structure model' 
_pdbx_audit_revision_details.provider            repository 
_pdbx_audit_revision_details.type                'Initial release' 
_pdbx_audit_revision_details.description         ? 
_pdbx_audit_revision_details.details             ? 
# 
loop_
_pdbx_audit_revision_group.ordinal 
_pdbx_audit_revision_group.revision_ordinal 
_pdbx_audit_revision_group.data_content_type 
_pdbx_audit_revision_group.group 
1 2 'Structure model' 'Version format compliance' 
2 3 'Structure model' 'Version format compliance' 
3 4 'Structure model' 'Data collection'           
4 4 'Structure model' 'Database references'       
5 4 'Structure model' 'Derived calculations'      
6 4 'Structure model' Other                       
7 4 'Structure model' 'Structure summary'         
# 
loop_
_pdbx_audit_revision_category.ordinal 
_pdbx_audit_revision_category.revision_ordinal 
_pdbx_audit_revision_category.data_content_type 
_pdbx_audit_revision_category.category 
1 4 'Structure model' chem_comp_atom            
2 4 'Structure model' chem_comp_bond            
3 4 'Structure model' database_2                
4 4 'Structure model' pdbx_database_status      
5 4 'Structure model' pdbx_entry_details        
6 4 'Structure model' pdbx_modification_feature 
7 4 'Structure model' pdbx_struct_conn_angle    
8 4 'Structure model' struct_conn               
# 
loop_
_pdbx_audit_revision_item.ordinal 
_pdbx_audit_revision_item.revision_ordinal 
_pdbx_audit_revision_item.data_content_type 
_pdbx_audit_revision_item.item 
1  4 'Structure model' '_database_2.pdbx_DOI'                         
2  4 'Structure model' '_database_2.pdbx_database_accession'          
3  4 'Structure model' '_pdbx_database_status.status_code_sf'         
4  4 'Structure model' '_pdbx_entry_details.has_protein_modification' 
5  4 'Structure model' '_pdbx_struct_conn_angle.ptnr1_auth_comp_id'   
6  4 'Structure model' '_pdbx_struct_conn_angle.ptnr1_auth_seq_id'    
7  4 'Structure model' '_pdbx_struct_conn_angle.ptnr1_label_asym_id'  
8  4 'Structure model' '_pdbx_struct_conn_angle.ptnr1_label_atom_id'  
9  4 'Structure model' '_pdbx_struct_conn_angle.ptnr1_label_comp_id'  
10 4 'Structure model' '_pdbx_struct_conn_angle.ptnr1_label_seq_id'   
11 4 'Structure model' '_pdbx_struct_conn_angle.ptnr2_auth_seq_id'    
12 4 'Structure model' '_pdbx_struct_conn_angle.ptnr2_label_asym_id'  
13 4 'Structure model' '_pdbx_struct_conn_angle.ptnr3_auth_comp_id'   
14 4 'Structure model' '_pdbx_struct_conn_angle.ptnr3_auth_seq_id'    
15 4 'Structure model' '_pdbx_struct_conn_angle.ptnr3_label_asym_id'  
16 4 'Structure model' '_pdbx_struct_conn_angle.ptnr3_label_atom_id'  
17 4 'Structure model' '_pdbx_struct_conn_angle.ptnr3_label_comp_id'  
18 4 'Structure model' '_pdbx_struct_conn_angle.ptnr3_label_seq_id'   
19 4 'Structure model' '_pdbx_struct_conn_angle.value'                
20 4 'Structure model' '_struct_conn.pdbx_dist_value'                 
21 4 'Structure model' '_struct_conn.pdbx_leaving_atom_flag'          
22 4 'Structure model' '_struct_conn.ptnr1_auth_comp_id'              
23 4 'Structure model' '_struct_conn.ptnr1_auth_seq_id'               
24 4 'Structure model' '_struct_conn.ptnr1_label_asym_id'             
25 4 'Structure model' '_struct_conn.ptnr1_label_atom_id'             
26 4 'Structure model' '_struct_conn.ptnr1_label_comp_id'             
27 4 'Structure model' '_struct_conn.ptnr1_label_seq_id'              
28 4 'Structure model' '_struct_conn.ptnr2_auth_comp_id'              
29 4 'Structure model' '_struct_conn.ptnr2_auth_seq_id'               
30 4 'Structure model' '_struct_conn.ptnr2_label_asym_id'             
31 4 'Structure model' '_struct_conn.ptnr2_label_atom_id'             
32 4 'Structure model' '_struct_conn.ptnr2_label_comp_id'             
33 4 'Structure model' '_struct_conn.ptnr2_label_seq_id'              
# 
_pdbx_database_status.status_code                     REL 
_pdbx_database_status.entry_id                        1V0A 
_pdbx_database_status.deposit_site                    PDBE 
_pdbx_database_status.process_site                    PDBE 
_pdbx_database_status.SG_entry                        . 
_pdbx_database_status.recvd_initial_deposition_date   2004-03-25 
_pdbx_database_status.pdb_format_compatible           Y 
_pdbx_database_status.status_code_sf                  REL 
_pdbx_database_status.status_code_mr                  ? 
_pdbx_database_status.status_code_cs                  ? 
_pdbx_database_status.methods_development_category    ? 
_pdbx_database_status.status_code_nmr_data            ? 
# 
loop_
_audit_author.name 
_audit_author.pdbx_ordinal 
'Carvalho, A.L.'   1 
'Romao, M.J.'      2 
'Goyal, A.'        3 
'Prates, J.A.M.'   4 
'Pires, V.M.R.'    5 
'Ferreira, L.M.A.' 6 
'Bolam, D.N.'      7 
'Gilbert, H.J.'    8 
'Fontes, C.M.G.A.' 9 
# 
_citation.id                        primary 
_citation.title                     
;The Family 11 Carbohydrate-Binding Module of Clostridium Thermocellum Lic26A-Cel5E Accomodates Beta-1,4- and Beta-1,3-1,4-Mixed Linked Glucans at a Single Binding Site
;
_citation.journal_abbrev            J.Biol.Chem. 
_citation.journal_volume            279 
_citation.page_first                34785 
_citation.page_last                 ? 
_citation.year                      2004 
_citation.journal_id_ASTM           JBCHA3 
_citation.country                   US 
_citation.journal_id_ISSN           0021-9258 
_citation.journal_id_CSD            0071 
_citation.book_publisher            ? 
_citation.pdbx_database_id_PubMed   15192099 
_citation.pdbx_database_id_DOI      10.1074/JBC.M405867200 
# 
loop_
_citation_author.citation_id 
_citation_author.name 
_citation_author.ordinal 
_citation_author.identifier_ORCID 
primary 'Carvalho, A.L.'   1  ? 
primary 'Goyal, A.'        2  ? 
primary 'Prates, J.A.M.'   3  ? 
primary 'Bolam, D.N.'      4  ? 
primary 'Gilbert, H.J.'    5  ? 
primary 'Pires, V.M.R.'    6  ? 
primary 'Ferreira, L.M.A.' 7  ? 
primary 'Planas, A.'       8  ? 
primary 'Romao, M.J.'      9  ? 
primary 'Fontes, C.M.G.A.' 10 ? 
# 
loop_
_entity.id 
_entity.type 
_entity.src_method 
_entity.pdbx_description 
_entity.formula_weight 
_entity.pdbx_number_of_molecules 
_entity.pdbx_ec 
_entity.pdbx_mutation 
_entity.pdbx_fragment 
_entity.details 
1 polymer     man 'ENDOGLUCANASE H' 20073.350 1   3.2.1.4 ? ? ? 
2 non-polymer syn 'CALCIUM ION'     40.078    2   ?       ? ? ? 
3 non-polymer syn 'SULFATE ION'     96.063    2   ?       ? ? ? 
4 water       nat water             18.015    182 ?       ? ? ? 
# 
_entity_name_com.entity_id   1 
_entity_name_com.name        'CELLULOSE BINDING PROTEIN A, EGH, ENDO-1,4-BETA-GLUCANASE, CELLULASE H' 
# 
_entity_poly.entity_id                      1 
_entity_poly.type                           'polypeptide(L)' 
_entity_poly.nstd_linkage                   no 
_entity_poly.nstd_monomer                   yes 
_entity_poly.pdbx_seq_one_letter_code       
;(MSE)ASAVGEK(MSE)LDDFEGVLNWGSYSGEGAKVSTKIVSGKTGNG(MSE)EVSYTGTTDGYWGTVYSLPDGDWSKW
LKISFDIKSVDGSANEIRF(MSE)IAEKSINGVGDGEHWVYSITPDSSWKTIEIPFSSFRRRLDYQPPGQD(MSE)SGTL
DLDNIDSIHF(MSE)YANNKSGKFVVDNIKLIGALEHHHHHH
;
_entity_poly.pdbx_seq_one_letter_code_can   
;MASAVGEKMLDDFEGVLNWGSYSGEGAKVSTKIVSGKTGNGMEVSYTGTTDGYWGTVYSLPDGDWSKWLKISFDIKSVDG
SANEIRFMIAEKSINGVGDGEHWVYSITPDSSWKTIEIPFSSFRRRLDYQPPGQDMSGTLDLDNIDSIHFMYANNKSGKF
VVDNIKLIGALEHHHHHH
;
_entity_poly.pdbx_strand_id                 A 
_entity_poly.pdbx_target_identifier         ? 
# 
loop_
_pdbx_entity_nonpoly.entity_id 
_pdbx_entity_nonpoly.name 
_pdbx_entity_nonpoly.comp_id 
2 'CALCIUM ION' CA  
3 'SULFATE ION' SO4 
4 water         HOH 
# 
loop_
_entity_poly_seq.entity_id 
_entity_poly_seq.num 
_entity_poly_seq.mon_id 
_entity_poly_seq.hetero 
1 1   MSE n 
1 2   ALA n 
1 3   SER n 
1 4   ALA n 
1 5   VAL n 
1 6   GLY n 
1 7   GLU n 
1 8   LYS n 
1 9   MSE n 
1 10  LEU n 
1 11  ASP n 
1 12  ASP n 
1 13  PHE n 
1 14  GLU n 
1 15  GLY n 
1 16  VAL n 
1 17  LEU n 
1 18  ASN n 
1 19  TRP n 
1 20  GLY n 
1 21  SER n 
1 22  TYR n 
1 23  SER n 
1 24  GLY n 
1 25  GLU n 
1 26  GLY n 
1 27  ALA n 
1 28  LYS n 
1 29  VAL n 
1 30  SER n 
1 31  THR n 
1 32  LYS n 
1 33  ILE n 
1 34  VAL n 
1 35  SER n 
1 36  GLY n 
1 37  LYS n 
1 38  THR n 
1 39  GLY n 
1 40  ASN n 
1 41  GLY n 
1 42  MSE n 
1 43  GLU n 
1 44  VAL n 
1 45  SER n 
1 46  TYR n 
1 47  THR n 
1 48  GLY n 
1 49  THR n 
1 50  THR n 
1 51  ASP n 
1 52  GLY n 
1 53  TYR n 
1 54  TRP n 
1 55  GLY n 
1 56  THR n 
1 57  VAL n 
1 58  TYR n 
1 59  SER n 
1 60  LEU n 
1 61  PRO n 
1 62  ASP n 
1 63  GLY n 
1 64  ASP n 
1 65  TRP n 
1 66  SER n 
1 67  LYS n 
1 68  TRP n 
1 69  LEU n 
1 70  LYS n 
1 71  ILE n 
1 72  SER n 
1 73  PHE n 
1 74  ASP n 
1 75  ILE n 
1 76  LYS n 
1 77  SER n 
1 78  VAL n 
1 79  ASP n 
1 80  GLY n 
1 81  SER n 
1 82  ALA n 
1 83  ASN n 
1 84  GLU n 
1 85  ILE n 
1 86  ARG n 
1 87  PHE n 
1 88  MSE n 
1 89  ILE n 
1 90  ALA n 
1 91  GLU n 
1 92  LYS n 
1 93  SER n 
1 94  ILE n 
1 95  ASN n 
1 96  GLY n 
1 97  VAL n 
1 98  GLY n 
1 99  ASP n 
1 100 GLY n 
1 101 GLU n 
1 102 HIS n 
1 103 TRP n 
1 104 VAL n 
1 105 TYR n 
1 106 SER n 
1 107 ILE n 
1 108 THR n 
1 109 PRO n 
1 110 ASP n 
1 111 SER n 
1 112 SER n 
1 113 TRP n 
1 114 LYS n 
1 115 THR n 
1 116 ILE n 
1 117 GLU n 
1 118 ILE n 
1 119 PRO n 
1 120 PHE n 
1 121 SER n 
1 122 SER n 
1 123 PHE n 
1 124 ARG n 
1 125 ARG n 
1 126 ARG n 
1 127 LEU n 
1 128 ASP n 
1 129 TYR n 
1 130 GLN n 
1 131 PRO n 
1 132 PRO n 
1 133 GLY n 
1 134 GLN n 
1 135 ASP n 
1 136 MSE n 
1 137 SER n 
1 138 GLY n 
1 139 THR n 
1 140 LEU n 
1 141 ASP n 
1 142 LEU n 
1 143 ASP n 
1 144 ASN n 
1 145 ILE n 
1 146 ASP n 
1 147 SER n 
1 148 ILE n 
1 149 HIS n 
1 150 PHE n 
1 151 MSE n 
1 152 TYR n 
1 153 ALA n 
1 154 ASN n 
1 155 ASN n 
1 156 LYS n 
1 157 SER n 
1 158 GLY n 
1 159 LYS n 
1 160 PHE n 
1 161 VAL n 
1 162 VAL n 
1 163 ASP n 
1 164 ASN n 
1 165 ILE n 
1 166 LYS n 
1 167 LEU n 
1 168 ILE n 
1 169 GLY n 
1 170 ALA n 
1 171 LEU n 
1 172 GLU n 
1 173 HIS n 
1 174 HIS n 
1 175 HIS n 
1 176 HIS n 
1 177 HIS n 
1 178 HIS n 
# 
_entity_src_gen.entity_id                          1 
_entity_src_gen.pdbx_src_id                        1 
_entity_src_gen.pdbx_alt_source_flag               sample 
_entity_src_gen.pdbx_seq_type                      ? 
_entity_src_gen.pdbx_beg_seq_num                   ? 
_entity_src_gen.pdbx_end_seq_num                   ? 
_entity_src_gen.gene_src_common_name               ? 
_entity_src_gen.gene_src_genus                     ? 
_entity_src_gen.pdbx_gene_src_gene                 ? 
_entity_src_gen.gene_src_species                   ? 
_entity_src_gen.gene_src_strain                    ? 
_entity_src_gen.gene_src_tissue                    ? 
_entity_src_gen.gene_src_tissue_fraction           ? 
_entity_src_gen.gene_src_details                   ? 
_entity_src_gen.pdbx_gene_src_fragment             ? 
_entity_src_gen.pdbx_gene_src_scientific_name      'CLOSTRIDIUM THERMOCELLUM' 
_entity_src_gen.pdbx_gene_src_ncbi_taxonomy_id     1515 
_entity_src_gen.pdbx_gene_src_variant              ? 
_entity_src_gen.pdbx_gene_src_cell_line            ? 
_entity_src_gen.pdbx_gene_src_atcc                 ? 
_entity_src_gen.pdbx_gene_src_organ                ? 
_entity_src_gen.pdbx_gene_src_organelle            ? 
_entity_src_gen.pdbx_gene_src_cell                 ? 
_entity_src_gen.pdbx_gene_src_cellular_location    ? 
_entity_src_gen.host_org_common_name               ? 
_entity_src_gen.pdbx_host_org_scientific_name      'ESCHERICHIA COLI' 
_entity_src_gen.pdbx_host_org_ncbi_taxonomy_id     562 
_entity_src_gen.host_org_genus                     ? 
_entity_src_gen.pdbx_host_org_gene                 ? 
_entity_src_gen.pdbx_host_org_organ                ? 
_entity_src_gen.host_org_species                   ? 
_entity_src_gen.pdbx_host_org_tissue               ? 
_entity_src_gen.pdbx_host_org_tissue_fraction      ? 
_entity_src_gen.pdbx_host_org_strain               ? 
_entity_src_gen.pdbx_host_org_variant              ? 
_entity_src_gen.pdbx_host_org_cell_line            ? 
_entity_src_gen.pdbx_host_org_atcc                 ? 
_entity_src_gen.pdbx_host_org_culture_collection   ? 
_entity_src_gen.pdbx_host_org_cell                 ? 
_entity_src_gen.pdbx_host_org_organelle            ? 
_entity_src_gen.pdbx_host_org_cellular_location    ? 
_entity_src_gen.pdbx_host_org_vector_type          ? 
_entity_src_gen.pdbx_host_org_vector               ? 
_entity_src_gen.host_org_details                   ? 
_entity_src_gen.expression_system_id               ? 
_entity_src_gen.plasmid_name                       ? 
_entity_src_gen.plasmid_details                    ? 
_entity_src_gen.pdbx_description                   ? 
# 
loop_
_chem_comp.id 
_chem_comp.type 
_chem_comp.mon_nstd_flag 
_chem_comp.name 
_chem_comp.pdbx_synonyms 
_chem_comp.formula 
_chem_comp.formula_weight 
ALA 'L-peptide linking' y ALANINE          ? 'C3 H7 N O2'     89.093  
ARG 'L-peptide linking' y ARGININE         ? 'C6 H15 N4 O2 1' 175.209 
ASN 'L-peptide linking' y ASPARAGINE       ? 'C4 H8 N2 O3'    132.118 
ASP 'L-peptide linking' y 'ASPARTIC ACID'  ? 'C4 H7 N O4'     133.103 
CA  non-polymer         . 'CALCIUM ION'    ? 'Ca 2'           40.078  
GLN 'L-peptide linking' y GLUTAMINE        ? 'C5 H10 N2 O3'   146.144 
GLU 'L-peptide linking' y 'GLUTAMIC ACID'  ? 'C5 H9 N O4'     147.129 
GLY 'peptide linking'   y GLYCINE          ? 'C2 H5 N O2'     75.067  
HIS 'L-peptide linking' y HISTIDINE        ? 'C6 H10 N3 O2 1' 156.162 
HOH non-polymer         . WATER            ? 'H2 O'           18.015  
ILE 'L-peptide linking' y ISOLEUCINE       ? 'C6 H13 N O2'    131.173 
LEU 'L-peptide linking' y LEUCINE          ? 'C6 H13 N O2'    131.173 
LYS 'L-peptide linking' y LYSINE           ? 'C6 H15 N2 O2 1' 147.195 
MSE 'L-peptide linking' n SELENOMETHIONINE ? 'C5 H11 N O2 Se' 196.106 
PHE 'L-peptide linking' y PHENYLALANINE    ? 'C9 H11 N O2'    165.189 
PRO 'L-peptide linking' y PROLINE          ? 'C5 H9 N O2'     115.130 
SER 'L-peptide linking' y SERINE           ? 'C3 H7 N O3'     105.093 
SO4 non-polymer         . 'SULFATE ION'    ? 'O4 S -2'        96.063  
THR 'L-peptide linking' y THREONINE        ? 'C4 H9 N O3'     119.119 
TRP 'L-peptide linking' y TRYPTOPHAN       ? 'C11 H12 N2 O2'  204.225 
TYR 'L-peptide linking' y TYROSINE         ? 'C9 H11 N O3'    181.189 
VAL 'L-peptide linking' y VALINE           ? 'C5 H11 N O2'    117.146 
# 
loop_
_pdbx_poly_seq_scheme.asym_id 
_pdbx_poly_seq_scheme.entity_id 
_pdbx_poly_seq_scheme.seq_id 
_pdbx_poly_seq_scheme.mon_id 
_pdbx_poly_seq_scheme.ndb_seq_num 
_pdbx_poly_seq_scheme.pdb_seq_num 
_pdbx_poly_seq_scheme.auth_seq_num 
_pdbx_poly_seq_scheme.pdb_mon_id 
_pdbx_poly_seq_scheme.auth_mon_id 
_pdbx_poly_seq_scheme.pdb_strand_id 
_pdbx_poly_seq_scheme.pdb_ins_code 
_pdbx_poly_seq_scheme.hetero 
A 1 1   MSE 1   1   ?   ?   ?   A . n 
A 1 2   ALA 2   2   ?   ?   ?   A . n 
A 1 3   SER 3   3   3   SER SER A . n 
A 1 4   ALA 4   4   4   ALA ALA A . n 
A 1 5   VAL 5   5   5   VAL VAL A . n 
A 1 6   GLY 6   6   6   GLY GLY A . n 
A 1 7   GLU 7   7   7   GLU GLU A . n 
A 1 8   LYS 8   8   8   LYS LYS A . n 
A 1 9   MSE 9   9   9   MSE MSE A . n 
A 1 10  LEU 10  10  10  LEU LEU A . n 
A 1 11  ASP 11  11  11  ASP ASP A . n 
A 1 12  ASP 12  12  12  ASP ASP A . n 
A 1 13  PHE 13  13  13  PHE PHE A . n 
A 1 14  GLU 14  14  14  GLU GLU A . n 
A 1 15  GLY 15  15  15  GLY GLY A . n 
A 1 16  VAL 16  16  16  VAL VAL A . n 
A 1 17  LEU 17  17  17  LEU LEU A . n 
A 1 18  ASN 18  18  18  ASN ASN A . n 
A 1 19  TRP 19  19  19  TRP TRP A . n 
A 1 20  GLY 20  20  20  GLY GLY A . n 
A 1 21  SER 21  21  21  SER SER A . n 
A 1 22  TYR 22  22  22  TYR TYR A . n 
A 1 23  SER 23  23  23  SER SER A . n 
A 1 24  GLY 24  24  24  GLY GLY A . n 
A 1 25  GLU 25  25  25  GLU GLU A . n 
A 1 26  GLY 26  26  26  GLY GLY A . n 
A 1 27  ALA 27  27  27  ALA ALA A . n 
A 1 28  LYS 28  28  28  LYS LYS A . n 
A 1 29  VAL 29  29  29  VAL VAL A . n 
A 1 30  SER 30  30  30  SER SER A . n 
A 1 31  THR 31  31  31  THR THR A . n 
A 1 32  LYS 32  32  32  LYS LYS A . n 
A 1 33  ILE 33  33  33  ILE ILE A . n 
A 1 34  VAL 34  34  34  VAL VAL A . n 
A 1 35  SER 35  35  35  SER SER A . n 
A 1 36  GLY 36  36  36  GLY GLY A . n 
A 1 37  LYS 37  37  37  LYS LYS A . n 
A 1 38  THR 38  38  38  THR THR A . n 
A 1 39  GLY 39  39  39  GLY GLY A . n 
A 1 40  ASN 40  40  40  ASN ASN A . n 
A 1 41  GLY 41  41  41  GLY GLY A . n 
A 1 42  MSE 42  42  42  MSE MSE A . n 
A 1 43  GLU 43  43  43  GLU GLU A . n 
A 1 44  VAL 44  44  44  VAL VAL A . n 
A 1 45  SER 45  45  45  SER SER A . n 
A 1 46  TYR 46  46  46  TYR TYR A . n 
A 1 47  THR 47  47  47  THR THR A . n 
A 1 48  GLY 48  48  48  GLY GLY A . n 
A 1 49  THR 49  49  49  THR THR A . n 
A 1 50  THR 50  50  50  THR THR A . n 
A 1 51  ASP 51  51  51  ASP ASP A . n 
A 1 52  GLY 52  52  52  GLY GLY A . n 
A 1 53  TYR 53  53  53  TYR TYR A . n 
A 1 54  TRP 54  54  54  TRP TRP A . n 
A 1 55  GLY 55  55  55  GLY GLY A . n 
A 1 56  THR 56  56  56  THR THR A . n 
A 1 57  VAL 57  57  57  VAL VAL A . n 
A 1 58  TYR 58  58  58  TYR TYR A . n 
A 1 59  SER 59  59  59  SER SER A . n 
A 1 60  LEU 60  60  60  LEU LEU A . n 
A 1 61  PRO 61  61  61  PRO PRO A . n 
A 1 62  ASP 62  62  62  ASP ASP A . n 
A 1 63  GLY 63  63  63  GLY GLY A . n 
A 1 64  ASP 64  64  64  ASP ASP A . n 
A 1 65  TRP 65  65  65  TRP TRP A . n 
A 1 66  SER 66  66  66  SER SER A . n 
A 1 67  LYS 67  67  67  LYS LYS A . n 
A 1 68  TRP 68  68  68  TRP TRP A . n 
A 1 69  LEU 69  69  69  LEU LEU A . n 
A 1 70  LYS 70  70  70  LYS LYS A . n 
A 1 71  ILE 71  71  71  ILE ILE A . n 
A 1 72  SER 72  72  72  SER SER A . n 
A 1 73  PHE 73  73  73  PHE PHE A . n 
A 1 74  ASP 74  74  74  ASP ASP A . n 
A 1 75  ILE 75  75  75  ILE ILE A . n 
A 1 76  LYS 76  76  76  LYS LYS A . n 
A 1 77  SER 77  77  77  SER SER A . n 
A 1 78  VAL 78  78  78  VAL VAL A . n 
A 1 79  ASP 79  79  ?   ?   ?   A . n 
A 1 80  GLY 80  80  ?   ?   ?   A . n 
A 1 81  SER 81  81  ?   ?   ?   A . n 
A 1 82  ALA 82  82  82  ALA ALA A . n 
A 1 83  ASN 83  83  83  ASN ASN A . n 
A 1 84  GLU 84  84  84  GLU GLU A . n 
A 1 85  ILE 85  85  85  ILE ILE A . n 
A 1 86  ARG 86  86  86  ARG ARG A . n 
A 1 87  PHE 87  87  87  PHE PHE A . n 
A 1 88  MSE 88  88  88  MSE MSE A . n 
A 1 89  ILE 89  89  89  ILE ILE A . n 
A 1 90  ALA 90  90  90  ALA ALA A . n 
A 1 91  GLU 91  91  91  GLU GLU A . n 
A 1 92  LYS 92  92  92  LYS LYS A . n 
A 1 93  SER 93  93  93  SER SER A . n 
A 1 94  ILE 94  94  94  ILE ILE A . n 
A 1 95  ASN 95  95  95  ASN ASN A . n 
A 1 96  GLY 96  96  96  GLY GLY A . n 
A 1 97  VAL 97  97  97  VAL VAL A . n 
A 1 98  GLY 98  98  98  GLY GLY A . n 
A 1 99  ASP 99  99  99  ASP ASP A . n 
A 1 100 GLY 100 100 100 GLY GLY A . n 
A 1 101 GLU 101 101 101 GLU GLU A . n 
A 1 102 HIS 102 102 102 HIS HIS A . n 
A 1 103 TRP 103 103 103 TRP TRP A . n 
A 1 104 VAL 104 104 104 VAL VAL A . n 
A 1 105 TYR 105 105 105 TYR TYR A . n 
A 1 106 SER 106 106 106 SER SER A . n 
A 1 107 ILE 107 107 107 ILE ILE A . n 
A 1 108 THR 108 108 108 THR THR A . n 
A 1 109 PRO 109 109 109 PRO PRO A . n 
A 1 110 ASP 110 110 110 ASP ASP A . n 
A 1 111 SER 111 111 111 SER SER A . n 
A 1 112 SER 112 112 112 SER SER A . n 
A 1 113 TRP 113 113 113 TRP TRP A . n 
A 1 114 LYS 114 114 114 LYS LYS A . n 
A 1 115 THR 115 115 115 THR THR A . n 
A 1 116 ILE 116 116 116 ILE ILE A . n 
A 1 117 GLU 117 117 117 GLU GLU A . n 
A 1 118 ILE 118 118 118 ILE ILE A . n 
A 1 119 PRO 119 119 119 PRO PRO A . n 
A 1 120 PHE 120 120 120 PHE PHE A . n 
A 1 121 SER 121 121 121 SER SER A . n 
A 1 122 SER 122 122 122 SER SER A . n 
A 1 123 PHE 123 123 123 PHE PHE A . n 
A 1 124 ARG 124 124 124 ARG ARG A . n 
A 1 125 ARG 125 125 125 ARG ARG A . n 
A 1 126 ARG 126 126 126 ARG ARG A . n 
A 1 127 LEU 127 127 127 LEU LEU A . n 
A 1 128 ASP 128 128 128 ASP ASP A . n 
A 1 129 TYR 129 129 129 TYR TYR A . n 
A 1 130 GLN 130 130 130 GLN GLN A . n 
A 1 131 PRO 131 131 131 PRO PRO A . n 
A 1 132 PRO 132 132 132 PRO PRO A . n 
A 1 133 GLY 133 133 133 GLY GLY A . n 
A 1 134 GLN 134 134 134 GLN GLN A . n 
A 1 135 ASP 135 135 135 ASP ASP A . n 
A 1 136 MSE 136 136 136 MSE MSE A . n 
A 1 137 SER 137 137 137 SER SER A . n 
A 1 138 GLY 138 138 138 GLY GLY A . n 
A 1 139 THR 139 139 139 THR THR A . n 
A 1 140 LEU 140 140 140 LEU LEU A . n 
A 1 141 ASP 141 141 141 ASP ASP A . n 
A 1 142 LEU 142 142 142 LEU LEU A . n 
A 1 143 ASP 143 143 143 ASP ASP A . n 
A 1 144 ASN 144 144 144 ASN ASN A . n 
A 1 145 ILE 145 145 145 ILE ILE A . n 
A 1 146 ASP 146 146 146 ASP ASP A . n 
A 1 147 SER 147 147 147 SER SER A . n 
A 1 148 ILE 148 148 148 ILE ILE A . n 
A 1 149 HIS 149 149 149 HIS HIS A . n 
A 1 150 PHE 150 150 150 PHE PHE A . n 
A 1 151 MSE 151 151 151 MSE MSE A . n 
A 1 152 TYR 152 152 152 TYR TYR A . n 
A 1 153 ALA 153 153 153 ALA ALA A . n 
A 1 154 ASN 154 154 154 ASN ASN A . n 
A 1 155 ASN 155 155 155 ASN ASN A . n 
A 1 156 LYS 156 156 156 LYS LYS A . n 
A 1 157 SER 157 157 157 SER SER A . n 
A 1 158 GLY 158 158 158 GLY GLY A . n 
A 1 159 LYS 159 159 159 LYS LYS A . n 
A 1 160 PHE 160 160 160 PHE PHE A . n 
A 1 161 VAL 161 161 161 VAL VAL A . n 
A 1 162 VAL 162 162 162 VAL VAL A . n 
A 1 163 ASP 163 163 163 ASP ASP A . n 
A 1 164 ASN 164 164 164 ASN ASN A . n 
A 1 165 ILE 165 165 165 ILE ILE A . n 
A 1 166 LYS 166 166 166 LYS LYS A . n 
A 1 167 LEU 167 167 167 LEU LEU A . n 
A 1 168 ILE 168 168 168 ILE ILE A . n 
A 1 169 GLY 169 169 169 GLY GLY A . n 
A 1 170 ALA 170 170 170 ALA ALA A . n 
A 1 171 LEU 171 171 171 LEU LEU A . n 
A 1 172 GLU 172 172 172 GLU GLU A . n 
A 1 173 HIS 173 173 173 HIS HIS A . n 
A 1 174 HIS 174 174 174 HIS HIS A . n 
A 1 175 HIS 175 175 175 HIS HIS A . n 
A 1 176 HIS 176 176 ?   ?   ?   A . n 
A 1 177 HIS 177 177 ?   ?   ?   A . n 
A 1 178 HIS 178 178 ?   ?   ?   A . n 
# 
loop_
_pdbx_nonpoly_scheme.asym_id 
_pdbx_nonpoly_scheme.entity_id 
_pdbx_nonpoly_scheme.mon_id 
_pdbx_nonpoly_scheme.ndb_seq_num 
_pdbx_nonpoly_scheme.pdb_seq_num 
_pdbx_nonpoly_scheme.auth_seq_num 
_pdbx_nonpoly_scheme.pdb_mon_id 
_pdbx_nonpoly_scheme.auth_mon_id 
_pdbx_nonpoly_scheme.pdb_strand_id 
_pdbx_nonpoly_scheme.pdb_ins_code 
B 2 CA  1   1176 1176 CA  CA  A . 
C 2 CA  1   1177 1177 CA  CA  A . 
D 3 SO4 1   1178 1178 SO4 SO4 A . 
E 3 SO4 1   1179 1179 SO4 SO4 A . 
F 4 HOH 1   2001 2001 HOH HOH A . 
F 4 HOH 2   2002 2002 HOH HOH A . 
F 4 HOH 3   2003 2003 HOH HOH A . 
F 4 HOH 4   2004 2004 HOH HOH A . 
F 4 HOH 5   2005 2005 HOH HOH A . 
F 4 HOH 6   2006 2006 HOH HOH A . 
F 4 HOH 7   2007 2007 HOH HOH A . 
F 4 HOH 8   2008 2008 HOH HOH A . 
F 4 HOH 9   2009 2009 HOH HOH A . 
F 4 HOH 10  2010 2010 HOH HOH A . 
F 4 HOH 11  2011 2011 HOH HOH A . 
F 4 HOH 12  2012 2012 HOH HOH A . 
F 4 HOH 13  2013 2013 HOH HOH A . 
F 4 HOH 14  2014 2014 HOH HOH A . 
F 4 HOH 15  2015 2015 HOH HOH A . 
F 4 HOH 16  2016 2016 HOH HOH A . 
F 4 HOH 17  2017 2017 HOH HOH A . 
F 4 HOH 18  2018 2018 HOH HOH A . 
F 4 HOH 19  2019 2019 HOH HOH A . 
F 4 HOH 20  2020 2020 HOH HOH A . 
F 4 HOH 21  2021 2021 HOH HOH A . 
F 4 HOH 22  2022 2022 HOH HOH A . 
F 4 HOH 23  2023 2023 HOH HOH A . 
F 4 HOH 24  2024 2024 HOH HOH A . 
F 4 HOH 25  2025 2025 HOH HOH A . 
F 4 HOH 26  2026 2026 HOH HOH A . 
F 4 HOH 27  2027 2027 HOH HOH A . 
F 4 HOH 28  2028 2028 HOH HOH A . 
F 4 HOH 29  2029 2029 HOH HOH A . 
F 4 HOH 30  2030 2030 HOH HOH A . 
F 4 HOH 31  2031 2031 HOH HOH A . 
F 4 HOH 32  2032 2032 HOH HOH A . 
F 4 HOH 33  2033 2033 HOH HOH A . 
F 4 HOH 34  2034 2034 HOH HOH A . 
F 4 HOH 35  2035 2035 HOH HOH A . 
F 4 HOH 36  2036 2036 HOH HOH A . 
F 4 HOH 37  2037 2037 HOH HOH A . 
F 4 HOH 38  2038 2038 HOH HOH A . 
F 4 HOH 39  2039 2039 HOH HOH A . 
F 4 HOH 40  2040 2040 HOH HOH A . 
F 4 HOH 41  2041 2041 HOH HOH A . 
F 4 HOH 42  2042 2042 HOH HOH A . 
F 4 HOH 43  2043 2043 HOH HOH A . 
F 4 HOH 44  2044 2044 HOH HOH A . 
F 4 HOH 45  2045 2045 HOH HOH A . 
F 4 HOH 46  2046 2046 HOH HOH A . 
F 4 HOH 47  2047 2047 HOH HOH A . 
F 4 HOH 48  2048 2048 HOH HOH A . 
F 4 HOH 49  2049 2049 HOH HOH A . 
F 4 HOH 50  2050 2050 HOH HOH A . 
F 4 HOH 51  2051 2051 HOH HOH A . 
F 4 HOH 52  2052 2052 HOH HOH A . 
F 4 HOH 53  2053 2053 HOH HOH A . 
F 4 HOH 54  2054 2054 HOH HOH A . 
F 4 HOH 55  2055 2055 HOH HOH A . 
F 4 HOH 56  2056 2056 HOH HOH A . 
F 4 HOH 57  2057 2057 HOH HOH A . 
F 4 HOH 58  2058 2058 HOH HOH A . 
F 4 HOH 59  2059 2059 HOH HOH A . 
F 4 HOH 60  2060 2060 HOH HOH A . 
F 4 HOH 61  2061 2061 HOH HOH A . 
F 4 HOH 62  2062 2062 HOH HOH A . 
F 4 HOH 63  2063 2063 HOH HOH A . 
F 4 HOH 64  2064 2064 HOH HOH A . 
F 4 HOH 65  2065 2065 HOH HOH A . 
F 4 HOH 66  2066 2066 HOH HOH A . 
F 4 HOH 67  2067 2067 HOH HOH A . 
F 4 HOH 68  2068 2068 HOH HOH A . 
F 4 HOH 69  2069 2069 HOH HOH A . 
F 4 HOH 70  2070 2070 HOH HOH A . 
F 4 HOH 71  2071 2071 HOH HOH A . 
F 4 HOH 72  2072 2072 HOH HOH A . 
F 4 HOH 73  2073 2073 HOH HOH A . 
F 4 HOH 74  2074 2074 HOH HOH A . 
F 4 HOH 75  2075 2075 HOH HOH A . 
F 4 HOH 76  2076 2076 HOH HOH A . 
F 4 HOH 77  2077 2077 HOH HOH A . 
F 4 HOH 78  2078 2078 HOH HOH A . 
F 4 HOH 79  2079 2079 HOH HOH A . 
F 4 HOH 80  2080 2080 HOH HOH A . 
F 4 HOH 81  2081 2081 HOH HOH A . 
F 4 HOH 82  2082 2082 HOH HOH A . 
F 4 HOH 83  2083 2083 HOH HOH A . 
F 4 HOH 84  2084 2084 HOH HOH A . 
F 4 HOH 85  2085 2085 HOH HOH A . 
F 4 HOH 86  2086 2086 HOH HOH A . 
F 4 HOH 87  2087 2087 HOH HOH A . 
F 4 HOH 88  2088 2088 HOH HOH A . 
F 4 HOH 89  2089 2089 HOH HOH A . 
F 4 HOH 90  2090 2090 HOH HOH A . 
F 4 HOH 91  2091 2091 HOH HOH A . 
F 4 HOH 92  2092 2092 HOH HOH A . 
F 4 HOH 93  2093 2093 HOH HOH A . 
F 4 HOH 94  2094 2094 HOH HOH A . 
F 4 HOH 95  2095 2095 HOH HOH A . 
F 4 HOH 96  2096 2096 HOH HOH A . 
F 4 HOH 97  2097 2097 HOH HOH A . 
F 4 HOH 98  2098 2098 HOH HOH A . 
F 4 HOH 99  2099 2099 HOH HOH A . 
F 4 HOH 100 2100 2100 HOH HOH A . 
F 4 HOH 101 2101 2101 HOH HOH A . 
F 4 HOH 102 2102 2102 HOH HOH A . 
F 4 HOH 103 2103 2103 HOH HOH A . 
F 4 HOH 104 2104 2104 HOH HOH A . 
F 4 HOH 105 2105 2105 HOH HOH A . 
F 4 HOH 106 2106 2106 HOH HOH A . 
F 4 HOH 107 2107 2107 HOH HOH A . 
F 4 HOH 108 2108 2108 HOH HOH A . 
F 4 HOH 109 2109 2109 HOH HOH A . 
F 4 HOH 110 2110 2110 HOH HOH A . 
F 4 HOH 111 2111 2111 HOH HOH A . 
F 4 HOH 112 2112 2112 HOH HOH A . 
F 4 HOH 113 2113 2113 HOH HOH A . 
F 4 HOH 114 2114 2114 HOH HOH A . 
F 4 HOH 115 2115 2115 HOH HOH A . 
F 4 HOH 116 2116 2116 HOH HOH A . 
F 4 HOH 117 2117 2117 HOH HOH A . 
F 4 HOH 118 2118 2118 HOH HOH A . 
F 4 HOH 119 2119 2119 HOH HOH A . 
F 4 HOH 120 2120 2120 HOH HOH A . 
F 4 HOH 121 2121 2121 HOH HOH A . 
F 4 HOH 122 2122 2122 HOH HOH A . 
F 4 HOH 123 2123 2123 HOH HOH A . 
F 4 HOH 124 2124 2124 HOH HOH A . 
F 4 HOH 125 2125 2125 HOH HOH A . 
F 4 HOH 126 2126 2126 HOH HOH A . 
F 4 HOH 127 2127 2127 HOH HOH A . 
F 4 HOH 128 2128 2128 HOH HOH A . 
F 4 HOH 129 2129 2129 HOH HOH A . 
F 4 HOH 130 2130 2130 HOH HOH A . 
F 4 HOH 131 2131 2131 HOH HOH A . 
F 4 HOH 132 2132 2132 HOH HOH A . 
F 4 HOH 133 2133 2133 HOH HOH A . 
F 4 HOH 134 2134 2134 HOH HOH A . 
F 4 HOH 135 2135 2135 HOH HOH A . 
F 4 HOH 136 2136 2136 HOH HOH A . 
F 4 HOH 137 2137 2137 HOH HOH A . 
F 4 HOH 138 2138 2138 HOH HOH A . 
F 4 HOH 139 2139 2139 HOH HOH A . 
F 4 HOH 140 2140 2140 HOH HOH A . 
F 4 HOH 141 2141 2141 HOH HOH A . 
F 4 HOH 142 2142 2142 HOH HOH A . 
F 4 HOH 143 2143 2143 HOH HOH A . 
F 4 HOH 144 2144 2144 HOH HOH A . 
F 4 HOH 145 2145 2145 HOH HOH A . 
F 4 HOH 146 2146 2146 HOH HOH A . 
F 4 HOH 147 2147 2147 HOH HOH A . 
F 4 HOH 148 2148 2148 HOH HOH A . 
F 4 HOH 149 2149 2149 HOH HOH A . 
F 4 HOH 150 2150 2150 HOH HOH A . 
F 4 HOH 151 2151 2151 HOH HOH A . 
F 4 HOH 152 2152 2152 HOH HOH A . 
F 4 HOH 153 2153 2153 HOH HOH A . 
F 4 HOH 154 2154 2154 HOH HOH A . 
F 4 HOH 155 2155 2155 HOH HOH A . 
F 4 HOH 156 2156 2156 HOH HOH A . 
F 4 HOH 157 2157 2157 HOH HOH A . 
F 4 HOH 158 2158 2158 HOH HOH A . 
F 4 HOH 159 2159 2159 HOH HOH A . 
F 4 HOH 160 2160 2160 HOH HOH A . 
F 4 HOH 161 2161 2161 HOH HOH A . 
F 4 HOH 162 2162 2162 HOH HOH A . 
F 4 HOH 163 2163 2163 HOH HOH A . 
F 4 HOH 164 2164 2164 HOH HOH A . 
F 4 HOH 165 2165 2165 HOH HOH A . 
F 4 HOH 166 2166 2166 HOH HOH A . 
F 4 HOH 167 2167 2167 HOH HOH A . 
F 4 HOH 168 2168 2168 HOH HOH A . 
F 4 HOH 169 2169 2169 HOH HOH A . 
F 4 HOH 170 2170 2170 HOH HOH A . 
F 4 HOH 171 2171 2171 HOH HOH A . 
F 4 HOH 172 2172 2172 HOH HOH A . 
F 4 HOH 173 2173 2173 HOH HOH A . 
F 4 HOH 174 2174 2174 HOH HOH A . 
F 4 HOH 175 2175 2175 HOH HOH A . 
F 4 HOH 176 2176 2176 HOH HOH A . 
F 4 HOH 177 2177 2177 HOH HOH A . 
F 4 HOH 178 2178 2178 HOH HOH A . 
F 4 HOH 179 2179 2179 HOH HOH A . 
F 4 HOH 180 2180 2180 HOH HOH A . 
F 4 HOH 181 2181 2181 HOH HOH A . 
F 4 HOH 182 2182 2182 HOH HOH A . 
# 
loop_
_pdbx_unobs_or_zero_occ_atoms.id 
_pdbx_unobs_or_zero_occ_atoms.PDB_model_num 
_pdbx_unobs_or_zero_occ_atoms.polymer_flag 
_pdbx_unobs_or_zero_occ_atoms.occupancy_flag 
_pdbx_unobs_or_zero_occ_atoms.auth_asym_id 
_pdbx_unobs_or_zero_occ_atoms.auth_comp_id 
_pdbx_unobs_or_zero_occ_atoms.auth_seq_id 
_pdbx_unobs_or_zero_occ_atoms.PDB_ins_code 
_pdbx_unobs_or_zero_occ_atoms.auth_atom_id 
_pdbx_unobs_or_zero_occ_atoms.label_alt_id 
_pdbx_unobs_or_zero_occ_atoms.label_asym_id 
_pdbx_unobs_or_zero_occ_atoms.label_comp_id 
_pdbx_unobs_or_zero_occ_atoms.label_seq_id 
_pdbx_unobs_or_zero_occ_atoms.label_atom_id 
1  1 Y 0 A LYS 8   ? NZ  ? A LYS 8   NZ  
2  1 Y 0 A SER 21  ? OG  ? A SER 21  OG  
3  1 Y 0 A LYS 28  ? CD  ? A LYS 28  CD  
4  1 Y 0 A LYS 28  ? CE  ? A LYS 28  CE  
5  1 Y 0 A LYS 28  ? NZ  ? A LYS 28  NZ  
6  1 Y 0 A LYS 37  ? NZ  ? A LYS 37  NZ  
7  1 Y 0 A ASP 51  ? CG  ? A ASP 51  CG  
8  1 Y 0 A ASP 51  ? OD1 ? A ASP 51  OD1 
9  1 Y 0 A ASP 51  ? OD2 ? A ASP 51  OD2 
10 1 Y 0 A ASP 62  ? CG  ? A ASP 62  CG  
11 1 Y 0 A ASP 62  ? OD1 ? A ASP 62  OD1 
12 1 Y 0 A ASP 62  ? OD2 ? A ASP 62  OD2 
13 1 Y 0 A LYS 67  ? NZ  ? A LYS 67  NZ  
14 1 Y 0 A ASN 95  ? OD1 ? A ASN 95  OD1 
15 1 Y 0 A ASN 95  ? ND2 ? A ASN 95  ND2 
16 1 Y 0 A ASP 110 ? OD1 ? A ASP 110 OD1 
17 1 Y 0 A ASP 110 ? OD2 ? A ASP 110 OD2 
18 1 Y 0 A SER 111 ? OG  ? A SER 111 OG  
19 1 Y 0 A LYS 114 ? CD  ? A LYS 114 CD  
20 1 Y 0 A LYS 114 ? CE  ? A LYS 114 CE  
21 1 Y 0 A LYS 114 ? NZ  ? A LYS 114 NZ  
# 
loop_
_software.name 
_software.classification 
_software.version 
_software.citation_id 
_software.pdbx_ordinal 
REFMAC    refinement       5.1.24 ? 1 
DENZO     'data reduction' .      ? 2 
SCALEPACK 'data scaling'   .      ? 3 
# 
_cell.entry_id           1V0A 
_cell.length_a           75.143 
_cell.length_b           50.892 
_cell.length_c           40.868 
_cell.angle_alpha        90.00 
_cell.angle_beta         90.00 
_cell.angle_gamma        90.00 
_cell.Z_PDB              4 
_cell.pdbx_unique_axis   ? 
# 
_symmetry.entry_id                         1V0A 
_symmetry.space_group_name_H-M             'P 21 21 2' 
_symmetry.pdbx_full_space_group_name_H-M   ? 
_symmetry.cell_setting                     ? 
_symmetry.Int_Tables_number                18 
# 
_exptl.entry_id          1V0A 
_exptl.method            'X-RAY DIFFRACTION' 
_exptl.crystals_number   1 
# 
_exptl_crystal.id                    1 
_exptl_crystal.density_meas          ? 
_exptl_crystal.density_Matthews      2 
_exptl_crystal.density_percent_sol   36.5 
_exptl_crystal.description           ? 
# 
_exptl_crystal_grow.crystal_id      1 
_exptl_crystal_grow.method          ? 
_exptl_crystal_grow.temp            ? 
_exptl_crystal_grow.temp_details    ? 
_exptl_crystal_grow.pH              6.00 
_exptl_crystal_grow.pdbx_pH_range   ? 
_exptl_crystal_grow.pdbx_details    'pH 6.00' 
# 
_diffrn.id                     1 
_diffrn.ambient_temp           110.0 
_diffrn.ambient_temp_details   ? 
_diffrn.crystal_id             1 
# 
_diffrn_radiation.diffrn_id                        1 
_diffrn_radiation.wavelength_id                    1 
_diffrn_radiation.pdbx_monochromatic_or_laue_m_l   M 
_diffrn_radiation.monochromator                    ? 
_diffrn_radiation.pdbx_diffrn_protocol             MAD 
_diffrn_radiation.pdbx_scattering_type             x-ray 
# 
loop_
_diffrn_radiation_wavelength.id 
_diffrn_radiation_wavelength.wavelength 
_diffrn_radiation_wavelength.wt 
1 0.981033 1.0 
2 0.981266 1.0 
3 0.976315 1.0 
# 
_diffrn_source.diffrn_id                   1 
_diffrn_source.source                      SYNCHROTRON 
_diffrn_source.type                        'ESRF BEAMLINE BM30A' 
_diffrn_source.pdbx_synchrotron_site       ESRF 
_diffrn_source.pdbx_synchrotron_beamline   BM30A 
_diffrn_source.pdbx_wavelength             ? 
_diffrn_source.pdbx_wavelength_list        '0.981033,0.981266, 0.976315' 
# 
_reflns.pdbx_diffrn_id               1 
_reflns.pdbx_ordinal                 1 
_reflns.entry_id                     1V0A 
_reflns.observed_criterion_sigma_I   ? 
_reflns.observed_criterion_sigma_F   ? 
_reflns.d_resolution_low             24.299 
_reflns.d_resolution_high            1.977 
_reflns.number_obs                   11449 
_reflns.number_all                   ? 
_reflns.percent_possible_obs         99.5 
_reflns.pdbx_Rmerge_I_obs            0.05900 
_reflns.pdbx_Rsym_value              ? 
_reflns.pdbx_netI_over_sigmaI        30.3000 
_reflns.B_iso_Wilson_estimate        ? 
_reflns.pdbx_redundancy              1.840 
# 
_reflns_shell.pdbx_diffrn_id         1 
_reflns_shell.pdbx_ordinal           1 
_reflns_shell.d_res_high             1.98 
_reflns_shell.d_res_low              2.02 
_reflns_shell.percent_possible_all   99.3 
_reflns_shell.Rmerge_I_obs           0.09900 
_reflns_shell.pdbx_Rsym_value        ? 
_reflns_shell.meanI_over_sigI_obs    8.400 
_reflns_shell.pdbx_redundancy        ? 
# 
_refine.pdbx_refine_id                           'X-RAY DIFFRACTION' 
_refine.entry_id                                 1V0A 
_refine.pdbx_diffrn_id                           1 
_refine.pdbx_TLS_residual_ADP_flag               ? 
_refine.ls_number_reflns_obs                     10598 
_refine.ls_number_reflns_all                     ? 
_refine.pdbx_ls_sigma_I                          ? 
_refine.pdbx_ls_sigma_F                          ? 
_refine.pdbx_data_cutoff_high_absF               ? 
_refine.pdbx_data_cutoff_low_absF                ? 
_refine.pdbx_data_cutoff_high_rms_absF           ? 
_refine.ls_d_res_low                             19.00 
_refine.ls_d_res_high                            1.98 
_refine.ls_percent_reflns_obs                    97.2 
_refine.ls_R_factor_obs                          0.195 
_refine.ls_R_factor_all                          ? 
_refine.ls_R_factor_R_work                       0.193 
_refine.ls_R_factor_R_free                       0.232 
_refine.ls_R_factor_R_free_error                 ? 
_refine.ls_R_factor_R_free_error_details         ? 
_refine.ls_percent_reflns_R_free                 4.800 
_refine.ls_number_reflns_R_free                  535 
_refine.ls_number_parameters                     ? 
_refine.ls_number_restraints                     ? 
_refine.occupancy_min                            ? 
_refine.occupancy_max                            ? 
_refine.correlation_coeff_Fo_to_Fc               0.937 
_refine.correlation_coeff_Fo_to_Fc_free          0.902 
_refine.B_iso_mean                               17.60 
_refine.aniso_B[1][1]                            -0.58000 
_refine.aniso_B[2][2]                            0.35000 
_refine.aniso_B[3][3]                            0.23000 
_refine.aniso_B[1][2]                            0.00000 
_refine.aniso_B[1][3]                            0.00000 
_refine.aniso_B[2][3]                            0.00000 
_refine.solvent_model_details                    'BABINET MODEL WITH MASK' 
_refine.solvent_model_param_ksol                 ? 
_refine.solvent_model_param_bsol                 ? 
_refine.pdbx_solvent_vdw_probe_radii             1.40 
_refine.pdbx_solvent_ion_probe_radii             0.80 
_refine.pdbx_solvent_shrinkage_radii             0.80 
_refine.pdbx_ls_cross_valid_method               THROUGHOUT 
_refine.details                                  ? 
_refine.pdbx_starting_model                      ? 
_refine.pdbx_method_to_determine_struct          MAD 
_refine.pdbx_isotropic_thermal_model             ? 
_refine.pdbx_stereochemistry_target_values       'MAXIMUM LIKELIHOOD' 
_refine.pdbx_stereochem_target_val_spec_case     ? 
_refine.pdbx_R_Free_selection_details            RANDOM 
_refine.pdbx_overall_ESU_R                       0.225 
_refine.pdbx_overall_ESU_R_Free                  0.177 
_refine.overall_SU_ML                            0.113 
_refine.pdbx_overall_phase_error                 ? 
_refine.overall_SU_B                             3.961 
_refine.overall_SU_R_Cruickshank_DPI             ? 
_refine.pdbx_overall_SU_R_free_Cruickshank_DPI   ? 
_refine.pdbx_overall_SU_R_Blow_DPI               ? 
_refine.pdbx_overall_SU_R_free_Blow_DPI          ? 
# 
_refine_hist.pdbx_refine_id                   'X-RAY DIFFRACTION' 
_refine_hist.cycle_id                         LAST 
_refine_hist.pdbx_number_atoms_protein        1333 
_refine_hist.pdbx_number_atoms_nucleic_acid   0 
_refine_hist.pdbx_number_atoms_ligand         12 
_refine_hist.number_atoms_solvent             182 
_refine_hist.number_atoms_total               1527 
_refine_hist.d_res_high                       1.98 
_refine_hist.d_res_low                        19.00 
# 
loop_
_refine_ls_restr.type 
_refine_ls_restr.dev_ideal 
_refine_ls_restr.dev_ideal_target 
_refine_ls_restr.weight 
_refine_ls_restr.number 
_refine_ls_restr.pdbx_refine_id 
_refine_ls_restr.pdbx_restraint_function 
r_bond_refined_d             0.005 0.021 ? 1354 'X-RAY DIFFRACTION' ? 
r_bond_other_d               ?     ?     ? ?    'X-RAY DIFFRACTION' ? 
r_angle_refined_deg          0.829 1.926 ? 1835 'X-RAY DIFFRACTION' ? 
r_angle_other_deg            ?     ?     ? ?    'X-RAY DIFFRACTION' ? 
r_dihedral_angle_1_deg       5.721 5.000 ? 168  'X-RAY DIFFRACTION' ? 
r_dihedral_angle_2_deg       ?     ?     ? ?    'X-RAY DIFFRACTION' ? 
r_dihedral_angle_3_deg       ?     ?     ? ?    'X-RAY DIFFRACTION' ? 
r_dihedral_angle_4_deg       ?     ?     ? ?    'X-RAY DIFFRACTION' ? 
r_chiral_restr               0.057 0.200 ? 193  'X-RAY DIFFRACTION' ? 
r_gen_planes_refined         0.002 0.020 ? 1023 'X-RAY DIFFRACTION' ? 
r_gen_planes_other           ?     ?     ? ?    'X-RAY DIFFRACTION' ? 
r_nbd_refined                0.158 0.200 ? 575  'X-RAY DIFFRACTION' ? 
r_nbd_other                  ?     ?     ? ?    'X-RAY DIFFRACTION' ? 
r_nbtor_refined              ?     ?     ? ?    'X-RAY DIFFRACTION' ? 
r_nbtor_other                ?     ?     ? ?    'X-RAY DIFFRACTION' ? 
r_xyhbond_nbd_refined        0.071 0.200 ? 145  'X-RAY DIFFRACTION' ? 
r_xyhbond_nbd_other          ?     ?     ? ?    'X-RAY DIFFRACTION' ? 
r_metal_ion_refined          0.046 0.200 ? 6    'X-RAY DIFFRACTION' ? 
r_metal_ion_other            ?     ?     ? ?    'X-RAY DIFFRACTION' ? 
r_symmetry_vdw_refined       0.094 0.200 ? 33   'X-RAY DIFFRACTION' ? 
r_symmetry_vdw_other         ?     ?     ? ?    'X-RAY DIFFRACTION' ? 
r_symmetry_hbond_refined     0.070 0.200 ? 19   'X-RAY DIFFRACTION' ? 
r_symmetry_hbond_other       ?     ?     ? ?    'X-RAY DIFFRACTION' ? 
r_symmetry_metal_ion_refined ?     ?     ? ?    'X-RAY DIFFRACTION' ? 
r_symmetry_metal_ion_other   ?     ?     ? ?    'X-RAY DIFFRACTION' ? 
r_mcbond_it                  0.244 1.500 ? 834  'X-RAY DIFFRACTION' ? 
r_mcbond_other               ?     ?     ? ?    'X-RAY DIFFRACTION' ? 
r_mcangle_it                 0.476 2.000 ? 1335 'X-RAY DIFFRACTION' ? 
r_mcangle_other              ?     ?     ? ?    'X-RAY DIFFRACTION' ? 
r_scbond_it                  0.875 3.000 ? 520  'X-RAY DIFFRACTION' ? 
r_scbond_other               ?     ?     ? ?    'X-RAY DIFFRACTION' ? 
r_scangle_it                 1.258 4.500 ? 500  'X-RAY DIFFRACTION' ? 
r_scangle_other              ?     ?     ? ?    'X-RAY DIFFRACTION' ? 
r_long_range_B_refined       ?     ?     ? ?    'X-RAY DIFFRACTION' ? 
r_long_range_B_other         ?     ?     ? ?    'X-RAY DIFFRACTION' ? 
r_rigid_bond_restr           ?     ?     ? ?    'X-RAY DIFFRACTION' ? 
r_sphericity_free            ?     ?     ? ?    'X-RAY DIFFRACTION' ? 
r_sphericity_bonded          ?     ?     ? ?    'X-RAY DIFFRACTION' ? 
# 
_refine_ls_shell.pdbx_refine_id                   'X-RAY DIFFRACTION' 
_refine_ls_shell.pdbx_total_number_of_bins_used   20 
_refine_ls_shell.d_res_high                       1.98 
_refine_ls_shell.d_res_low                        2.03 
_refine_ls_shell.number_reflns_R_work             712 
_refine_ls_shell.R_factor_R_work                  0.1940 
_refine_ls_shell.percent_reflns_obs               ? 
_refine_ls_shell.R_factor_R_free                  0.2410 
_refine_ls_shell.R_factor_R_free_error            ? 
_refine_ls_shell.percent_reflns_R_free            ? 
_refine_ls_shell.number_reflns_R_free             40 
_refine_ls_shell.number_reflns_all                ? 
_refine_ls_shell.R_factor_all                     ? 
# 
_struct.entry_id                  1V0A 
_struct.title                     
'Family 11 Carbohydrate-Binding Module of cellulosomal cellulase Lic26A-Cel5E of Clostridium thermocellum' 
_struct.pdbx_model_details        ? 
_struct.pdbx_CASP_flag            ? 
_struct.pdbx_model_type_details   ? 
# 
_struct_keywords.entry_id        1V0A 
_struct_keywords.pdbx_keywords   HYDROLASE 
_struct_keywords.text            
'CARBOHYDRATE BINDING MODULE, CELLULOSOME, CLOSTRIDIUM THERMOCELLUM, CELLULOSE DEGRADATION, HYDROLASE, GLYCOSIDASE' 
# 
loop_
_struct_asym.id 
_struct_asym.pdbx_blank_PDB_chainid_flag 
_struct_asym.pdbx_modified 
_struct_asym.entity_id 
_struct_asym.details 
A N N 1 ? 
B N N 2 ? 
C N N 2 ? 
D N N 3 ? 
E N N 3 ? 
F N N 4 ? 
# 
loop_
_struct_ref.id 
_struct_ref.db_name 
_struct_ref.db_code 
_struct_ref.entity_id 
_struct_ref.pdbx_seq_one_letter_code 
_struct_ref.pdbx_align_begin 
_struct_ref.pdbx_db_accession 
_struct_ref.pdbx_db_isoform 
1 PDB 1V0A       1 ? ? 1V0A   ? 
2 UNP GUNH_CLOTM 1 ? ? P16218 ? 
# 
loop_
_struct_ref_seq.align_id 
_struct_ref_seq.ref_id 
_struct_ref_seq.pdbx_PDB_id_code 
_struct_ref_seq.pdbx_strand_id 
_struct_ref_seq.seq_align_beg 
_struct_ref_seq.pdbx_seq_align_beg_ins_code 
_struct_ref_seq.seq_align_end 
_struct_ref_seq.pdbx_seq_align_end_ins_code 
_struct_ref_seq.pdbx_db_accession 
_struct_ref_seq.db_align_beg 
_struct_ref_seq.pdbx_db_align_beg_ins_code 
_struct_ref_seq.db_align_end 
_struct_ref_seq.pdbx_db_align_end_ins_code 
_struct_ref_seq.pdbx_auth_seq_align_beg 
_struct_ref_seq.pdbx_auth_seq_align_end 
1 1 1V0A A 1   ? 3   ? 1V0A   1   ? 3   ? 1   3   
2 2 1V0A A 4   ? 170 ? P16218 655 ? 821 ? 4   170 
3 1 1V0A A 171 ? 178 ? 1V0A   171 ? 178 ? 171 178 
# 
_pdbx_struct_assembly.id                   1 
_pdbx_struct_assembly.details              author_and_software_defined_assembly 
_pdbx_struct_assembly.method_details       PQS 
_pdbx_struct_assembly.oligomeric_details   monomeric 
_pdbx_struct_assembly.oligomeric_count     1 
# 
_pdbx_struct_assembly_gen.assembly_id       1 
_pdbx_struct_assembly_gen.oper_expression   1 
_pdbx_struct_assembly_gen.asym_id_list      A,B,C,D,E,F 
# 
_pdbx_struct_oper_list.id                   1 
_pdbx_struct_oper_list.type                 'identity operation' 
_pdbx_struct_oper_list.name                 1_555 
_pdbx_struct_oper_list.symmetry_operation   x,y,z 
_pdbx_struct_oper_list.matrix[1][1]         1.0000000000 
_pdbx_struct_oper_list.matrix[1][2]         0.0000000000 
_pdbx_struct_oper_list.matrix[1][3]         0.0000000000 
_pdbx_struct_oper_list.vector[1]            0.0000000000 
_pdbx_struct_oper_list.matrix[2][1]         0.0000000000 
_pdbx_struct_oper_list.matrix[2][2]         1.0000000000 
_pdbx_struct_oper_list.matrix[2][3]         0.0000000000 
_pdbx_struct_oper_list.vector[2]            0.0000000000 
_pdbx_struct_oper_list.matrix[3][1]         0.0000000000 
_pdbx_struct_oper_list.matrix[3][2]         0.0000000000 
_pdbx_struct_oper_list.matrix[3][3]         1.0000000000 
_pdbx_struct_oper_list.vector[3]            0.0000000000 
# 
_struct_biol.id   1 
# 
_struct_conf.conf_type_id            HELX_P 
_struct_conf.id                      HELX_P1 
_struct_conf.pdbx_PDB_helix_id       1 
_struct_conf.beg_label_comp_id       SER 
_struct_conf.beg_label_asym_id       A 
_struct_conf.beg_label_seq_id        121 
_struct_conf.pdbx_beg_PDB_ins_code   ? 
_struct_conf.end_label_comp_id       PHE 
_struct_conf.end_label_asym_id       A 
_struct_conf.end_label_seq_id        123 
_struct_conf.pdbx_end_PDB_ins_code   ? 
_struct_conf.beg_auth_comp_id        SER 
_struct_conf.beg_auth_asym_id        A 
_struct_conf.beg_auth_seq_id         121 
_struct_conf.end_auth_comp_id        PHE 
_struct_conf.end_auth_asym_id        A 
_struct_conf.end_auth_seq_id         123 
_struct_conf.pdbx_PDB_helix_class    5 
_struct_conf.details                 ? 
_struct_conf.pdbx_PDB_helix_length   3 
# 
_struct_conf_type.id          HELX_P 
_struct_conf_type.criteria    ? 
_struct_conf_type.reference   ? 
# 
loop_
_struct_conn.id 
_struct_conn.conn_type_id 
_struct_conn.pdbx_leaving_atom_flag 
_struct_conn.pdbx_PDB_id 
_struct_conn.ptnr1_label_asym_id 
_struct_conn.ptnr1_label_comp_id 
_struct_conn.ptnr1_label_seq_id 
_struct_conn.ptnr1_label_atom_id 
_struct_conn.pdbx_ptnr1_label_alt_id 
_struct_conn.pdbx_ptnr1_PDB_ins_code 
_struct_conn.pdbx_ptnr1_standard_comp_id 
_struct_conn.ptnr1_symmetry 
_struct_conn.ptnr2_label_asym_id 
_struct_conn.ptnr2_label_comp_id 
_struct_conn.ptnr2_label_seq_id 
_struct_conn.ptnr2_label_atom_id 
_struct_conn.pdbx_ptnr2_label_alt_id 
_struct_conn.pdbx_ptnr2_PDB_ins_code 
_struct_conn.ptnr1_auth_asym_id 
_struct_conn.ptnr1_auth_comp_id 
_struct_conn.ptnr1_auth_seq_id 
_struct_conn.ptnr2_auth_asym_id 
_struct_conn.ptnr2_auth_comp_id 
_struct_conn.ptnr2_auth_seq_id 
_struct_conn.ptnr2_symmetry 
_struct_conn.pdbx_ptnr3_label_atom_id 
_struct_conn.pdbx_ptnr3_label_seq_id 
_struct_conn.pdbx_ptnr3_label_comp_id 
_struct_conn.pdbx_ptnr3_label_asym_id 
_struct_conn.pdbx_ptnr3_label_alt_id 
_struct_conn.pdbx_ptnr3_PDB_ins_code 
_struct_conn.details 
_struct_conn.pdbx_dist_value 
_struct_conn.pdbx_value_order 
_struct_conn.pdbx_role 
covale1  covale both ? A LYS 8   C   ? ? ? 1_555 A MSE 9   N  ? ? A LYS 8    A MSE 9    1_555 ? ? ? ? ? ? ? 1.332 ? ? 
covale2  covale both ? A MSE 9   C   ? ? ? 1_555 A LEU 10  N  ? ? A MSE 9    A LEU 10   1_555 ? ? ? ? ? ? ? 1.331 ? ? 
covale3  covale both ? A GLY 41  C   ? ? ? 1_555 A MSE 42  N  ? ? A GLY 41   A MSE 42   1_555 ? ? ? ? ? ? ? 1.330 ? ? 
covale4  covale both ? A MSE 42  C   ? ? ? 1_555 A GLU 43  N  ? ? A MSE 42   A GLU 43   1_555 ? ? ? ? ? ? ? 1.332 ? ? 
covale5  covale both ? A PHE 87  C   ? ? ? 1_555 A MSE 88  N  ? ? A PHE 87   A MSE 88   1_555 ? ? ? ? ? ? ? 1.328 ? ? 
covale6  covale both ? A MSE 88  C   ? ? ? 1_555 A ILE 89  N  ? ? A MSE 88   A ILE 89   1_555 ? ? ? ? ? ? ? 1.331 ? ? 
covale7  covale both ? A ASP 135 C   ? ? ? 1_555 A MSE 136 N  ? ? A ASP 135  A MSE 136  1_555 ? ? ? ? ? ? ? 1.334 ? ? 
covale8  covale both ? A MSE 136 C   ? ? ? 1_555 A SER 137 N  ? ? A MSE 136  A SER 137  1_555 ? ? ? ? ? ? ? 1.332 ? ? 
covale9  covale both ? A PHE 150 C   ? ? ? 1_555 A MSE 151 N  ? ? A PHE 150  A MSE 151  1_555 ? ? ? ? ? ? ? 1.331 ? ? 
covale10 covale both ? A MSE 151 C   ? ? ? 1_555 A TYR 152 N  ? ? A MSE 151  A TYR 152  1_555 ? ? ? ? ? ? ? 1.334 ? ? 
metalc1  metalc ?    ? A ASP 12  O   ? ? ? 1_555 C CA  .   CA ? ? A ASP 12   A CA  1177 1_555 ? ? ? ? ? ? ? 2.448 ? ? 
metalc2  metalc ?    ? A GLU 14  OE1 ? ? ? 1_555 C CA  .   CA ? ? A GLU 14   A CA  1177 1_555 ? ? ? ? ? ? ? 2.401 ? ? 
metalc3  metalc ?    ? A THR 38  O   ? ? ? 1_555 C CA  .   CA ? ? A THR 38   A CA  1177 1_555 ? ? ? ? ? ? ? 2.407 ? ? 
metalc4  metalc ?    ? A ASN 40  O   ? ? ? 1_555 C CA  .   CA ? ? A ASN 40   A CA  1177 1_555 ? ? ? ? ? ? ? 2.327 ? ? 
metalc5  metalc ?    ? A GLU 91  OE2 ? ? ? 1_555 B CA  .   CA ? ? A GLU 91   A CA  1176 1_555 ? ? ? ? ? ? ? 2.591 ? ? 
metalc6  metalc ?    ? A GLU 91  OE1 ? ? ? 1_555 B CA  .   CA ? ? A GLU 91   A CA  1176 1_555 ? ? ? ? ? ? ? 2.504 ? ? 
metalc7  metalc ?    ? A GLU 101 OE1 ? ? ? 1_555 B CA  .   CA ? ? A GLU 101  A CA  1176 1_555 ? ? ? ? ? ? ? 2.370 ? ? 
metalc8  metalc ?    ? A ASP 135 OD2 ? ? ? 1_555 B CA  .   CA ? ? A ASP 135  A CA  1176 1_555 ? ? ? ? ? ? ? 2.532 ? ? 
metalc9  metalc ?    ? A ASP 135 OD1 ? ? ? 1_555 B CA  .   CA ? ? A ASP 135  A CA  1176 1_555 ? ? ? ? ? ? ? 2.739 ? ? 
metalc10 metalc ?    ? A SER 137 OG  ? ? ? 1_555 B CA  .   CA ? ? A SER 137  A CA  1176 1_555 ? ? ? ? ? ? ? 2.426 ? ? 
metalc11 metalc ?    ? A THR 139 O   ? ? ? 1_555 B CA  .   CA ? ? A THR 139  A CA  1176 1_555 ? ? ? ? ? ? ? 2.424 ? ? 
metalc12 metalc ?    ? A ASP 141 OD2 ? ? ? 1_555 B CA  .   CA ? ? A ASP 141  A CA  1176 1_555 ? ? ? ? ? ? ? 2.407 ? ? 
metalc13 metalc ?    ? A ASP 163 OD1 ? ? ? 1_555 C CA  .   CA ? ? A ASP 163  A CA  1177 1_555 ? ? ? ? ? ? ? 2.502 ? ? 
metalc14 metalc ?    ? A ASP 163 OD2 ? ? ? 1_555 C CA  .   CA ? ? A ASP 163  A CA  1177 1_555 ? ? ? ? ? ? ? 2.602 ? ? 
metalc15 metalc ?    ? C CA  .   CA  ? ? ? 1_555 F HOH .   O  ? ? A CA  1177 A HOH 2174 1_555 ? ? ? ? ? ? ? 2.394 ? ? 
# 
loop_
_struct_conn_type.id 
_struct_conn_type.criteria 
_struct_conn_type.reference 
covale ? ? 
metalc ? ? 
# 
loop_
_pdbx_struct_conn_angle.id 
_pdbx_struct_conn_angle.ptnr1_label_atom_id 
_pdbx_struct_conn_angle.ptnr1_label_alt_id 
_pdbx_struct_conn_angle.ptnr1_label_asym_id 
_pdbx_struct_conn_angle.ptnr1_label_comp_id 
_pdbx_struct_conn_angle.ptnr1_label_seq_id 
_pdbx_struct_conn_angle.ptnr1_auth_atom_id 
_pdbx_struct_conn_angle.ptnr1_auth_asym_id 
_pdbx_struct_conn_angle.ptnr1_auth_comp_id 
_pdbx_struct_conn_angle.ptnr1_auth_seq_id 
_pdbx_struct_conn_angle.ptnr1_PDB_ins_code 
_pdbx_struct_conn_angle.ptnr1_symmetry 
_pdbx_struct_conn_angle.ptnr2_label_atom_id 
_pdbx_struct_conn_angle.ptnr2_label_alt_id 
_pdbx_struct_conn_angle.ptnr2_label_asym_id 
_pdbx_struct_conn_angle.ptnr2_label_comp_id 
_pdbx_struct_conn_angle.ptnr2_label_seq_id 
_pdbx_struct_conn_angle.ptnr2_auth_atom_id 
_pdbx_struct_conn_angle.ptnr2_auth_asym_id 
_pdbx_struct_conn_angle.ptnr2_auth_comp_id 
_pdbx_struct_conn_angle.ptnr2_auth_seq_id 
_pdbx_struct_conn_angle.ptnr2_PDB_ins_code 
_pdbx_struct_conn_angle.ptnr2_symmetry 
_pdbx_struct_conn_angle.ptnr3_label_atom_id 
_pdbx_struct_conn_angle.ptnr3_label_alt_id 
_pdbx_struct_conn_angle.ptnr3_label_asym_id 
_pdbx_struct_conn_angle.ptnr3_label_comp_id 
_pdbx_struct_conn_angle.ptnr3_label_seq_id 
_pdbx_struct_conn_angle.ptnr3_auth_atom_id 
_pdbx_struct_conn_angle.ptnr3_auth_asym_id 
_pdbx_struct_conn_angle.ptnr3_auth_comp_id 
_pdbx_struct_conn_angle.ptnr3_auth_seq_id 
_pdbx_struct_conn_angle.ptnr3_PDB_ins_code 
_pdbx_struct_conn_angle.ptnr3_symmetry 
_pdbx_struct_conn_angle.value 
_pdbx_struct_conn_angle.value_esd 
1  O   ? A ASP 12  ? A ASP 12  ? 1_555 CA ? C CA . ? A CA 1177 ? 1_555 OE1 ? A GLU 14  ? A GLU 14   ? 1_555 81.7  ? 
2  O   ? A ASP 12  ? A ASP 12  ? 1_555 CA ? C CA . ? A CA 1177 ? 1_555 O   ? A THR 38  ? A THR 38   ? 1_555 156.4 ? 
3  OE1 ? A GLU 14  ? A GLU 14  ? 1_555 CA ? C CA . ? A CA 1177 ? 1_555 O   ? A THR 38  ? A THR 38   ? 1_555 74.7  ? 
4  O   ? A ASP 12  ? A ASP 12  ? 1_555 CA ? C CA . ? A CA 1177 ? 1_555 O   ? A ASN 40  ? A ASN 40   ? 1_555 87.4  ? 
5  OE1 ? A GLU 14  ? A GLU 14  ? 1_555 CA ? C CA . ? A CA 1177 ? 1_555 O   ? A ASN 40  ? A ASN 40   ? 1_555 96.1  ? 
6  O   ? A THR 38  ? A THR 38  ? 1_555 CA ? C CA . ? A CA 1177 ? 1_555 O   ? A ASN 40  ? A ASN 40   ? 1_555 93.8  ? 
7  O   ? A ASP 12  ? A ASP 12  ? 1_555 CA ? C CA . ? A CA 1177 ? 1_555 OD1 ? A ASP 163 ? A ASP 163  ? 1_555 78.8  ? 
8  OE1 ? A GLU 14  ? A GLU 14  ? 1_555 CA ? C CA . ? A CA 1177 ? 1_555 OD1 ? A ASP 163 ? A ASP 163  ? 1_555 160.3 ? 
9  O   ? A THR 38  ? A THR 38  ? 1_555 CA ? C CA . ? A CA 1177 ? 1_555 OD1 ? A ASP 163 ? A ASP 163  ? 1_555 124.9 ? 
10 O   ? A ASN 40  ? A ASN 40  ? 1_555 CA ? C CA . ? A CA 1177 ? 1_555 OD1 ? A ASP 163 ? A ASP 163  ? 1_555 85.7  ? 
11 O   ? A ASP 12  ? A ASP 12  ? 1_555 CA ? C CA . ? A CA 1177 ? 1_555 OD2 ? A ASP 163 ? A ASP 163  ? 1_555 127.2 ? 
12 OE1 ? A GLU 14  ? A GLU 14  ? 1_555 CA ? C CA . ? A CA 1177 ? 1_555 OD2 ? A ASP 163 ? A ASP 163  ? 1_555 150.0 ? 
13 O   ? A THR 38  ? A THR 38  ? 1_555 CA ? C CA . ? A CA 1177 ? 1_555 OD2 ? A ASP 163 ? A ASP 163  ? 1_555 76.0  ? 
14 O   ? A ASN 40  ? A ASN 40  ? 1_555 CA ? C CA . ? A CA 1177 ? 1_555 OD2 ? A ASP 163 ? A ASP 163  ? 1_555 79.5  ? 
15 OD1 ? A ASP 163 ? A ASP 163 ? 1_555 CA ? C CA . ? A CA 1177 ? 1_555 OD2 ? A ASP 163 ? A ASP 163  ? 1_555 49.6  ? 
16 O   ? A ASP 12  ? A ASP 12  ? 1_555 CA ? C CA . ? A CA 1177 ? 1_555 O   ? F HOH .   ? A HOH 2174 ? 1_555 97.8  ? 
17 OE1 ? A GLU 14  ? A GLU 14  ? 1_555 CA ? C CA . ? A CA 1177 ? 1_555 O   ? F HOH .   ? A HOH 2174 ? 1_555 89.9  ? 
18 O   ? A THR 38  ? A THR 38  ? 1_555 CA ? C CA . ? A CA 1177 ? 1_555 O   ? F HOH .   ? A HOH 2174 ? 1_555 83.5  ? 
19 O   ? A ASN 40  ? A ASN 40  ? 1_555 CA ? C CA . ? A CA 1177 ? 1_555 O   ? F HOH .   ? A HOH 2174 ? 1_555 172.5 ? 
20 OD1 ? A ASP 163 ? A ASP 163 ? 1_555 CA ? C CA . ? A CA 1177 ? 1_555 O   ? F HOH .   ? A HOH 2174 ? 1_555 90.1  ? 
21 OD2 ? A ASP 163 ? A ASP 163 ? 1_555 CA ? C CA . ? A CA 1177 ? 1_555 O   ? F HOH .   ? A HOH 2174 ? 1_555 93.1  ? 
22 OE2 ? A GLU 91  ? A GLU 91  ? 1_555 CA ? B CA . ? A CA 1176 ? 1_555 OE1 ? A GLU 91  ? A GLU 91   ? 1_555 50.9  ? 
23 OE2 ? A GLU 91  ? A GLU 91  ? 1_555 CA ? B CA . ? A CA 1176 ? 1_555 OE1 ? A GLU 101 ? A GLU 101  ? 1_555 88.5  ? 
24 OE1 ? A GLU 91  ? A GLU 91  ? 1_555 CA ? B CA . ? A CA 1176 ? 1_555 OE1 ? A GLU 101 ? A GLU 101  ? 1_555 98.9  ? 
25 OE2 ? A GLU 91  ? A GLU 91  ? 1_555 CA ? B CA . ? A CA 1176 ? 1_555 OD2 ? A ASP 135 ? A ASP 135  ? 1_555 124.3 ? 
26 OE1 ? A GLU 91  ? A GLU 91  ? 1_555 CA ? B CA . ? A CA 1176 ? 1_555 OD2 ? A ASP 135 ? A ASP 135  ? 1_555 77.3  ? 
27 OE1 ? A GLU 101 ? A GLU 101 ? 1_555 CA ? B CA . ? A CA 1176 ? 1_555 OD2 ? A ASP 135 ? A ASP 135  ? 1_555 122.1 ? 
28 OE2 ? A GLU 91  ? A GLU 91  ? 1_555 CA ? B CA . ? A CA 1176 ? 1_555 OD1 ? A ASP 135 ? A ASP 135  ? 1_555 125.8 ? 
29 OE1 ? A GLU 91  ? A GLU 91  ? 1_555 CA ? B CA . ? A CA 1176 ? 1_555 OD1 ? A ASP 135 ? A ASP 135  ? 1_555 81.0  ? 
30 OE1 ? A GLU 101 ? A GLU 101 ? 1_555 CA ? B CA . ? A CA 1176 ? 1_555 OD1 ? A ASP 135 ? A ASP 135  ? 1_555 74.4  ? 
31 OD2 ? A ASP 135 ? A ASP 135 ? 1_555 CA ? B CA . ? A CA 1176 ? 1_555 OD1 ? A ASP 135 ? A ASP 135  ? 1_555 47.8  ? 
32 OE2 ? A GLU 91  ? A GLU 91  ? 1_555 CA ? B CA . ? A CA 1176 ? 1_555 OG  ? A SER 137 ? A SER 137  ? 1_555 151.8 ? 
33 OE1 ? A GLU 91  ? A GLU 91  ? 1_555 CA ? B CA . ? A CA 1176 ? 1_555 OG  ? A SER 137 ? A SER 137  ? 1_555 155.3 ? 
34 OE1 ? A GLU 101 ? A GLU 101 ? 1_555 CA ? B CA . ? A CA 1176 ? 1_555 OG  ? A SER 137 ? A SER 137  ? 1_555 92.9  ? 
35 OD2 ? A ASP 135 ? A ASP 135 ? 1_555 CA ? B CA . ? A CA 1176 ? 1_555 OG  ? A SER 137 ? A SER 137  ? 1_555 78.1  ? 
36 OD1 ? A ASP 135 ? A ASP 135 ? 1_555 CA ? B CA . ? A CA 1176 ? 1_555 OG  ? A SER 137 ? A SER 137  ? 1_555 81.3  ? 
37 OE2 ? A GLU 91  ? A GLU 91  ? 1_555 CA ? B CA . ? A CA 1176 ? 1_555 O   ? A THR 139 ? A THR 139  ? 1_555 71.1  ? 
38 OE1 ? A GLU 91  ? A GLU 91  ? 1_555 CA ? B CA . ? A CA 1176 ? 1_555 O   ? A THR 139 ? A THR 139  ? 1_555 121.5 ? 
39 OE1 ? A GLU 101 ? A GLU 101 ? 1_555 CA ? B CA . ? A CA 1176 ? 1_555 O   ? A THR 139 ? A THR 139  ? 1_555 85.0  ? 
40 OD2 ? A ASP 135 ? A ASP 135 ? 1_555 CA ? B CA . ? A CA 1176 ? 1_555 O   ? A THR 139 ? A THR 139  ? 1_555 146.1 ? 
41 OD1 ? A ASP 135 ? A ASP 135 ? 1_555 CA ? B CA . ? A CA 1176 ? 1_555 O   ? A THR 139 ? A THR 139  ? 1_555 152.0 ? 
42 OG  ? A SER 137 ? A SER 137 ? 1_555 CA ? B CA . ? A CA 1176 ? 1_555 O   ? A THR 139 ? A THR 139  ? 1_555 80.9  ? 
43 OE2 ? A GLU 91  ? A GLU 91  ? 1_555 CA ? B CA . ? A CA 1176 ? 1_555 OD2 ? A ASP 141 ? A ASP 141  ? 1_555 84.6  ? 
44 OE1 ? A GLU 91  ? A GLU 91  ? 1_555 CA ? B CA . ? A CA 1176 ? 1_555 OD2 ? A ASP 141 ? A ASP 141  ? 1_555 87.7  ? 
45 OE1 ? A GLU 101 ? A GLU 101 ? 1_555 CA ? B CA . ? A CA 1176 ? 1_555 OD2 ? A ASP 141 ? A ASP 141  ? 1_555 164.2 ? 
46 OD2 ? A ASP 135 ? A ASP 135 ? 1_555 CA ? B CA . ? A CA 1176 ? 1_555 OD2 ? A ASP 141 ? A ASP 141  ? 1_555 73.2  ? 
47 OD1 ? A ASP 135 ? A ASP 135 ? 1_555 CA ? B CA . ? A CA 1176 ? 1_555 OD2 ? A ASP 141 ? A ASP 141  ? 1_555 121.0 ? 
48 OG  ? A SER 137 ? A SER 137 ? 1_555 CA ? B CA . ? A CA 1176 ? 1_555 OD2 ? A ASP 141 ? A ASP 141  ? 1_555 86.7  ? 
49 O   ? A THR 139 ? A THR 139 ? 1_555 CA ? B CA . ? A CA 1176 ? 1_555 OD2 ? A ASP 141 ? A ASP 141  ? 1_555 79.3  ? 
# 
loop_
_pdbx_modification_feature.ordinal 
_pdbx_modification_feature.label_comp_id 
_pdbx_modification_feature.label_asym_id 
_pdbx_modification_feature.label_seq_id 
_pdbx_modification_feature.label_alt_id 
_pdbx_modification_feature.modified_residue_label_comp_id 
_pdbx_modification_feature.modified_residue_label_asym_id 
_pdbx_modification_feature.modified_residue_label_seq_id 
_pdbx_modification_feature.modified_residue_label_alt_id 
_pdbx_modification_feature.auth_comp_id 
_pdbx_modification_feature.auth_asym_id 
_pdbx_modification_feature.auth_seq_id 
_pdbx_modification_feature.PDB_ins_code 
_pdbx_modification_feature.symmetry 
_pdbx_modification_feature.modified_residue_auth_comp_id 
_pdbx_modification_feature.modified_residue_auth_asym_id 
_pdbx_modification_feature.modified_residue_auth_seq_id 
_pdbx_modification_feature.modified_residue_PDB_ins_code 
_pdbx_modification_feature.modified_residue_symmetry 
_pdbx_modification_feature.comp_id_linking_atom 
_pdbx_modification_feature.modified_residue_id_linking_atom 
_pdbx_modification_feature.modified_residue_id 
_pdbx_modification_feature.ref_pcm_id 
_pdbx_modification_feature.ref_comp_id 
_pdbx_modification_feature.type 
_pdbx_modification_feature.category 
1 MSE A 9   ? . . . . MSE A 9   ? 1_555 . . . . . . . MET 1 MSE Selenomethionine 'Named protein modification' 
2 MSE A 42  ? . . . . MSE A 42  ? 1_555 . . . . . . . MET 1 MSE Selenomethionine 'Named protein modification' 
3 MSE A 88  ? . . . . MSE A 88  ? 1_555 . . . . . . . MET 1 MSE Selenomethionine 'Named protein modification' 
4 MSE A 136 ? . . . . MSE A 136 ? 1_555 . . . . . . . MET 1 MSE Selenomethionine 'Named protein modification' 
5 MSE A 151 ? . . . . MSE A 151 ? 1_555 . . . . . . . MET 1 MSE Selenomethionine 'Named protein modification' 
# 
loop_
_struct_sheet.id 
_struct_sheet.type 
_struct_sheet.number_strands 
_struct_sheet.details 
AA ? 4 ? 
AB ? 4 ? 
AC ? 6 ? 
# 
loop_
_struct_sheet_order.sheet_id 
_struct_sheet_order.range_id_1 
_struct_sheet_order.range_id_2 
_struct_sheet_order.offset 
_struct_sheet_order.sense 
AA 1 2 ? anti-parallel 
AA 2 3 ? anti-parallel 
AA 3 4 ? anti-parallel 
AB 1 2 ? anti-parallel 
AB 2 3 ? anti-parallel 
AB 3 4 ? anti-parallel 
AC 1 2 ? anti-parallel 
AC 2 3 ? anti-parallel 
AC 3 4 ? anti-parallel 
AC 4 5 ? anti-parallel 
AC 5 6 ? anti-parallel 
# 
loop_
_struct_sheet_range.sheet_id 
_struct_sheet_range.id 
_struct_sheet_range.beg_label_comp_id 
_struct_sheet_range.beg_label_asym_id 
_struct_sheet_range.beg_label_seq_id 
_struct_sheet_range.pdbx_beg_PDB_ins_code 
_struct_sheet_range.end_label_comp_id 
_struct_sheet_range.end_label_asym_id 
_struct_sheet_range.end_label_seq_id 
_struct_sheet_range.pdbx_end_PDB_ins_code 
_struct_sheet_range.beg_auth_comp_id 
_struct_sheet_range.beg_auth_asym_id 
_struct_sheet_range.beg_auth_seq_id 
_struct_sheet_range.end_auth_comp_id 
_struct_sheet_range.end_auth_asym_id 
_struct_sheet_range.end_auth_seq_id 
AA 1 GLU A 7   ? ASP A 11  ? GLU A 7   ASP A 11  
AA 2 GLY A 158 ? ILE A 168 ? GLY A 158 ILE A 168 
AA 3 ASN A 40  ? THR A 47  ? ASN A 40  THR A 47  
AA 4 LYS A 28  ? SER A 35  ? LYS A 28  SER A 35  
AB 1 GLU A 7   ? ASP A 11  ? GLU A 7   ASP A 11  
AB 2 GLY A 158 ? ILE A 168 ? GLY A 158 ILE A 168 
AB 3 LYS A 70  ? SER A 77  ? LYS A 70  SER A 77  
AB 4 LYS A 114 ? PRO A 119 ? LYS A 114 PRO A 119 
AC 1 GLY A 20  ? GLY A 24  ? GLY A 20  GLY A 24  
AC 2 TYR A 53  ? SER A 59  ? TYR A 53  SER A 59  
AC 3 ILE A 145 ? TYR A 152 ? ILE A 145 TYR A 152 
AC 4 ILE A 85  ? LYS A 92  ? ILE A 85  LYS A 92  
AC 5 ASP A 99  ? ILE A 107 ? ASP A 99  ILE A 107 
AC 6 ARG A 124 ? ARG A 125 ? ARG A 124 ARG A 125 
# 
loop_
_pdbx_struct_sheet_hbond.sheet_id 
_pdbx_struct_sheet_hbond.range_id_1 
_pdbx_struct_sheet_hbond.range_id_2 
_pdbx_struct_sheet_hbond.range_1_label_atom_id 
_pdbx_struct_sheet_hbond.range_1_label_comp_id 
_pdbx_struct_sheet_hbond.range_1_label_asym_id 
_pdbx_struct_sheet_hbond.range_1_label_seq_id 
_pdbx_struct_sheet_hbond.range_1_PDB_ins_code 
_pdbx_struct_sheet_hbond.range_1_auth_atom_id 
_pdbx_struct_sheet_hbond.range_1_auth_comp_id 
_pdbx_struct_sheet_hbond.range_1_auth_asym_id 
_pdbx_struct_sheet_hbond.range_1_auth_seq_id 
_pdbx_struct_sheet_hbond.range_2_label_atom_id 
_pdbx_struct_sheet_hbond.range_2_label_comp_id 
_pdbx_struct_sheet_hbond.range_2_label_asym_id 
_pdbx_struct_sheet_hbond.range_2_label_seq_id 
_pdbx_struct_sheet_hbond.range_2_PDB_ins_code 
_pdbx_struct_sheet_hbond.range_2_auth_atom_id 
_pdbx_struct_sheet_hbond.range_2_auth_comp_id 
_pdbx_struct_sheet_hbond.range_2_auth_asym_id 
_pdbx_struct_sheet_hbond.range_2_auth_seq_id 
AA 1 2 N LEU A 10  ? N LEU A 10  O ILE A 165 ? O ILE A 165 
AA 2 3 N VAL A 162 ? N VAL A 162 O MSE A 42  ? O MSE A 42  
AA 3 4 N THR A 47  ? N THR A 47  O LYS A 28  ? O LYS A 28  
AB 1 2 N LEU A 10  ? N LEU A 10  O ILE A 165 ? O ILE A 165 
AB 2 3 N ILE A 168 ? N ILE A 168 O LYS A 70  ? O LYS A 70  
AB 3 4 N ILE A 75  ? N ILE A 75  O LYS A 114 ? O LYS A 114 
AC 1 2 N GLY A 24  ? N GLY A 24  O TYR A 53  ? O TYR A 53  
AC 2 3 N TYR A 58  ? N TYR A 58  O ILE A 148 ? O ILE A 148 
AC 3 4 N MSE A 151 ? N MSE A 151 O ARG A 86  ? O ARG A 86  
AC 4 5 O GLU A 91  ? O GLU A 91  N GLY A 100 ? N GLY A 100 
AC 5 6 N VAL A 104 ? N VAL A 104 O ARG A 124 ? O ARG A 124 
# 
loop_
_struct_site.id 
_struct_site.pdbx_evidence_code 
_struct_site.pdbx_auth_asym_id 
_struct_site.pdbx_auth_comp_id 
_struct_site.pdbx_auth_seq_id 
_struct_site.pdbx_auth_ins_code 
_struct_site.pdbx_num_residues 
_struct_site.details 
AC1 Software ? ? ? ? 6 'BINDING SITE FOR RESIDUE CA A1176'  
AC2 Software ? ? ? ? 6 'BINDING SITE FOR RESIDUE CA A1177'  
AC3 Software ? ? ? ? 4 'BINDING SITE FOR RESIDUE SO4 A1178' 
AC4 Software ? ? ? ? 5 'BINDING SITE FOR RESIDUE SO4 A1179' 
# 
loop_
_struct_site_gen.id 
_struct_site_gen.site_id 
_struct_site_gen.pdbx_num_res 
_struct_site_gen.label_comp_id 
_struct_site_gen.label_asym_id 
_struct_site_gen.label_seq_id 
_struct_site_gen.pdbx_auth_ins_code 
_struct_site_gen.auth_comp_id 
_struct_site_gen.auth_asym_id 
_struct_site_gen.auth_seq_id 
_struct_site_gen.label_atom_id 
_struct_site_gen.label_alt_id 
_struct_site_gen.symmetry 
_struct_site_gen.details 
1  AC1 6 GLU A 91  ? GLU A 91   . ? 1_555 ? 
2  AC1 6 GLU A 101 ? GLU A 101  . ? 1_555 ? 
3  AC1 6 ASP A 135 ? ASP A 135  . ? 1_555 ? 
4  AC1 6 SER A 137 ? SER A 137  . ? 1_555 ? 
5  AC1 6 THR A 139 ? THR A 139  . ? 1_555 ? 
6  AC1 6 ASP A 141 ? ASP A 141  . ? 1_555 ? 
7  AC2 6 ASP A 12  ? ASP A 12   . ? 1_555 ? 
8  AC2 6 GLU A 14  ? GLU A 14   . ? 1_555 ? 
9  AC2 6 THR A 38  ? THR A 38   . ? 1_555 ? 
10 AC2 6 ASN A 40  ? ASN A 40   . ? 1_555 ? 
11 AC2 6 ASP A 163 ? ASP A 163  . ? 1_555 ? 
12 AC2 6 HOH F .   ? HOH A 2174 . ? 1_555 ? 
13 AC3 4 LYS A 70  ? LYS A 70   . ? 1_555 ? 
14 AC3 4 ALA A 170 ? ALA A 170  . ? 1_555 ? 
15 AC3 4 LEU A 171 ? LEU A 171  . ? 1_555 ? 
16 AC3 4 HIS A 173 ? HIS A 173  . ? 1_555 ? 
17 AC4 5 HIS A 173 ? HIS A 173  . ? 1_555 ? 
18 AC4 5 HIS A 174 ? HIS A 174  . ? 1_555 ? 
19 AC4 5 HIS A 175 ? HIS A 175  . ? 1_555 ? 
20 AC4 5 HOH F .   ? HOH A 2181 . ? 1_555 ? 
21 AC4 5 HOH F .   ? HOH A 2182 . ? 1_555 ? 
# 
_pdbx_entry_details.entry_id                   1V0A 
_pdbx_entry_details.compound_details           
;CATALYTIC ACTIVITY: ENDOHYDROLYSIS OF 1,4-BETA-D-GLUCOSIDIC
 LINKAGES IN CELLULOSE, LICHENIN AND CEREAL BETA-D-GLUCANS.
;
_pdbx_entry_details.source_details             ? 
_pdbx_entry_details.nonpolymer_details         ? 
_pdbx_entry_details.sequence_details           ? 
_pdbx_entry_details.has_ligand_of_interest     ? 
_pdbx_entry_details.has_protein_modification   Y 
# 
_pdbx_validate_close_contact.id               1 
_pdbx_validate_close_contact.PDB_model_num    1 
_pdbx_validate_close_contact.auth_atom_id_1   OD1 
_pdbx_validate_close_contact.auth_asym_id_1   A 
_pdbx_validate_close_contact.auth_comp_id_1   ASP 
_pdbx_validate_close_contact.auth_seq_id_1    110 
_pdbx_validate_close_contact.PDB_ins_code_1   ? 
_pdbx_validate_close_contact.label_alt_id_1   ? 
_pdbx_validate_close_contact.auth_atom_id_2   O 
_pdbx_validate_close_contact.auth_asym_id_2   A 
_pdbx_validate_close_contact.auth_comp_id_2   HOH 
_pdbx_validate_close_contact.auth_seq_id_2    2122 
_pdbx_validate_close_contact.PDB_ins_code_2   ? 
_pdbx_validate_close_contact.label_alt_id_2   ? 
_pdbx_validate_close_contact.dist             1.93 
# 
loop_
_pdbx_validate_rmsd_bond.id 
_pdbx_validate_rmsd_bond.PDB_model_num 
_pdbx_validate_rmsd_bond.auth_atom_id_1 
_pdbx_validate_rmsd_bond.auth_asym_id_1 
_pdbx_validate_rmsd_bond.auth_comp_id_1 
_pdbx_validate_rmsd_bond.auth_seq_id_1 
_pdbx_validate_rmsd_bond.PDB_ins_code_1 
_pdbx_validate_rmsd_bond.label_alt_id_1 
_pdbx_validate_rmsd_bond.auth_atom_id_2 
_pdbx_validate_rmsd_bond.auth_asym_id_2 
_pdbx_validate_rmsd_bond.auth_comp_id_2 
_pdbx_validate_rmsd_bond.auth_seq_id_2 
_pdbx_validate_rmsd_bond.PDB_ins_code_2 
_pdbx_validate_rmsd_bond.label_alt_id_2 
_pdbx_validate_rmsd_bond.bond_value 
_pdbx_validate_rmsd_bond.bond_target_value 
_pdbx_validate_rmsd_bond.bond_deviation 
_pdbx_validate_rmsd_bond.bond_standard_deviation 
_pdbx_validate_rmsd_bond.linker_flag 
1 1 CE A LYS 8   ? ? NZ A LYS 8   ? ? 1.326 1.486 -0.160 0.025 N 
2 1 CB A SER 21  ? ? OG A SER 21  ? ? 1.520 1.418 0.102  0.013 N 
3 1 CG A LYS 28  ? ? CD A LYS 28  ? ? 1.032 1.520 -0.488 0.034 N 
4 1 CE A LYS 37  ? ? NZ A LYS 37  ? ? 1.744 1.486 0.258  0.025 N 
5 1 CB A ASP 62  ? ? CG A ASP 62  ? ? 2.041 1.513 0.528  0.021 N 
6 1 CB A SER 111 ? ? OG A SER 111 ? ? 1.908 1.418 0.490  0.013 N 
# 
loop_
_pdbx_validate_rmsd_angle.id 
_pdbx_validate_rmsd_angle.PDB_model_num 
_pdbx_validate_rmsd_angle.auth_atom_id_1 
_pdbx_validate_rmsd_angle.auth_asym_id_1 
_pdbx_validate_rmsd_angle.auth_comp_id_1 
_pdbx_validate_rmsd_angle.auth_seq_id_1 
_pdbx_validate_rmsd_angle.PDB_ins_code_1 
_pdbx_validate_rmsd_angle.label_alt_id_1 
_pdbx_validate_rmsd_angle.auth_atom_id_2 
_pdbx_validate_rmsd_angle.auth_asym_id_2 
_pdbx_validate_rmsd_angle.auth_comp_id_2 
_pdbx_validate_rmsd_angle.auth_seq_id_2 
_pdbx_validate_rmsd_angle.PDB_ins_code_2 
_pdbx_validate_rmsd_angle.label_alt_id_2 
_pdbx_validate_rmsd_angle.auth_atom_id_3 
_pdbx_validate_rmsd_angle.auth_asym_id_3 
_pdbx_validate_rmsd_angle.auth_comp_id_3 
_pdbx_validate_rmsd_angle.auth_seq_id_3 
_pdbx_validate_rmsd_angle.PDB_ins_code_3 
_pdbx_validate_rmsd_angle.label_alt_id_3 
_pdbx_validate_rmsd_angle.angle_value 
_pdbx_validate_rmsd_angle.angle_target_value 
_pdbx_validate_rmsd_angle.angle_deviation 
_pdbx_validate_rmsd_angle.angle_standard_deviation 
_pdbx_validate_rmsd_angle.linker_flag 
1 1 CD A LYS 37  ? ? CE A LYS 37  ? ? NZ  A LYS 37  ? ? 126.15 111.70 14.45  2.30 N 
2 1 CB A ASP 51  ? ? CG A ASP 51  ? ? OD1 A ASP 51  ? ? 137.48 118.30 19.18  0.90 N 
3 1 CB A ASP 51  ? ? CG A ASP 51  ? ? OD2 A ASP 51  ? ? 103.96 118.30 -14.34 0.90 N 
4 1 CB A ASP 62  ? ? CG A ASP 62  ? ? OD1 A ASP 62  ? ? 112.42 118.30 -5.88  0.90 N 
5 1 CB A ASP 62  ? ? CG A ASP 62  ? ? OD2 A ASP 62  ? ? 129.30 118.30 11.00  0.90 N 
6 1 CD A LYS 67  ? ? CE A LYS 67  ? ? NZ  A LYS 67  ? ? 138.79 111.70 27.09  2.30 N 
7 1 CG A LYS 114 ? ? CD A LYS 114 ? ? CE  A LYS 114 ? ? 148.06 111.90 36.16  3.00 N 
# 
_pdbx_validate_torsion.id              1 
_pdbx_validate_torsion.PDB_model_num   1 
_pdbx_validate_torsion.auth_comp_id    ASP 
_pdbx_validate_torsion.auth_asym_id    A 
_pdbx_validate_torsion.auth_seq_id     11 
_pdbx_validate_torsion.PDB_ins_code    ? 
_pdbx_validate_torsion.label_alt_id    ? 
_pdbx_validate_torsion.phi             -161.41 
_pdbx_validate_torsion.psi             114.43 
# 
loop_
_pdbx_struct_mod_residue.id 
_pdbx_struct_mod_residue.label_asym_id 
_pdbx_struct_mod_residue.label_comp_id 
_pdbx_struct_mod_residue.label_seq_id 
_pdbx_struct_mod_residue.auth_asym_id 
_pdbx_struct_mod_residue.auth_comp_id 
_pdbx_struct_mod_residue.auth_seq_id 
_pdbx_struct_mod_residue.PDB_ins_code 
_pdbx_struct_mod_residue.parent_comp_id 
_pdbx_struct_mod_residue.details 
1 A MSE 9   A MSE 9   ? MET SELENOMETHIONINE 
2 A MSE 42  A MSE 42  ? MET SELENOMETHIONINE 
3 A MSE 88  A MSE 88  ? MET SELENOMETHIONINE 
4 A MSE 136 A MSE 136 ? MET SELENOMETHIONINE 
5 A MSE 151 A MSE 151 ? MET SELENOMETHIONINE 
# 
_pdbx_database_remark.id     700 
_pdbx_database_remark.text   
;
SHEET
THE SHEET STRUCTURE OF THIS MOLECULE IS BIFURCATED. IN
ORDER TO REPRESENT THIS FEATURE IN THE SHEET RECORDS BELOW,
TWO SHEETS ARE DEFINED.
;
# 
loop_
_pdbx_unobs_or_zero_occ_residues.id 
_pdbx_unobs_or_zero_occ_residues.PDB_model_num 
_pdbx_unobs_or_zero_occ_residues.polymer_flag 
_pdbx_unobs_or_zero_occ_residues.occupancy_flag 
_pdbx_unobs_or_zero_occ_residues.auth_asym_id 
_pdbx_unobs_or_zero_occ_residues.auth_comp_id 
_pdbx_unobs_or_zero_occ_residues.auth_seq_id 
_pdbx_unobs_or_zero_occ_residues.PDB_ins_code 
_pdbx_unobs_or_zero_occ_residues.label_asym_id 
_pdbx_unobs_or_zero_occ_residues.label_comp_id 
_pdbx_unobs_or_zero_occ_residues.label_seq_id 
1 1 Y 1 A MSE 1   ? A MSE 1   
2 1 Y 1 A ALA 2   ? A ALA 2   
3 1 Y 1 A ASP 79  ? A ASP 79  
4 1 Y 1 A GLY 80  ? A GLY 80  
5 1 Y 1 A SER 81  ? A SER 81  
6 1 Y 1 A HIS 176 ? A HIS 176 
7 1 Y 1 A HIS 177 ? A HIS 177 
8 1 Y 1 A HIS 178 ? A HIS 178 
# 
loop_
_chem_comp_atom.comp_id 
_chem_comp_atom.atom_id 
_chem_comp_atom.type_symbol 
_chem_comp_atom.pdbx_aromatic_flag 
_chem_comp_atom.pdbx_stereo_config 
_chem_comp_atom.pdbx_ordinal 
ALA N    N  N N 1   
ALA CA   C  N S 2   
ALA C    C  N N 3   
ALA O    O  N N 4   
ALA CB   C  N N 5   
ALA OXT  O  N N 6   
ALA H    H  N N 7   
ALA H2   H  N N 8   
ALA HA   H  N N 9   
ALA HB1  H  N N 10  
ALA HB2  H  N N 11  
ALA HB3  H  N N 12  
ALA HXT  H  N N 13  
ARG N    N  N N 14  
ARG CA   C  N S 15  
ARG C    C  N N 16  
ARG O    O  N N 17  
ARG CB   C  N N 18  
ARG CG   C  N N 19  
ARG CD   C  N N 20  
ARG NE   N  N N 21  
ARG CZ   C  N N 22  
ARG NH1  N  N N 23  
ARG NH2  N  N N 24  
ARG OXT  O  N N 25  
ARG H    H  N N 26  
ARG H2   H  N N 27  
ARG HA   H  N N 28  
ARG HB2  H  N N 29  
ARG HB3  H  N N 30  
ARG HG2  H  N N 31  
ARG HG3  H  N N 32  
ARG HD2  H  N N 33  
ARG HD3  H  N N 34  
ARG HE   H  N N 35  
ARG HH11 H  N N 36  
ARG HH12 H  N N 37  
ARG HH21 H  N N 38  
ARG HH22 H  N N 39  
ARG HXT  H  N N 40  
ASN N    N  N N 41  
ASN CA   C  N S 42  
ASN C    C  N N 43  
ASN O    O  N N 44  
ASN CB   C  N N 45  
ASN CG   C  N N 46  
ASN OD1  O  N N 47  
ASN ND2  N  N N 48  
ASN OXT  O  N N 49  
ASN H    H  N N 50  
ASN H2   H  N N 51  
ASN HA   H  N N 52  
ASN HB2  H  N N 53  
ASN HB3  H  N N 54  
ASN HD21 H  N N 55  
ASN HD22 H  N N 56  
ASN HXT  H  N N 57  
ASP N    N  N N 58  
ASP CA   C  N S 59  
ASP C    C  N N 60  
ASP O    O  N N 61  
ASP CB   C  N N 62  
ASP CG   C  N N 63  
ASP OD1  O  N N 64  
ASP OD2  O  N N 65  
ASP OXT  O  N N 66  
ASP H    H  N N 67  
ASP H2   H  N N 68  
ASP HA   H  N N 69  
ASP HB2  H  N N 70  
ASP HB3  H  N N 71  
ASP HD2  H  N N 72  
ASP HXT  H  N N 73  
CA  CA   CA N N 74  
GLN N    N  N N 75  
GLN CA   C  N S 76  
GLN C    C  N N 77  
GLN O    O  N N 78  
GLN CB   C  N N 79  
GLN CG   C  N N 80  
GLN CD   C  N N 81  
GLN OE1  O  N N 82  
GLN NE2  N  N N 83  
GLN OXT  O  N N 84  
GLN H    H  N N 85  
GLN H2   H  N N 86  
GLN HA   H  N N 87  
GLN HB2  H  N N 88  
GLN HB3  H  N N 89  
GLN HG2  H  N N 90  
GLN HG3  H  N N 91  
GLN HE21 H  N N 92  
GLN HE22 H  N N 93  
GLN HXT  H  N N 94  
GLU N    N  N N 95  
GLU CA   C  N S 96  
GLU C    C  N N 97  
GLU O    O  N N 98  
GLU CB   C  N N 99  
GLU CG   C  N N 100 
GLU CD   C  N N 101 
GLU OE1  O  N N 102 
GLU OE2  O  N N 103 
GLU OXT  O  N N 104 
GLU H    H  N N 105 
GLU H2   H  N N 106 
GLU HA   H  N N 107 
GLU HB2  H  N N 108 
GLU HB3  H  N N 109 
GLU HG2  H  N N 110 
GLU HG3  H  N N 111 
GLU HE2  H  N N 112 
GLU HXT  H  N N 113 
GLY N    N  N N 114 
GLY CA   C  N N 115 
GLY C    C  N N 116 
GLY O    O  N N 117 
GLY OXT  O  N N 118 
GLY H    H  N N 119 
GLY H2   H  N N 120 
GLY HA2  H  N N 121 
GLY HA3  H  N N 122 
GLY HXT  H  N N 123 
HIS N    N  N N 124 
HIS CA   C  N S 125 
HIS C    C  N N 126 
HIS O    O  N N 127 
HIS CB   C  N N 128 
HIS CG   C  Y N 129 
HIS ND1  N  Y N 130 
HIS CD2  C  Y N 131 
HIS CE1  C  Y N 132 
HIS NE2  N  Y N 133 
HIS OXT  O  N N 134 
HIS H    H  N N 135 
HIS H2   H  N N 136 
HIS HA   H  N N 137 
HIS HB2  H  N N 138 
HIS HB3  H  N N 139 
HIS HD1  H  N N 140 
HIS HD2  H  N N 141 
HIS HE1  H  N N 142 
HIS HE2  H  N N 143 
HIS HXT  H  N N 144 
HOH O    O  N N 145 
HOH H1   H  N N 146 
HOH H2   H  N N 147 
ILE N    N  N N 148 
ILE CA   C  N S 149 
ILE C    C  N N 150 
ILE O    O  N N 151 
ILE CB   C  N S 152 
ILE CG1  C  N N 153 
ILE CG2  C  N N 154 
ILE CD1  C  N N 155 
ILE OXT  O  N N 156 
ILE H    H  N N 157 
ILE H2   H  N N 158 
ILE HA   H  N N 159 
ILE HB   H  N N 160 
ILE HG12 H  N N 161 
ILE HG13 H  N N 162 
ILE HG21 H  N N 163 
ILE HG22 H  N N 164 
ILE HG23 H  N N 165 
ILE HD11 H  N N 166 
ILE HD12 H  N N 167 
ILE HD13 H  N N 168 
ILE HXT  H  N N 169 
LEU N    N  N N 170 
LEU CA   C  N S 171 
LEU C    C  N N 172 
LEU O    O  N N 173 
LEU CB   C  N N 174 
LEU CG   C  N N 175 
LEU CD1  C  N N 176 
LEU CD2  C  N N 177 
LEU OXT  O  N N 178 
LEU H    H  N N 179 
LEU H2   H  N N 180 
LEU HA   H  N N 181 
LEU HB2  H  N N 182 
LEU HB3  H  N N 183 
LEU HG   H  N N 184 
LEU HD11 H  N N 185 
LEU HD12 H  N N 186 
LEU HD13 H  N N 187 
LEU HD21 H  N N 188 
LEU HD22 H  N N 189 
LEU HD23 H  N N 190 
LEU HXT  H  N N 191 
LYS N    N  N N 192 
LYS CA   C  N S 193 
LYS C    C  N N 194 
LYS O    O  N N 195 
LYS CB   C  N N 196 
LYS CG   C  N N 197 
LYS CD   C  N N 198 
LYS CE   C  N N 199 
LYS NZ   N  N N 200 
LYS OXT  O  N N 201 
LYS H    H  N N 202 
LYS H2   H  N N 203 
LYS HA   H  N N 204 
LYS HB2  H  N N 205 
LYS HB3  H  N N 206 
LYS HG2  H  N N 207 
LYS HG3  H  N N 208 
LYS HD2  H  N N 209 
LYS HD3  H  N N 210 
LYS HE2  H  N N 211 
LYS HE3  H  N N 212 
LYS HZ1  H  N N 213 
LYS HZ2  H  N N 214 
LYS HZ3  H  N N 215 
LYS HXT  H  N N 216 
MSE N    N  N N 217 
MSE CA   C  N S 218 
MSE C    C  N N 219 
MSE O    O  N N 220 
MSE OXT  O  N N 221 
MSE CB   C  N N 222 
MSE CG   C  N N 223 
MSE SE   SE N N 224 
MSE CE   C  N N 225 
MSE H    H  N N 226 
MSE H2   H  N N 227 
MSE HA   H  N N 228 
MSE HXT  H  N N 229 
MSE HB2  H  N N 230 
MSE HB3  H  N N 231 
MSE HG2  H  N N 232 
MSE HG3  H  N N 233 
MSE HE1  H  N N 234 
MSE HE2  H  N N 235 
MSE HE3  H  N N 236 
PHE N    N  N N 237 
PHE CA   C  N S 238 
PHE C    C  N N 239 
PHE O    O  N N 240 
PHE CB   C  N N 241 
PHE CG   C  Y N 242 
PHE CD1  C  Y N 243 
PHE CD2  C  Y N 244 
PHE CE1  C  Y N 245 
PHE CE2  C  Y N 246 
PHE CZ   C  Y N 247 
PHE OXT  O  N N 248 
PHE H    H  N N 249 
PHE H2   H  N N 250 
PHE HA   H  N N 251 
PHE HB2  H  N N 252 
PHE HB3  H  N N 253 
PHE HD1  H  N N 254 
PHE HD2  H  N N 255 
PHE HE1  H  N N 256 
PHE HE2  H  N N 257 
PHE HZ   H  N N 258 
PHE HXT  H  N N 259 
PRO N    N  N N 260 
PRO CA   C  N S 261 
PRO C    C  N N 262 
PRO O    O  N N 263 
PRO CB   C  N N 264 
PRO CG   C  N N 265 
PRO CD   C  N N 266 
PRO OXT  O  N N 267 
PRO H    H  N N 268 
PRO HA   H  N N 269 
PRO HB2  H  N N 270 
PRO HB3  H  N N 271 
PRO HG2  H  N N 272 
PRO HG3  H  N N 273 
PRO HD2  H  N N 274 
PRO HD3  H  N N 275 
PRO HXT  H  N N 276 
SER N    N  N N 277 
SER CA   C  N S 278 
SER C    C  N N 279 
SER O    O  N N 280 
SER CB   C  N N 281 
SER OG   O  N N 282 
SER OXT  O  N N 283 
SER H    H  N N 284 
SER H2   H  N N 285 
SER HA   H  N N 286 
SER HB2  H  N N 287 
SER HB3  H  N N 288 
SER HG   H  N N 289 
SER HXT  H  N N 290 
SO4 S    S  N N 291 
SO4 O1   O  N N 292 
SO4 O2   O  N N 293 
SO4 O3   O  N N 294 
SO4 O4   O  N N 295 
THR N    N  N N 296 
THR CA   C  N S 297 
THR C    C  N N 298 
THR O    O  N N 299 
THR CB   C  N R 300 
THR OG1  O  N N 301 
THR CG2  C  N N 302 
THR OXT  O  N N 303 
THR H    H  N N 304 
THR H2   H  N N 305 
THR HA   H  N N 306 
THR HB   H  N N 307 
THR HG1  H  N N 308 
THR HG21 H  N N 309 
THR HG22 H  N N 310 
THR HG23 H  N N 311 
THR HXT  H  N N 312 
TRP N    N  N N 313 
TRP CA   C  N S 314 
TRP C    C  N N 315 
TRP O    O  N N 316 
TRP CB   C  N N 317 
TRP CG   C  Y N 318 
TRP CD1  C  Y N 319 
TRP CD2  C  Y N 320 
TRP NE1  N  Y N 321 
TRP CE2  C  Y N 322 
TRP CE3  C  Y N 323 
TRP CZ2  C  Y N 324 
TRP CZ3  C  Y N 325 
TRP CH2  C  Y N 326 
TRP OXT  O  N N 327 
TRP H    H  N N 328 
TRP H2   H  N N 329 
TRP HA   H  N N 330 
TRP HB2  H  N N 331 
TRP HB3  H  N N 332 
TRP HD1  H  N N 333 
TRP HE1  H  N N 334 
TRP HE3  H  N N 335 
TRP HZ2  H  N N 336 
TRP HZ3  H  N N 337 
TRP HH2  H  N N 338 
TRP HXT  H  N N 339 
TYR N    N  N N 340 
TYR CA   C  N S 341 
TYR C    C  N N 342 
TYR O    O  N N 343 
TYR CB   C  N N 344 
TYR CG   C  Y N 345 
TYR CD1  C  Y N 346 
TYR CD2  C  Y N 347 
TYR CE1  C  Y N 348 
TYR CE2  C  Y N 349 
TYR CZ   C  Y N 350 
TYR OH   O  N N 351 
TYR OXT  O  N N 352 
TYR H    H  N N 353 
TYR H2   H  N N 354 
TYR HA   H  N N 355 
TYR HB2  H  N N 356 
TYR HB3  H  N N 357 
TYR HD1  H  N N 358 
TYR HD2  H  N N 359 
TYR HE1  H  N N 360 
TYR HE2  H  N N 361 
TYR HH   H  N N 362 
TYR HXT  H  N N 363 
VAL N    N  N N 364 
VAL CA   C  N S 365 
VAL C    C  N N 366 
VAL O    O  N N 367 
VAL CB   C  N N 368 
VAL CG1  C  N N 369 
VAL CG2  C  N N 370 
VAL OXT  O  N N 371 
VAL H    H  N N 372 
VAL H2   H  N N 373 
VAL HA   H  N N 374 
VAL HB   H  N N 375 
VAL HG11 H  N N 376 
VAL HG12 H  N N 377 
VAL HG13 H  N N 378 
VAL HG21 H  N N 379 
VAL HG22 H  N N 380 
VAL HG23 H  N N 381 
VAL HXT  H  N N 382 
# 
loop_
_chem_comp_bond.comp_id 
_chem_comp_bond.atom_id_1 
_chem_comp_bond.atom_id_2 
_chem_comp_bond.value_order 
_chem_comp_bond.pdbx_aromatic_flag 
_chem_comp_bond.pdbx_stereo_config 
_chem_comp_bond.pdbx_ordinal 
ALA N   CA   sing N N 1   
ALA N   H    sing N N 2   
ALA N   H2   sing N N 3   
ALA CA  C    sing N N 4   
ALA CA  CB   sing N N 5   
ALA CA  HA   sing N N 6   
ALA C   O    doub N N 7   
ALA C   OXT  sing N N 8   
ALA CB  HB1  sing N N 9   
ALA CB  HB2  sing N N 10  
ALA CB  HB3  sing N N 11  
ALA OXT HXT  sing N N 12  
ARG N   CA   sing N N 13  
ARG N   H    sing N N 14  
ARG N   H2   sing N N 15  
ARG CA  C    sing N N 16  
ARG CA  CB   sing N N 17  
ARG CA  HA   sing N N 18  
ARG C   O    doub N N 19  
ARG C   OXT  sing N N 20  
ARG CB  CG   sing N N 21  
ARG CB  HB2  sing N N 22  
ARG CB  HB3  sing N N 23  
ARG CG  CD   sing N N 24  
ARG CG  HG2  sing N N 25  
ARG CG  HG3  sing N N 26  
ARG CD  NE   sing N N 27  
ARG CD  HD2  sing N N 28  
ARG CD  HD3  sing N N 29  
ARG NE  CZ   sing N N 30  
ARG NE  HE   sing N N 31  
ARG CZ  NH1  sing N N 32  
ARG CZ  NH2  doub N N 33  
ARG NH1 HH11 sing N N 34  
ARG NH1 HH12 sing N N 35  
ARG NH2 HH21 sing N N 36  
ARG NH2 HH22 sing N N 37  
ARG OXT HXT  sing N N 38  
ASN N   CA   sing N N 39  
ASN N   H    sing N N 40  
ASN N   H2   sing N N 41  
ASN CA  C    sing N N 42  
ASN CA  CB   sing N N 43  
ASN CA  HA   sing N N 44  
ASN C   O    doub N N 45  
ASN C   OXT  sing N N 46  
ASN CB  CG   sing N N 47  
ASN CB  HB2  sing N N 48  
ASN CB  HB3  sing N N 49  
ASN CG  OD1  doub N N 50  
ASN CG  ND2  sing N N 51  
ASN ND2 HD21 sing N N 52  
ASN ND2 HD22 sing N N 53  
ASN OXT HXT  sing N N 54  
ASP N   CA   sing N N 55  
ASP N   H    sing N N 56  
ASP N   H2   sing N N 57  
ASP CA  C    sing N N 58  
ASP CA  CB   sing N N 59  
ASP CA  HA   sing N N 60  
ASP C   O    doub N N 61  
ASP C   OXT  sing N N 62  
ASP CB  CG   sing N N 63  
ASP CB  HB2  sing N N 64  
ASP CB  HB3  sing N N 65  
ASP CG  OD1  doub N N 66  
ASP CG  OD2  sing N N 67  
ASP OD2 HD2  sing N N 68  
ASP OXT HXT  sing N N 69  
GLN N   CA   sing N N 70  
GLN N   H    sing N N 71  
GLN N   H2   sing N N 72  
GLN CA  C    sing N N 73  
GLN CA  CB   sing N N 74  
GLN CA  HA   sing N N 75  
GLN C   O    doub N N 76  
GLN C   OXT  sing N N 77  
GLN CB  CG   sing N N 78  
GLN CB  HB2  sing N N 79  
GLN CB  HB3  sing N N 80  
GLN CG  CD   sing N N 81  
GLN CG  HG2  sing N N 82  
GLN CG  HG3  sing N N 83  
GLN CD  OE1  doub N N 84  
GLN CD  NE2  sing N N 85  
GLN NE2 HE21 sing N N 86  
GLN NE2 HE22 sing N N 87  
GLN OXT HXT  sing N N 88  
GLU N   CA   sing N N 89  
GLU N   H    sing N N 90  
GLU N   H2   sing N N 91  
GLU CA  C    sing N N 92  
GLU CA  CB   sing N N 93  
GLU CA  HA   sing N N 94  
GLU C   O    doub N N 95  
GLU C   OXT  sing N N 96  
GLU CB  CG   sing N N 97  
GLU CB  HB2  sing N N 98  
GLU CB  HB3  sing N N 99  
GLU CG  CD   sing N N 100 
GLU CG  HG2  sing N N 101 
GLU CG  HG3  sing N N 102 
GLU CD  OE1  doub N N 103 
GLU CD  OE2  sing N N 104 
GLU OE2 HE2  sing N N 105 
GLU OXT HXT  sing N N 106 
GLY N   CA   sing N N 107 
GLY N   H    sing N N 108 
GLY N   H2   sing N N 109 
GLY CA  C    sing N N 110 
GLY CA  HA2  sing N N 111 
GLY CA  HA3  sing N N 112 
GLY C   O    doub N N 113 
GLY C   OXT  sing N N 114 
GLY OXT HXT  sing N N 115 
HIS N   CA   sing N N 116 
HIS N   H    sing N N 117 
HIS N   H2   sing N N 118 
HIS CA  C    sing N N 119 
HIS CA  CB   sing N N 120 
HIS CA  HA   sing N N 121 
HIS C   O    doub N N 122 
HIS C   OXT  sing N N 123 
HIS CB  CG   sing N N 124 
HIS CB  HB2  sing N N 125 
HIS CB  HB3  sing N N 126 
HIS CG  ND1  sing Y N 127 
HIS CG  CD2  doub Y N 128 
HIS ND1 CE1  doub Y N 129 
HIS ND1 HD1  sing N N 130 
HIS CD2 NE2  sing Y N 131 
HIS CD2 HD2  sing N N 132 
HIS CE1 NE2  sing Y N 133 
HIS CE1 HE1  sing N N 134 
HIS NE2 HE2  sing N N 135 
HIS OXT HXT  sing N N 136 
HOH O   H1   sing N N 137 
HOH O   H2   sing N N 138 
ILE N   CA   sing N N 139 
ILE N   H    sing N N 140 
ILE N   H2   sing N N 141 
ILE CA  C    sing N N 142 
ILE CA  CB   sing N N 143 
ILE CA  HA   sing N N 144 
ILE C   O    doub N N 145 
ILE C   OXT  sing N N 146 
ILE CB  CG1  sing N N 147 
ILE CB  CG2  sing N N 148 
ILE CB  HB   sing N N 149 
ILE CG1 CD1  sing N N 150 
ILE CG1 HG12 sing N N 151 
ILE CG1 HG13 sing N N 152 
ILE CG2 HG21 sing N N 153 
ILE CG2 HG22 sing N N 154 
ILE CG2 HG23 sing N N 155 
ILE CD1 HD11 sing N N 156 
ILE CD1 HD12 sing N N 157 
ILE CD1 HD13 sing N N 158 
ILE OXT HXT  sing N N 159 
LEU N   CA   sing N N 160 
LEU N   H    sing N N 161 
LEU N   H2   sing N N 162 
LEU CA  C    sing N N 163 
LEU CA  CB   sing N N 164 
LEU CA  HA   sing N N 165 
LEU C   O    doub N N 166 
LEU C   OXT  sing N N 167 
LEU CB  CG   sing N N 168 
LEU CB  HB2  sing N N 169 
LEU CB  HB3  sing N N 170 
LEU CG  CD1  sing N N 171 
LEU CG  CD2  sing N N 172 
LEU CG  HG   sing N N 173 
LEU CD1 HD11 sing N N 174 
LEU CD1 HD12 sing N N 175 
LEU CD1 HD13 sing N N 176 
LEU CD2 HD21 sing N N 177 
LEU CD2 HD22 sing N N 178 
LEU CD2 HD23 sing N N 179 
LEU OXT HXT  sing N N 180 
LYS N   CA   sing N N 181 
LYS N   H    sing N N 182 
LYS N   H2   sing N N 183 
LYS CA  C    sing N N 184 
LYS CA  CB   sing N N 185 
LYS CA  HA   sing N N 186 
LYS C   O    doub N N 187 
LYS C   OXT  sing N N 188 
LYS CB  CG   sing N N 189 
LYS CB  HB2  sing N N 190 
LYS CB  HB3  sing N N 191 
LYS CG  CD   sing N N 192 
LYS CG  HG2  sing N N 193 
LYS CG  HG3  sing N N 194 
LYS CD  CE   sing N N 195 
LYS CD  HD2  sing N N 196 
LYS CD  HD3  sing N N 197 
LYS CE  NZ   sing N N 198 
LYS CE  HE2  sing N N 199 
LYS CE  HE3  sing N N 200 
LYS NZ  HZ1  sing N N 201 
LYS NZ  HZ2  sing N N 202 
LYS NZ  HZ3  sing N N 203 
LYS OXT HXT  sing N N 204 
MSE N   CA   sing N N 205 
MSE N   H    sing N N 206 
MSE N   H2   sing N N 207 
MSE CA  C    sing N N 208 
MSE CA  CB   sing N N 209 
MSE CA  HA   sing N N 210 
MSE C   O    doub N N 211 
MSE C   OXT  sing N N 212 
MSE OXT HXT  sing N N 213 
MSE CB  CG   sing N N 214 
MSE CB  HB2  sing N N 215 
MSE CB  HB3  sing N N 216 
MSE CG  SE   sing N N 217 
MSE CG  HG2  sing N N 218 
MSE CG  HG3  sing N N 219 
MSE SE  CE   sing N N 220 
MSE CE  HE1  sing N N 221 
MSE CE  HE2  sing N N 222 
MSE CE  HE3  sing N N 223 
PHE N   CA   sing N N 224 
PHE N   H    sing N N 225 
PHE N   H2   sing N N 226 
PHE CA  C    sing N N 227 
PHE CA  CB   sing N N 228 
PHE CA  HA   sing N N 229 
PHE C   O    doub N N 230 
PHE C   OXT  sing N N 231 
PHE CB  CG   sing N N 232 
PHE CB  HB2  sing N N 233 
PHE CB  HB3  sing N N 234 
PHE CG  CD1  doub Y N 235 
PHE CG  CD2  sing Y N 236 
PHE CD1 CE1  sing Y N 237 
PHE CD1 HD1  sing N N 238 
PHE CD2 CE2  doub Y N 239 
PHE CD2 HD2  sing N N 240 
PHE CE1 CZ   doub Y N 241 
PHE CE1 HE1  sing N N 242 
PHE CE2 CZ   sing Y N 243 
PHE CE2 HE2  sing N N 244 
PHE CZ  HZ   sing N N 245 
PHE OXT HXT  sing N N 246 
PRO N   CA   sing N N 247 
PRO N   CD   sing N N 248 
PRO N   H    sing N N 249 
PRO CA  C    sing N N 250 
PRO CA  CB   sing N N 251 
PRO CA  HA   sing N N 252 
PRO C   O    doub N N 253 
PRO C   OXT  sing N N 254 
PRO CB  CG   sing N N 255 
PRO CB  HB2  sing N N 256 
PRO CB  HB3  sing N N 257 
PRO CG  CD   sing N N 258 
PRO CG  HG2  sing N N 259 
PRO CG  HG3  sing N N 260 
PRO CD  HD2  sing N N 261 
PRO CD  HD3  sing N N 262 
PRO OXT HXT  sing N N 263 
SER N   CA   sing N N 264 
SER N   H    sing N N 265 
SER N   H2   sing N N 266 
SER CA  C    sing N N 267 
SER CA  CB   sing N N 268 
SER CA  HA   sing N N 269 
SER C   O    doub N N 270 
SER C   OXT  sing N N 271 
SER CB  OG   sing N N 272 
SER CB  HB2  sing N N 273 
SER CB  HB3  sing N N 274 
SER OG  HG   sing N N 275 
SER OXT HXT  sing N N 276 
SO4 S   O1   doub N N 277 
SO4 S   O2   doub N N 278 
SO4 S   O3   sing N N 279 
SO4 S   O4   sing N N 280 
THR N   CA   sing N N 281 
THR N   H    sing N N 282 
THR N   H2   sing N N 283 
THR CA  C    sing N N 284 
THR CA  CB   sing N N 285 
THR CA  HA   sing N N 286 
THR C   O    doub N N 287 
THR C   OXT  sing N N 288 
THR CB  OG1  sing N N 289 
THR CB  CG2  sing N N 290 
THR CB  HB   sing N N 291 
THR OG1 HG1  sing N N 292 
THR CG2 HG21 sing N N 293 
THR CG2 HG22 sing N N 294 
THR CG2 HG23 sing N N 295 
THR OXT HXT  sing N N 296 
TRP N   CA   sing N N 297 
TRP N   H    sing N N 298 
TRP N   H2   sing N N 299 
TRP CA  C    sing N N 300 
TRP CA  CB   sing N N 301 
TRP CA  HA   sing N N 302 
TRP C   O    doub N N 303 
TRP C   OXT  sing N N 304 
TRP CB  CG   sing N N 305 
TRP CB  HB2  sing N N 306 
TRP CB  HB3  sing N N 307 
TRP CG  CD1  doub Y N 308 
TRP CG  CD2  sing Y N 309 
TRP CD1 NE1  sing Y N 310 
TRP CD1 HD1  sing N N 311 
TRP CD2 CE2  doub Y N 312 
TRP CD2 CE3  sing Y N 313 
TRP NE1 CE2  sing Y N 314 
TRP NE1 HE1  sing N N 315 
TRP CE2 CZ2  sing Y N 316 
TRP CE3 CZ3  doub Y N 317 
TRP CE3 HE3  sing N N 318 
TRP CZ2 CH2  doub Y N 319 
TRP CZ2 HZ2  sing N N 320 
TRP CZ3 CH2  sing Y N 321 
TRP CZ3 HZ3  sing N N 322 
TRP CH2 HH2  sing N N 323 
TRP OXT HXT  sing N N 324 
TYR N   CA   sing N N 325 
TYR N   H    sing N N 326 
TYR N   H2   sing N N 327 
TYR CA  C    sing N N 328 
TYR CA  CB   sing N N 329 
TYR CA  HA   sing N N 330 
TYR C   O    doub N N 331 
TYR C   OXT  sing N N 332 
TYR CB  CG   sing N N 333 
TYR CB  HB2  sing N N 334 
TYR CB  HB3  sing N N 335 
TYR CG  CD1  doub Y N 336 
TYR CG  CD2  sing Y N 337 
TYR CD1 CE1  sing Y N 338 
TYR CD1 HD1  sing N N 339 
TYR CD2 CE2  doub Y N 340 
TYR CD2 HD2  sing N N 341 
TYR CE1 CZ   doub Y N 342 
TYR CE1 HE1  sing N N 343 
TYR CE2 CZ   sing Y N 344 
TYR CE2 HE2  sing N N 345 
TYR CZ  OH   sing N N 346 
TYR OH  HH   sing N N 347 
TYR OXT HXT  sing N N 348 
VAL N   CA   sing N N 349 
VAL N   H    sing N N 350 
VAL N   H2   sing N N 351 
VAL CA  C    sing N N 352 
VAL CA  CB   sing N N 353 
VAL CA  HA   sing N N 354 
VAL C   O    doub N N 355 
VAL C   OXT  sing N N 356 
VAL CB  CG1  sing N N 357 
VAL CB  CG2  sing N N 358 
VAL CB  HB   sing N N 359 
VAL CG1 HG11 sing N N 360 
VAL CG1 HG12 sing N N 361 
VAL CG1 HG13 sing N N 362 
VAL CG2 HG21 sing N N 363 
VAL CG2 HG22 sing N N 364 
VAL CG2 HG23 sing N N 365 
VAL OXT HXT  sing N N 366 
# 
_atom_sites.entry_id                    1V0A 
_atom_sites.fract_transf_matrix[1][1]   0.00186558 
_atom_sites.fract_transf_matrix[1][2]   0.01259903 
_atom_sites.fract_transf_matrix[1][3]   0.00385835 
_atom_sites.fract_transf_matrix[2][1]   0.00856697 
_atom_sites.fract_transf_matrix[2][2]   0.00400597 
_atom_sites.fract_transf_matrix[2][3]   -0.01722331 
_atom_sites.fract_transf_matrix[3][1]   -0.02175199 
_atom_sites.fract_transf_matrix[3][2]   0.00609981 
_atom_sites.fract_transf_matrix[3][3]   -0.00940081 
_atom_sites.fract_transf_vector[1]      0.283522 
_atom_sites.fract_transf_vector[2]      0.228013 
_atom_sites.fract_transf_vector[3]      0.853951 
# 
loop_
_atom_type.symbol 
C  
CA 
N  
O  
S  
SE 
# 
loop_
_atom_site.group_PDB 
_atom_site.id 
_atom_site.type_symbol 
_atom_site.label_atom_id 
_atom_site.label_alt_id 
_atom_site.label_comp_id 
_atom_site.label_asym_id 
_atom_site.label_entity_id 
_atom_site.label_seq_id 
_atom_site.pdbx_PDB_ins_code 
_atom_site.Cartn_x 
_atom_site.Cartn_y 
_atom_site.Cartn_z 
_atom_site.occupancy 
_atom_site.B_iso_or_equiv 
_atom_site.pdbx_formal_charge 
_atom_site.auth_seq_id 
_atom_site.auth_comp_id 
_atom_site.auth_asym_id 
_atom_site.auth_atom_id 
_atom_site.pdbx_PDB_model_num 
ATOM   1    N  N   . SER A 1 3   ? -13.601 17.207  -3.870  1.00   20.50 ? 3    SER A N   1 
ATOM   2    C  CA  . SER A 1 3   ? -12.485 16.671  -3.036  1.00   20.48 ? 3    SER A CA  1 
ATOM   3    C  C   . SER A 1 3   ? -12.190 17.570  -1.837  1.00   20.45 ? 3    SER A C   1 
ATOM   4    O  O   . SER A 1 3   ? -12.356 18.790  -1.908  1.00   20.50 ? 3    SER A O   1 
ATOM   5    C  CB  . SER A 1 3   ? -11.216 16.502  -3.877  1.00   20.50 ? 3    SER A CB  1 
ATOM   6    O  OG  . SER A 1 3   ? -11.441 15.657  -4.992  1.00   20.61 ? 3    SER A OG  1 
ATOM   7    N  N   . ALA A 1 4   ? -11.755 16.956  -0.740  1.00   20.35 ? 4    ALA A N   1 
ATOM   8    C  CA  . ALA A 1 4   ? -11.311 17.695  0.437   1.00   20.35 ? 4    ALA A CA  1 
ATOM   9    C  C   . ALA A 1 4   ? -9.916  18.269  0.198   1.00   20.26 ? 4    ALA A C   1 
ATOM   10   O  O   . ALA A 1 4   ? -9.144  17.723  -0.592  1.00   20.16 ? 4    ALA A O   1 
ATOM   11   C  CB  . ALA A 1 4   ? -11.312 16.790  1.662   1.00   20.47 ? 4    ALA A CB  1 
ATOM   12   N  N   . VAL A 1 5   ? -9.603  19.373  0.872   1.00   20.28 ? 5    VAL A N   1 
ATOM   13   C  CA  . VAL A 1 5   ? -8.274  19.978  0.782   1.00   20.27 ? 5    VAL A CA  1 
ATOM   14   C  C   . VAL A 1 5   ? -7.365  19.483  1.908   1.00   20.18 ? 5    VAL A C   1 
ATOM   15   O  O   . VAL A 1 5   ? -7.835  19.140  2.995   1.00   20.31 ? 5    VAL A O   1 
ATOM   16   C  CB  . VAL A 1 5   ? -8.321  21.539  0.762   1.00   20.30 ? 5    VAL A CB  1 
ATOM   17   C  CG1 . VAL A 1 5   ? -9.145  22.043  -0.416  1.00   20.45 ? 5    VAL A CG1 1 
ATOM   18   C  CG2 . VAL A 1 5   ? -8.847  22.106  2.080   1.00   20.68 ? 5    VAL A CG2 1 
ATOM   19   N  N   . GLY A 1 6   ? -6.064  19.435  1.634   1.00   20.00 ? 6    GLY A N   1 
ATOM   20   C  CA  . GLY A 1 6   ? -5.088  19.041  2.634   1.00   19.81 ? 6    GLY A CA  1 
ATOM   21   C  C   . GLY A 1 6   ? -4.811  17.552  2.662   1.00   19.71 ? 6    GLY A C   1 
ATOM   22   O  O   . GLY A 1 6   ? -4.692  16.915  1.616   1.00   19.64 ? 6    GLY A O   1 
ATOM   23   N  N   . GLU A 1 7   ? -4.718  17.002  3.870   1.00   19.61 ? 7    GLU A N   1 
ATOM   24   C  CA  . GLU A 1 7   ? -4.298  15.616  4.064   1.00   19.58 ? 7    GLU A CA  1 
ATOM   25   C  C   . GLU A 1 7   ? -4.981  14.936  5.253   1.00   19.52 ? 7    GLU A C   1 
ATOM   26   O  O   . GLU A 1 7   ? -5.628  15.591  6.075   1.00   19.38 ? 7    GLU A O   1 
ATOM   27   C  CB  . GLU A 1 7   ? -2.772  15.543  4.228   1.00   19.65 ? 7    GLU A CB  1 
ATOM   28   C  CG  . GLU A 1 7   ? -2.242  16.235  5.477   1.00   19.88 ? 7    GLU A CG  1 
ATOM   29   C  CD  . GLU A 1 7   ? -0.754  16.034  5.678   1.00   19.89 ? 7    GLU A CD  1 
ATOM   30   O  OE1 . GLU A 1 7   ? 0.023   16.372  4.761   1.00   19.61 ? 7    GLU A OE1 1 
ATOM   31   O  OE2 . GLU A 1 7   ? -0.361  15.542  6.756   1.00   20.51 ? 7    GLU A OE2 1 
ATOM   32   N  N   . LYS A 1 8   ? -4.820  13.616  5.326   1.00   19.45 ? 8    LYS A N   1 
ATOM   33   C  CA  . LYS A 1 8   ? -5.272  12.819  6.462   1.00   19.48 ? 8    LYS A CA  1 
ATOM   34   C  C   . LYS A 1 8   ? -4.276  11.686  6.687   1.00   19.45 ? 8    LYS A C   1 
ATOM   35   O  O   . LYS A 1 8   ? -4.089  10.836  5.814   1.00   19.19 ? 8    LYS A O   1 
ATOM   36   C  CB  . LYS A 1 8   ? -6.676  12.260  6.212   1.00   19.51 ? 8    LYS A CB  1 
ATOM   37   C  CG  . LYS A 1 8   ? -7.303  11.555  7.412   1.00   19.82 ? 8    LYS A CG  1 
ATOM   38   C  CD  . LYS A 1 8   ? -8.650  10.949  7.048   1.00   20.57 ? 8    LYS A CD  1 
ATOM   39   C  CE  . LYS A 1 8   ? -9.142  9.996   8.129   1.00   21.25 ? 8    LYS A CE  1 
ATOM   40   N  NZ  . LYS A 1 8   ? -10.434 9.883   7.852   0.0000 20.68 ? 8    LYS A NZ  1 
HETATM 41   N  N   . MSE A 1 9   ? -3.631  11.690  7.852   1.00   19.50 ? 9    MSE A N   1 
HETATM 42   C  CA  . MSE A 1 9   ? -2.635  10.677  8.196   1.00   19.76 ? 9    MSE A CA  1 
HETATM 43   C  C   . MSE A 1 9   ? -3.298  9.323   8.438   1.00   19.25 ? 9    MSE A C   1 
HETATM 44   O  O   . MSE A 1 9   ? -4.297  9.230   9.155   1.00   19.17 ? 9    MSE A O   1 
HETATM 45   C  CB  . MSE A 1 9   ? -1.820  11.114  9.423   1.00   20.22 ? 9    MSE A CB  1 
HETATM 46   C  CG  . MSE A 1 9   ? -0.614  10.228  9.754   1.00   22.14 ? 9    MSE A CG  1 
HETATM 47   SE SE  . MSE A 1 9   ? 0.832   10.259  8.423   1.00   28.43 ? 9    MSE A SE  1 
HETATM 48   C  CE  . MSE A 1 9   ? 1.560   12.041  8.783   1.00   26.53 ? 9    MSE A CE  1 
ATOM   49   N  N   . LEU A 1 10  ? -2.748  8.285   7.812   1.00   18.68 ? 10   LEU A N   1 
ATOM   50   C  CA  . LEU A 1 10  ? -3.212  6.916   8.024   1.00   18.26 ? 10   LEU A CA  1 
ATOM   51   C  C   . LEU A 1 10  ? -2.301  6.177   9.007   1.00   17.91 ? 10   LEU A C   1 
ATOM   52   O  O   . LEU A 1 10  ? -2.781  5.425   9.860   1.00   17.91 ? 10   LEU A O   1 
ATOM   53   C  CB  . LEU A 1 10  ? -3.314  6.150   6.697   1.00   18.23 ? 10   LEU A CB  1 
ATOM   54   C  CG  . LEU A 1 10  ? -4.308  6.626   5.627   1.00   18.11 ? 10   LEU A CG  1 
ATOM   55   C  CD1 . LEU A 1 10  ? -4.066  5.895   4.315   1.00   17.74 ? 10   LEU A CD1 1 
ATOM   56   C  CD2 . LEU A 1 10  ? -5.760  6.459   6.062   1.00   18.28 ? 10   LEU A CD2 1 
ATOM   57   N  N   . ASP A 1 11  ? -0.991  6.394   8.884   1.00   17.46 ? 11   ASP A N   1 
ATOM   58   C  CA  . ASP A 1 11  ? -0.014  5.801   9.799   1.00   17.08 ? 11   ASP A CA  1 
ATOM   59   C  C   . ASP A 1 11  ? 1.339   6.509   9.775   1.00   16.98 ? 11   ASP A C   1 
ATOM   60   O  O   . ASP A 1 11  ? 2.043   6.492   8.760   1.00   16.82 ? 11   ASP A O   1 
ATOM   61   C  CB  . ASP A 1 11  ? 0.180   4.305   9.507   1.00   16.97 ? 11   ASP A CB  1 
ATOM   62   C  CG  . ASP A 1 11  ? 0.359   3.478   10.772  1.00   16.60 ? 11   ASP A CG  1 
ATOM   63   O  OD1 . ASP A 1 11  ? 0.887   4.007   11.774  1.00   16.08 ? 11   ASP A OD1 1 
ATOM   64   O  OD2 . ASP A 1 11  ? 0.001   2.284   10.853  1.00   15.77 ? 11   ASP A OD2 1 
ATOM   65   N  N   . ASP A 1 12  ? 1.692   7.133   10.898  1.00   16.80 ? 12   ASP A N   1 
ATOM   66   C  CA  . ASP A 1 12  ? 3.039   7.671   11.091  1.00   16.86 ? 12   ASP A CA  1 
ATOM   67   C  C   . ASP A 1 12  ? 3.859   6.746   11.992  1.00   16.68 ? 12   ASP A C   1 
ATOM   68   O  O   . ASP A 1 12  ? 5.009   7.044   12.332  1.00   16.60 ? 12   ASP A O   1 
ATOM   69   C  CB  . ASP A 1 12  ? 3.001   9.109   11.638  1.00   16.93 ? 12   ASP A CB  1 
ATOM   70   C  CG  . ASP A 1 12  ? 2.202   9.243   12.934  1.00   17.40 ? 12   ASP A CG  1 
ATOM   71   O  OD1 . ASP A 1 12  ? 1.872   8.222   13.577  1.00   17.66 ? 12   ASP A OD1 1 
ATOM   72   O  OD2 . ASP A 1 12  ? 1.861   10.354  13.390  1.00   18.29 ? 12   ASP A OD2 1 
ATOM   73   N  N   . PHE A 1 13  ? 3.240   5.626   12.370  1.00   16.68 ? 13   PHE A N   1 
ATOM   74   C  CA  . PHE A 1 13  ? 3.854   4.563   13.175  1.00   16.58 ? 13   PHE A CA  1 
ATOM   75   C  C   . PHE A 1 13  ? 4.240   4.962   14.608  1.00   16.79 ? 13   PHE A C   1 
ATOM   76   O  O   . PHE A 1 13  ? 4.999   4.255   15.275  1.00   16.72 ? 13   PHE A O   1 
ATOM   77   C  CB  . PHE A 1 13  ? 5.018   3.898   12.422  1.00   16.60 ? 13   PHE A CB  1 
ATOM   78   C  CG  . PHE A 1 13  ? 4.606   3.281   11.117  1.00   16.09 ? 13   PHE A CG  1 
ATOM   79   C  CD1 . PHE A 1 13  ? 4.793   3.965   9.920   1.00   15.95 ? 13   PHE A CD1 1 
ATOM   80   C  CD2 . PHE A 1 13  ? 4.001   2.028   11.086  1.00   16.05 ? 13   PHE A CD2 1 
ATOM   81   C  CE1 . PHE A 1 13  ? 4.399   3.403   8.709   1.00   15.54 ? 13   PHE A CE1 1 
ATOM   82   C  CE2 . PHE A 1 13  ? 3.601   1.457   9.880   1.00   15.68 ? 13   PHE A CE2 1 
ATOM   83   C  CZ  . PHE A 1 13  ? 3.803   2.145   8.692   1.00   15.39 ? 13   PHE A CZ  1 
ATOM   84   N  N   . GLU A 1 14  ? 3.695   6.082   15.075  1.00   16.96 ? 14   GLU A N   1 
ATOM   85   C  CA  . GLU A 1 14  ? 3.931   6.545   16.442  1.00   17.24 ? 14   GLU A CA  1 
ATOM   86   C  C   . GLU A 1 14  ? 2.838   6.080   17.404  1.00   17.31 ? 14   GLU A C   1 
ATOM   87   O  O   . GLU A 1 14  ? 3.007   6.147   18.625  1.00   17.51 ? 14   GLU A O   1 
ATOM   88   C  CB  . GLU A 1 14  ? 4.075   8.074   16.495  1.00   17.28 ? 14   GLU A CB  1 
ATOM   89   C  CG  . GLU A 1 14  ? 4.852   8.702   15.340  1.00   17.38 ? 14   GLU A CG  1 
ATOM   90   C  CD  . GLU A 1 14  ? 6.314   8.283   15.272  1.00   17.29 ? 14   GLU A CD  1 
ATOM   91   O  OE1 . GLU A 1 14  ? 6.968   8.621   14.264  1.00   17.14 ? 14   GLU A OE1 1 
ATOM   92   O  OE2 . GLU A 1 14  ? 6.820   7.625   16.207  1.00   17.40 ? 14   GLU A OE2 1 
ATOM   93   N  N   . GLY A 1 15  ? 1.722   5.611   16.847  1.00   17.22 ? 15   GLY A N   1 
ATOM   94   C  CA  . GLY A 1 15  ? 0.607   5.121   17.638  1.00   17.21 ? 15   GLY A CA  1 
ATOM   95   C  C   . GLY A 1 15  ? 0.548   3.606   17.703  1.00   17.21 ? 15   GLY A C   1 
ATOM   96   O  O   . GLY A 1 15  ? 1.579   2.939   17.828  1.00   17.09 ? 15   GLY A O   1 
ATOM   97   N  N   . VAL A 1 16  ? -0.666  3.066   17.613  1.00   17.19 ? 16   VAL A N   1 
ATOM   98   C  CA  . VAL A 1 16  ? -0.884  1.620   17.679  1.00   17.28 ? 16   VAL A CA  1 
ATOM   99   C  C   . VAL A 1 16  ? -0.352  0.911   16.430  1.00   17.21 ? 16   VAL A C   1 
ATOM   100  O  O   . VAL A 1 16  ? -0.192  1.529   15.372  1.00   17.23 ? 16   VAL A O   1 
ATOM   101  C  CB  . VAL A 1 16  ? -2.382  1.256   17.921  1.00   17.32 ? 16   VAL A CB  1 
ATOM   102  C  CG1 . VAL A 1 16  ? -2.940  2.018   19.116  1.00   17.44 ? 16   VAL A CG1 1 
ATOM   103  C  CG2 . VAL A 1 16  ? -3.230  1.518   16.679  1.00   17.59 ? 16   VAL A CG2 1 
ATOM   104  N  N   . LEU A 1 17  ? -0.070  -0.381  16.566  1.00   17.15 ? 17   LEU A N   1 
ATOM   105  C  CA  . LEU A 1 17  ? 0.410   -1.183  15.447  1.00   17.13 ? 17   LEU A CA  1 
ATOM   106  C  C   . LEU A 1 17  ? -0.778  -1.673  14.622  1.00   16.89 ? 17   LEU A C   1 
ATOM   107  O  O   . LEU A 1 17  ? -1.674  -2.346  15.140  1.00   16.99 ? 17   LEU A O   1 
ATOM   108  C  CB  . LEU A 1 17  ? 1.288   -2.338  15.943  1.00   17.35 ? 17   LEU A CB  1 
ATOM   109  C  CG  . LEU A 1 17  ? 2.779   -2.002  16.119  1.00   17.87 ? 17   LEU A CG  1 
ATOM   110  C  CD1 . LEU A 1 17  ? 3.058   -1.299  17.444  1.00   18.45 ? 17   LEU A CD1 1 
ATOM   111  C  CD2 . LEU A 1 17  ? 3.644   -3.245  15.990  1.00   18.61 ? 17   LEU A CD2 1 
ATOM   112  N  N   . ASN A 1 18  ? -0.778  -1.313  13.342  1.00   16.37 ? 18   ASN A N   1 
ATOM   113  C  CA  . ASN A 1 18  ? -1.933  -1.509  12.468  1.00   16.02 ? 18   ASN A CA  1 
ATOM   114  C  C   . ASN A 1 18  ? -1.740  -2.568  11.389  1.00   15.80 ? 18   ASN A C   1 
ATOM   115  O  O   . ASN A 1 18  ? -2.711  -3.036  10.795  1.00   15.72 ? 18   ASN A O   1 
ATOM   116  C  CB  . ASN A 1 18  ? -2.303  -0.185  11.787  1.00   15.95 ? 18   ASN A CB  1 
ATOM   117  C  CG  . ASN A 1 18  ? -2.854  0.842   12.757  1.00   15.80 ? 18   ASN A CG  1 
ATOM   118  O  OD1 . ASN A 1 18  ? -3.701  0.533   13.595  1.00   15.17 ? 18   ASN A OD1 1 
ATOM   119  N  ND2 . ASN A 1 18  ? -2.379  2.076   12.638  1.00   15.46 ? 18   ASN A ND2 1 
ATOM   120  N  N   . TRP A 1 19  ? -0.488  -2.938  11.140  1.00   15.51 ? 19   TRP A N   1 
ATOM   121  C  CA  . TRP A 1 19  ? -0.151  -3.736  9.965   1.00   15.29 ? 19   TRP A CA  1 
ATOM   122  C  C   . TRP A 1 19  ? 0.072   -5.213  10.264  1.00   15.31 ? 19   TRP A C   1 
ATOM   123  O  O   . TRP A 1 19  ? 0.797   -5.572  11.198  1.00   15.39 ? 19   TRP A O   1 
ATOM   124  C  CB  . TRP A 1 19  ? 1.063   -3.137  9.247   1.00   15.11 ? 19   TRP A CB  1 
ATOM   125  C  CG  . TRP A 1 19  ? 0.801   -1.764  8.679   1.00   14.61 ? 19   TRP A CG  1 
ATOM   126  C  CD1 . TRP A 1 19  ? 0.687   -0.593  9.377   1.00   14.31 ? 19   TRP A CD1 1 
ATOM   127  C  CD2 . TRP A 1 19  ? 0.620   -1.422  7.299   1.00   14.27 ? 19   TRP A CD2 1 
ATOM   128  N  NE1 . TRP A 1 19  ? 0.444   0.452   8.517   1.00   14.16 ? 19   TRP A NE1 1 
ATOM   129  C  CE2 . TRP A 1 19  ? 0.399   -0.028  7.235   1.00   14.05 ? 19   TRP A CE2 1 
ATOM   130  C  CE3 . TRP A 1 19  ? 0.623   -2.155  6.103   1.00   13.75 ? 19   TRP A CE3 1 
ATOM   131  C  CZ2 . TRP A 1 19  ? 0.182   0.646   6.026   1.00   13.74 ? 19   TRP A CZ2 1 
ATOM   132  C  CZ3 . TRP A 1 19  ? 0.409   -1.483  4.902   1.00   13.81 ? 19   TRP A CZ3 1 
ATOM   133  C  CH2 . TRP A 1 19  ? 0.192   -0.097  4.875   1.00   13.53 ? 19   TRP A CH2 1 
ATOM   134  N  N   . GLY A 1 20  ? -0.573  -6.058  9.462   1.00   15.12 ? 20   GLY A N   1 
ATOM   135  C  CA  . GLY A 1 20  ? -0.403  -7.499  9.527   1.00   15.03 ? 20   GLY A CA  1 
ATOM   136  C  C   . GLY A 1 20  ? 0.406   -7.994  8.343   1.00   14.98 ? 20   GLY A C   1 
ATOM   137  O  O   . GLY A 1 20  ? 0.530   -7.297  7.334   1.00   14.91 ? 20   GLY A O   1 
ATOM   138  N  N   . SER A 1 21  ? 0.967   -9.192  8.474   1.00   14.86 ? 21   SER A N   1 
ATOM   139  C  CA  . SER A 1 21  ? 1.794   -9.785  7.429   1.00   14.90 ? 21   SER A CA  1 
ATOM   140  C  C   . SER A 1 21  ? 1.152   -11.057 6.883   1.00   14.98 ? 21   SER A C   1 
ATOM   141  O  O   . SER A 1 21  ? 0.446   -11.768 7.605   1.00   15.01 ? 21   SER A O   1 
ATOM   142  C  CB  . SER A 1 21  ? 3.197   -10.091 7.964   1.00   14.91 ? 21   SER A CB  1 
ATOM   143  O  OG  . SER A 1 21  ? 3.892   -8.740  7.986   0.0000 15.52 ? 21   SER A OG  1 
ATOM   144  N  N   . TYR A 1 22  ? 1.397   -11.331 5.604   1.00   14.96 ? 22   TYR A N   1 
ATOM   145  C  CA  . TYR A 1 22  ? 0.912   -12.552 4.966   1.00   14.97 ? 22   TYR A CA  1 
ATOM   146  C  C   . TYR A 1 22  ? 1.885   -13.039 3.898   1.00   15.15 ? 22   TYR A C   1 
ATOM   147  O  O   . TYR A 1 22  ? 2.558   -12.236 3.243   1.00   14.99 ? 22   TYR A O   1 
ATOM   148  C  CB  . TYR A 1 22  ? -0.485  -12.348 4.366   1.00   14.98 ? 22   TYR A CB  1 
ATOM   149  C  CG  . TYR A 1 22  ? -0.554  -11.318 3.256   1.00   14.84 ? 22   TYR A CG  1 
ATOM   150  C  CD1 . TYR A 1 22  ? -0.863  -9.987  3.533   1.00   15.06 ? 22   TYR A CD1 1 
ATOM   151  C  CD2 . TYR A 1 22  ? -0.316  -11.678 1.929   1.00   14.68 ? 22   TYR A CD2 1 
ATOM   152  C  CE1 . TYR A 1 22  ? -0.924  -9.036  2.514   1.00   15.13 ? 22   TYR A CE1 1 
ATOM   153  C  CE2 . TYR A 1 22  ? -0.374  -10.738 0.907   1.00   15.08 ? 22   TYR A CE2 1 
ATOM   154  C  CZ  . TYR A 1 22  ? -0.681  -9.423  1.206   1.00   15.11 ? 22   TYR A CZ  1 
ATOM   155  O  OH  . TYR A 1 22  ? -0.734  -8.497  0.192   1.00   15.76 ? 22   TYR A OH  1 
ATOM   156  N  N   . SER A 1 23  ? 1.951   -14.356 3.733   1.00   15.26 ? 23   SER A N   1 
ATOM   157  C  CA  . SER A 1 23  ? 2.774   -14.965 2.693   1.00   15.48 ? 23   SER A CA  1 
ATOM   158  C  C   . SER A 1 23  ? 2.273   -16.360 2.328   1.00   15.59 ? 23   SER A C   1 
ATOM   159  O  O   . SER A 1 23  ? 1.432   -16.935 3.026   1.00   15.60 ? 23   SER A O   1 
ATOM   160  C  CB  . SER A 1 23  ? 4.251   -15.004 3.112   1.00   15.43 ? 23   SER A CB  1 
ATOM   161  O  OG  . SER A 1 23  ? 4.453   -15.851 4.230   1.00   15.83 ? 23   SER A OG  1 
ATOM   162  N  N   . GLY A 1 24  ? 2.784   -16.890 1.223   1.00   15.69 ? 24   GLY A N   1 
ATOM   163  C  CA  . GLY A 1 24  ? 2.435   -18.227 0.788   1.00   15.99 ? 24   GLY A CA  1 
ATOM   164  C  C   . GLY A 1 24  ? 3.299   -18.708 -0.353  1.00   16.14 ? 24   GLY A C   1 
ATOM   165  O  O   . GLY A 1 24  ? 4.047   -17.930 -0.952  1.00   16.15 ? 24   GLY A O   1 
ATOM   166  N  N   . GLU A 1 25  ? 3.194   -20.005 -0.640  1.00   16.38 ? 25   GLU A N   1 
ATOM   167  C  CA  . GLU A 1 25  ? 3.891   -20.648 -1.758  1.00   16.60 ? 25   GLU A CA  1 
ATOM   168  C  C   . GLU A 1 25  ? 5.415   -20.456 -1.742  1.00   16.59 ? 25   GLU A C   1 
ATOM   169  O  O   . GLU A 1 25  ? 6.046   -20.314 -2.793  1.00   16.65 ? 25   GLU A O   1 
ATOM   170  C  CB  . GLU A 1 25  ? 3.281   -20.219 -3.106  1.00   16.64 ? 25   GLU A CB  1 
ATOM   171  C  CG  . GLU A 1 25  ? 1.813   -20.598 -3.295  1.00   17.30 ? 25   GLU A CG  1 
ATOM   172  C  CD  . GLU A 1 25  ? 1.547   -22.091 -3.157  1.00   17.93 ? 25   GLU A CD  1 
ATOM   173  O  OE1 . GLU A 1 25  ? 0.447   -22.457 -2.696  1.00   18.86 ? 25   GLU A OE1 1 
ATOM   174  O  OE2 . GLU A 1 25  ? 2.427   -22.902 -3.510  1.00   18.95 ? 25   GLU A OE2 1 
ATOM   175  N  N   . GLY A 1 26  ? 5.995   -20.461 -0.544  1.00   16.57 ? 26   GLY A N   1 
ATOM   176  C  CA  . GLY A 1 26  ? 7.440   -20.421 -0.388  1.00   16.63 ? 26   GLY A CA  1 
ATOM   177  C  C   . GLY A 1 26  ? 8.018   -19.090 0.055   1.00   16.59 ? 26   GLY A C   1 
ATOM   178  O  O   . GLY A 1 26  ? 9.093   -19.053 0.659   1.00   16.59 ? 26   GLY A O   1 
ATOM   179  N  N   . ALA A 1 27  ? 7.321   -17.999 -0.257  1.00   16.48 ? 27   ALA A N   1 
ATOM   180  C  CA  . ALA A 1 27  ? 7.768   -16.664 0.137   1.00   16.44 ? 27   ALA A CA  1 
ATOM   181  C  C   . ALA A 1 27  ? 7.542   -16.418 1.627   1.00   16.48 ? 27   ALA A C   1 
ATOM   182  O  O   . ALA A 1 27  ? 6.649   -17.011 2.234   1.00   16.33 ? 27   ALA A O   1 
ATOM   183  C  CB  . ALA A 1 27  ? 7.074   -15.594 -0.699  1.00   16.39 ? 27   ALA A CB  1 
ATOM   184  N  N   . LYS A 1 28  ? 8.366   -15.550 2.209   1.00   16.52 ? 28   LYS A N   1 
ATOM   185  C  CA  . LYS A 1 28  ? 8.277   -15.218 3.630   1.00   16.53 ? 28   LYS A CA  1 
ATOM   186  C  C   . LYS A 1 28  ? 8.408   -13.714 3.848   1.00   16.59 ? 28   LYS A C   1 
ATOM   187  O  O   . LYS A 1 28  ? 9.154   -13.035 3.138   1.00   16.53 ? 28   LYS A O   1 
ATOM   188  C  CB  . LYS A 1 28  ? 9.358   -15.958 4.423   1.00   16.54 ? 28   LYS A CB  1 
ATOM   189  C  CG  . LYS A 1 28  ? 9.098   -17.450 4.601   1.00   16.83 ? 28   LYS A CG  1 
ATOM   190  C  CD  . LYS A 1 28  ? 8.132   -17.805 4.676   0.0000 17.53 ? 28   LYS A CD  1 
ATOM   191  C  CE  . LYS A 1 28  ? 7.953   -19.230 4.172   0.0000 17.86 ? 28   LYS A CE  1 
ATOM   192  N  NZ  . LYS A 1 28  ? 6.695   -19.844 4.687   0.0000 18.02 ? 28   LYS A NZ  1 
ATOM   193  N  N   . VAL A 1 29  ? 7.675   -13.201 4.834   1.00   16.68 ? 29   VAL A N   1 
ATOM   194  C  CA  . VAL A 1 29  ? 7.722   -11.781 5.179   1.00   16.69 ? 29   VAL A CA  1 
ATOM   195  C  C   . VAL A 1 29  ? 7.620   -11.577 6.694   1.00   16.79 ? 29   VAL A C   1 
ATOM   196  O  O   . VAL A 1 29  ? 6.923   -12.322 7.387   1.00   16.83 ? 29   VAL A O   1 
ATOM   197  C  CB  . VAL A 1 29  ? 6.626   -10.964 4.422   1.00   16.78 ? 29   VAL A CB  1 
ATOM   198  C  CG1 . VAL A 1 29  ? 5.220   -11.310 4.918   1.00   16.65 ? 29   VAL A CG1 1 
ATOM   199  C  CG2 . VAL A 1 29  ? 6.886   -9.461  4.520   1.00   16.57 ? 29   VAL A CG2 1 
ATOM   200  N  N   . SER A 1 30  ? 8.339   -10.577 7.195   1.00   16.85 ? 30   SER A N   1 
ATOM   201  C  CA  . SER A 1 30  ? 8.239   -10.168 8.592   1.00   16.96 ? 30   SER A CA  1 
ATOM   202  C  C   . SER A 1 30  ? 8.350   -8.652  8.709   1.00   16.99 ? 30   SER A C   1 
ATOM   203  O  O   . SER A 1 30  ? 9.047   -8.009  7.917   1.00   17.07 ? 30   SER A O   1 
ATOM   204  C  CB  . SER A 1 30  ? 9.310   -10.857 9.445   1.00   16.94 ? 30   SER A CB  1 
ATOM   205  O  OG  . SER A 1 30  ? 10.613  -10.461 9.056   1.00   17.30 ? 30   SER A OG  1 
ATOM   206  N  N   . THR A 1 31  ? 7.651   -8.087  9.692   1.00   16.97 ? 31   THR A N   1 
ATOM   207  C  CA  . THR A 1 31  ? 7.668   -6.643  9.926   1.00   16.99 ? 31   THR A CA  1 
ATOM   208  C  C   . THR A 1 31  ? 8.012   -6.309  11.375  1.00   17.19 ? 31   THR A C   1 
ATOM   209  O  O   . THR A 1 31  ? 7.717   -7.082  12.292  1.00   17.04 ? 31   THR A O   1 
ATOM   210  C  CB  . THR A 1 31  ? 6.313   -5.989  9.550   1.00   16.95 ? 31   THR A CB  1 
ATOM   211  O  OG1 . THR A 1 31  ? 5.296   -6.435  10.455  1.00   16.76 ? 31   THR A OG1 1 
ATOM   212  C  CG2 . THR A 1 31  ? 5.820   -6.465  8.182   1.00   16.70 ? 31   THR A CG2 1 
ATOM   213  N  N   . LYS A 1 32  ? 8.633   -5.147  11.566  1.00   17.36 ? 32   LYS A N   1 
ATOM   214  C  CA  . LYS A 1 32  ? 8.964   -4.641  12.896  1.00   17.69 ? 32   LYS A CA  1 
ATOM   215  C  C   . LYS A 1 32  ? 9.080   -3.118  12.893  1.00   17.70 ? 32   LYS A C   1 
ATOM   216  O  O   . LYS A 1 32  ? 9.345   -2.507  11.854  1.00   17.38 ? 32   LYS A O   1 
ATOM   217  C  CB  . LYS A 1 32  ? 10.263  -5.272  13.419  1.00   17.81 ? 32   LYS A CB  1 
ATOM   218  C  CG  . LYS A 1 32  ? 11.478  -5.057  12.528  1.00   18.31 ? 32   LYS A CG  1 
ATOM   219  C  CD  . LYS A 1 32  ? 12.628  -5.955  12.949  1.00   19.28 ? 32   LYS A CD  1 
ATOM   220  C  CE  . LYS A 1 32  ? 13.960  -5.370  12.524  1.00   19.31 ? 32   LYS A CE  1 
ATOM   221  N  NZ  . LYS A 1 32  ? 15.090  -6.053  13.209  1.00   20.36 ? 32   LYS A NZ  1 
ATOM   222  N  N   . ILE A 1 33  ? 8.876   -2.521  14.066  1.00   17.83 ? 33   ILE A N   1 
ATOM   223  C  CA  . ILE A 1 33  ? 9.026   -1.083  14.250  1.00   18.18 ? 33   ILE A CA  1 
ATOM   224  C  C   . ILE A 1 33  ? 10.499  -0.731  14.445  1.00   18.31 ? 33   ILE A C   1 
ATOM   225  O  O   . ILE A 1 33  ? 11.170  -1.280  15.327  1.00   18.38 ? 33   ILE A O   1 
ATOM   226  C  CB  . ILE A 1 33  ? 8.172   -0.590  15.456  1.00   18.15 ? 33   ILE A CB  1 
ATOM   227  C  CG1 . ILE A 1 33  ? 6.675   -0.883  15.239  1.00   18.42 ? 33   ILE A CG1 1 
ATOM   228  C  CG2 . ILE A 1 33  ? 8.424   0.895   15.746  1.00   18.32 ? 33   ILE A CG2 1 
ATOM   229  C  CD1 . ILE A 1 33  ? 6.038   -0.208  14.017  1.00   19.13 ? 33   ILE A CD1 1 
ATOM   230  N  N   . VAL A 1 34  ? 10.992  0.176   13.604  1.00   18.36 ? 34   VAL A N   1 
ATOM   231  C  CA  . VAL A 1 34  ? 12.362  0.683   13.687  1.00   18.51 ? 34   VAL A CA  1 
ATOM   232  C  C   . VAL A 1 34  ? 12.350  2.211   13.588  1.00   18.59 ? 34   VAL A C   1 
ATOM   233  O  O   . VAL A 1 34  ? 11.289  2.832   13.683  1.00   18.52 ? 34   VAL A O   1 
ATOM   234  C  CB  . VAL A 1 34  ? 13.276  0.088   12.571  1.00   18.53 ? 34   VAL A CB  1 
ATOM   235  C  CG1 . VAL A 1 34  ? 13.518  -1.403  12.789  1.00   18.66 ? 34   VAL A CG1 1 
ATOM   236  C  CG2 . VAL A 1 34  ? 12.702  0.353   11.177  1.00   18.50 ? 34   VAL A CG2 1 
ATOM   237  N  N   . SER A 1 35  ? 13.526  2.813   13.408  1.00   18.68 ? 35   SER A N   1 
ATOM   238  C  CA  . SER A 1 35  ? 13.624  4.247   13.146  1.00   18.76 ? 35   SER A CA  1 
ATOM   239  C  C   . SER A 1 35  ? 13.098  4.556   11.747  1.00   18.71 ? 35   SER A C   1 
ATOM   240  O  O   . SER A 1 35  ? 13.513  3.930   10.769  1.00   18.76 ? 35   SER A O   1 
ATOM   241  C  CB  . SER A 1 35  ? 15.070  4.730   13.286  1.00   18.78 ? 35   SER A CB  1 
ATOM   242  O  OG  . SER A 1 35  ? 15.583  4.437   14.574  1.00   19.18 ? 35   SER A OG  1 
ATOM   243  N  N   . GLY A 1 36  ? 12.178  5.512   11.663  1.00   18.66 ? 36   GLY A N   1 
ATOM   244  C  CA  . GLY A 1 36  ? 11.603  5.928   10.395  1.00   18.64 ? 36   GLY A CA  1 
ATOM   245  C  C   . GLY A 1 36  ? 12.197  7.229   9.895   1.00   18.70 ? 36   GLY A C   1 
ATOM   246  O  O   . GLY A 1 36  ? 13.327  7.581   10.252  1.00   18.65 ? 36   GLY A O   1 
ATOM   247  N  N   . LYS A 1 37  ? 11.441  7.937   9.056   1.00   18.72 ? 37   LYS A N   1 
ATOM   248  C  CA  . LYS A 1 37  ? 11.839  9.261   8.576   1.00   18.85 ? 37   LYS A CA  1 
ATOM   249  C  C   . LYS A 1 37  ? 11.918  10.213  9.768   1.00   18.95 ? 37   LYS A C   1 
ATOM   250  O  O   . LYS A 1 37  ? 12.936  10.875  9.984   1.00   18.90 ? 37   LYS A O   1 
ATOM   251  C  CB  . LYS A 1 37  ? 10.847  9.772   7.520   1.00   18.88 ? 37   LYS A CB  1 
ATOM   252  C  CG  . LYS A 1 37  ? 11.106  11.193  7.025   1.00   19.21 ? 37   LYS A CG  1 
ATOM   253  C  CD  . LYS A 1 37  ? 11.967  11.205  5.771   1.00   19.61 ? 37   LYS A CD  1 
ATOM   254  C  CE  . LYS A 1 37  ? 12.246  12.628  5.307   1.00   20.04 ? 37   LYS A CE  1 
ATOM   255  N  NZ  . LYS A 1 37  ? 13.054  13.089  3.833   0.0000 20.04 ? 37   LYS A NZ  1 
ATOM   256  N  N   . THR A 1 38  ? 10.830  10.265  10.534  1.00   18.98 ? 38   THR A N   1 
ATOM   257  C  CA  . THR A 1 38  ? 10.803  10.922  11.837  1.00   19.04 ? 38   THR A CA  1 
ATOM   258  C  C   . THR A 1 38  ? 10.188  9.942   12.824  1.00   18.90 ? 38   THR A C   1 
ATOM   259  O  O   . THR A 1 38  ? 9.202   9.272   12.505  1.00   18.79 ? 38   THR A O   1 
ATOM   260  C  CB  . THR A 1 38  ? 9.980   12.228  11.799  1.00   19.05 ? 38   THR A CB  1 
ATOM   261  O  OG1 . THR A 1 38  ? 8.775   12.020  11.051  1.00   19.76 ? 38   THR A OG1 1 
ATOM   262  C  CG2 . THR A 1 38  ? 10.709  13.309  11.011  1.00   19.30 ? 38   THR A CG2 1 
ATOM   263  N  N   . GLY A 1 39  ? 10.780  9.848   14.013  1.00   18.72 ? 39   GLY A N   1 
ATOM   264  C  CA  . GLY A 1 39  ? 10.338  8.897   15.018  1.00   18.55 ? 39   GLY A CA  1 
ATOM   265  C  C   . GLY A 1 39  ? 10.402  7.462   14.524  1.00   18.55 ? 39   GLY A C   1 
ATOM   266  O  O   . GLY A 1 39  ? 11.426  7.024   13.991  1.00   18.41 ? 39   GLY A O   1 
ATOM   267  N  N   . ASN A 1 40  ? 9.297   6.740   14.690  1.00   18.48 ? 40   ASN A N   1 
ATOM   268  C  CA  . ASN A 1 40  ? 9.211   5.338   14.295  1.00   18.50 ? 40   ASN A CA  1 
ATOM   269  C  C   . ASN A 1 40  ? 8.804   5.143   12.834  1.00   18.41 ? 40   ASN A C   1 
ATOM   270  O  O   . ASN A 1 40  ? 8.137   5.993   12.239  1.00   18.23 ? 40   ASN A O   1 
ATOM   271  C  CB  . ASN A 1 40  ? 8.225   4.584   15.194  1.00   18.67 ? 40   ASN A CB  1 
ATOM   272  C  CG  . ASN A 1 40  ? 8.709   4.449   16.629  1.00   19.07 ? 40   ASN A CG  1 
ATOM   273  O  OD1 . ASN A 1 40  ? 9.894   4.237   16.890  1.00   20.01 ? 40   ASN A OD1 1 
ATOM   274  N  ND2 . ASN A 1 40  ? 7.780   4.559   17.571  1.00   19.99 ? 40   ASN A ND2 1 
ATOM   275  N  N   . GLY A 1 41  ? 9.225   4.016   12.271  1.00   18.38 ? 41   GLY A N   1 
ATOM   276  C  CA  . GLY A 1 41  ? 8.776   3.561   10.968  1.00   18.24 ? 41   GLY A CA  1 
ATOM   277  C  C   . GLY A 1 41  ? 8.671   2.049   10.994  1.00   18.28 ? 41   GLY A C   1 
ATOM   278  O  O   . GLY A 1 41  ? 9.084   1.418   11.971  1.00   18.11 ? 41   GLY A O   1 
HETATM 279  N  N   . MSE A 1 42  ? 8.119   1.462   9.935   1.00   18.28 ? 42   MSE A N   1 
HETATM 280  C  CA  . MSE A 1 42  ? 8.005   0.009   9.853   1.00   18.45 ? 42   MSE A CA  1 
HETATM 281  C  C   . MSE A 1 42  ? 8.962   -0.573  8.819   1.00   18.19 ? 42   MSE A C   1 
HETATM 282  O  O   . MSE A 1 42  ? 8.910   -0.217  7.640   1.00   17.91 ? 42   MSE A O   1 
HETATM 283  C  CB  . MSE A 1 42  ? 6.562   -0.418  9.550   1.00   18.75 ? 42   MSE A CB  1 
HETATM 284  C  CG  . MSE A 1 42  ? 6.379   -1.925  9.397   1.00   20.03 ? 42   MSE A CG  1 
HETATM 285  SE SE  . MSE A 1 42  ? 4.584   -2.470  8.848   1.00   24.63 ? 42   MSE A SE  1 
HETATM 286  C  CE  . MSE A 1 42  ? 4.485   -1.616  7.113   1.00   22.93 ? 42   MSE A CE  1 
ATOM   287  N  N   . GLU A 1 43  ? 9.834   -1.469  9.278   1.00   18.03 ? 43   GLU A N   1 
ATOM   288  C  CA  . GLU A 1 43  ? 10.713  -2.221  8.390   1.00   17.86 ? 43   GLU A CA  1 
ATOM   289  C  C   . GLU A 1 43  ? 10.011  -3.482  7.906   1.00   17.72 ? 43   GLU A C   1 
ATOM   290  O  O   . GLU A 1 43  ? 9.436   -4.229  8.703   1.00   17.54 ? 43   GLU A O   1 
ATOM   291  C  CB  . GLU A 1 43  ? 12.026  -2.588  9.087   1.00   17.99 ? 43   GLU A CB  1 
ATOM   292  C  CG  . GLU A 1 43  ? 13.102  -3.100  8.136   1.00   18.63 ? 43   GLU A CG  1 
ATOM   293  C  CD  . GLU A 1 43  ? 14.349  -3.583  8.853   1.00   19.86 ? 43   GLU A CD  1 
ATOM   294  O  OE1 . GLU A 1 43  ? 14.738  -4.750  8.646   1.00   20.45 ? 43   GLU A OE1 1 
ATOM   295  O  OE2 . GLU A 1 43  ? 14.944  -2.793  9.618   1.00   20.86 ? 43   GLU A OE2 1 
ATOM   296  N  N   . VAL A 1 44  ? 10.063  -3.705  6.596   1.00   17.45 ? 44   VAL A N   1 
ATOM   297  C  CA  . VAL A 1 44  ? 9.501   -4.903  5.982   1.00   17.33 ? 44   VAL A CA  1 
ATOM   298  C  C   . VAL A 1 44  ? 10.629  -5.724  5.363   1.00   17.32 ? 44   VAL A C   1 
ATOM   299  O  O   . VAL A 1 44  ? 11.332  -5.253  4.467   1.00   17.30 ? 44   VAL A O   1 
ATOM   300  C  CB  . VAL A 1 44  ? 8.438   -4.557  4.906   1.00   17.40 ? 44   VAL A CB  1 
ATOM   301  C  CG1 . VAL A 1 44  ? 7.857   -5.823  4.282   1.00   17.03 ? 44   VAL A CG1 1 
ATOM   302  C  CG2 . VAL A 1 44  ? 7.327   -3.689  5.496   1.00   17.00 ? 44   VAL A CG2 1 
ATOM   303  N  N   . SER A 1 45  ? 10.798  -6.947  5.859   1.00   17.33 ? 45   SER A N   1 
ATOM   304  C  CA  . SER A 1 45  ? 11.842  -7.850  5.383   1.00   17.36 ? 45   SER A CA  1 
ATOM   305  C  C   . SER A 1 45  ? 11.210  -9.037  4.672   1.00   17.29 ? 45   SER A C   1 
ATOM   306  O  O   . SER A 1 45  ? 10.390  -9.748  5.252   1.00   17.36 ? 45   SER A O   1 
ATOM   307  C  CB  . SER A 1 45  ? 12.704  -8.332  6.550   1.00   17.40 ? 45   SER A CB  1 
ATOM   308  O  OG  . SER A 1 45  ? 13.269  -7.237  7.248   1.00   17.73 ? 45   SER A OG  1 
ATOM   309  N  N   . TYR A 1 46  ? 11.596  -9.250  3.417   1.00   17.21 ? 46   TYR A N   1 
ATOM   310  C  CA  . TYR A 1 46  ? 10.963  -10.273 2.593   1.00   17.17 ? 46   TYR A CA  1 
ATOM   311  C  C   . TYR A 1 46  ? 11.947  -11.152 1.829   1.00   17.29 ? 46   TYR A C   1 
ATOM   312  O  O   . TYR A 1 46  ? 13.027  -10.705 1.440   1.00   17.38 ? 46   TYR A O   1 
ATOM   313  C  CB  . TYR A 1 46  ? 9.966   -9.632  1.621   1.00   16.98 ? 46   TYR A CB  1 
ATOM   314  C  CG  . TYR A 1 46  ? 10.590  -8.720  0.580   1.00   16.64 ? 46   TYR A CG  1 
ATOM   315  C  CD1 . TYR A 1 46  ? 10.768  -7.360  0.836   1.00   16.20 ? 46   TYR A CD1 1 
ATOM   316  C  CD2 . TYR A 1 46  ? 10.978  -9.212  -0.669  1.00   16.09 ? 46   TYR A CD2 1 
ATOM   317  C  CE1 . TYR A 1 46  ? 11.330  -6.516  -0.119  1.00   16.31 ? 46   TYR A CE1 1 
ATOM   318  C  CE2 . TYR A 1 46  ? 11.538  -8.376  -1.631  1.00   15.97 ? 46   TYR A CE2 1 
ATOM   319  C  CZ  . TYR A 1 46  ? 11.712  -7.033  -1.348  1.00   16.19 ? 46   TYR A CZ  1 
ATOM   320  O  OH  . TYR A 1 46  ? 12.267  -6.205  -2.292  1.00   16.17 ? 46   TYR A OH  1 
ATOM   321  N  N   . THR A 1 47  ? 11.561  -12.410 1.633   1.00   17.48 ? 47   THR A N   1 
ATOM   322  C  CA  . THR A 1 47  ? 12.272  -13.325 0.745   1.00   17.64 ? 47   THR A CA  1 
ATOM   323  C  C   . THR A 1 47  ? 11.276  -13.918 -0.246  1.00   17.66 ? 47   THR A C   1 
ATOM   324  O  O   . THR A 1 47  ? 10.294  -14.548 0.149   1.00   17.59 ? 47   THR A O   1 
ATOM   325  C  CB  . THR A 1 47  ? 12.992  -14.448 1.531   1.00   17.64 ? 47   THR A CB  1 
ATOM   326  O  OG1 . THR A 1 47  ? 12.074  -15.075 2.437   1.00   17.92 ? 47   THR A OG1 1 
ATOM   327  C  CG2 . THR A 1 47  ? 14.077  -13.874 2.447   1.00   17.72 ? 47   THR A CG2 1 
ATOM   328  N  N   . GLY A 1 48  ? 11.530  -13.700 -1.533  1.00   17.75 ? 48   GLY A N   1 
ATOM   329  C  CA  . GLY A 1 48  ? 10.619  -14.135 -2.577  1.00   17.93 ? 48   GLY A CA  1 
ATOM   330  C  C   . GLY A 1 48  ? 10.977  -15.464 -3.213  1.00   18.07 ? 48   GLY A C   1 
ATOM   331  O  O   . GLY A 1 48  ? 12.133  -15.892 -3.185  1.00   18.14 ? 48   GLY A O   1 
ATOM   332  N  N   . THR A 1 49  ? 9.966   -16.122 -3.775  1.00   18.15 ? 49   THR A N   1 
ATOM   333  C  CA  . THR A 1 49  ? 10.162  -17.316 -4.596  1.00   18.11 ? 49   THR A CA  1 
ATOM   334  C  C   . THR A 1 49  ? 9.401   -17.146 -5.907  1.00   18.02 ? 49   THR A C   1 
ATOM   335  O  O   . THR A 1 49  ? 8.610   -16.212 -6.055  1.00   17.94 ? 49   THR A O   1 
ATOM   336  C  CB  . THR A 1 49  ? 9.698   -18.602 -3.865  1.00   18.17 ? 49   THR A CB  1 
ATOM   337  O  OG1 . THR A 1 49  ? 8.332   -18.466 -3.463  1.00   18.33 ? 49   THR A OG1 1 
ATOM   338  C  CG2 . THR A 1 49  ? 10.443  -18.797 -2.551  1.00   18.18 ? 49   THR A CG2 1 
ATOM   339  N  N   . THR A 1 50  ? 9.646   -18.052 -6.852  1.00   17.90 ? 50   THR A N   1 
ATOM   340  C  CA  . THR A 1 50  ? 9.045   -17.981 -8.185  1.00   17.84 ? 50   THR A CA  1 
ATOM   341  C  C   . THR A 1 50  ? 7.514   -17.887 -8.154  1.00   17.53 ? 50   THR A C   1 
ATOM   342  O  O   . THR A 1 50  ? 6.930   -17.028 -8.820  1.00   17.60 ? 50   THR A O   1 
ATOM   343  C  CB  . THR A 1 50  ? 9.528   -19.174 -9.049  1.00   17.88 ? 50   THR A CB  1 
ATOM   344  O  OG1 . THR A 1 50  ? 10.927  -19.022 -9.314  1.00   18.40 ? 50   THR A OG1 1 
ATOM   345  C  CG2 . THR A 1 50  ? 8.909   -19.138 -10.441 1.00   18.15 ? 50   THR A CG2 1 
ATOM   346  N  N   . ASP A 1 51  ? 6.880   -18.752 -7.365  1.00   17.08 ? 51   ASP A N   1 
ATOM   347  C  CA  . ASP A 1 51  ? 5.421   -18.777 -7.248  1.00   16.78 ? 51   ASP A CA  1 
ATOM   348  C  C   . ASP A 1 51  ? 4.914   -18.107 -5.971  1.00   16.43 ? 51   ASP A C   1 
ATOM   349  O  O   . ASP A 1 51  ? 3.709   -17.924 -5.797  1.00   16.47 ? 51   ASP A O   1 
ATOM   350  C  CB  . ASP A 1 51  ? 4.908   -20.218 -7.315  1.00   16.86 ? 51   ASP A CB  1 
ATOM   351  C  CG  . ASP A 1 51  ? 5.085   -20.512 -8.836  0.0000 17.02 ? 51   ASP A CG  1 
ATOM   352  O  OD1 . ASP A 1 51  ? 4.973   -19.890 -9.914  0.0000 17.83 ? 51   ASP A OD1 1 
ATOM   353  O  OD2 . ASP A 1 51  ? 5.409   -21.714 -8.874  0.0000 17.73 ? 51   ASP A OD2 1 
ATOM   354  N  N   . GLY A 1 52  ? 5.838   -17.740 -5.086  1.00   16.04 ? 52   GLY A N   1 
ATOM   355  C  CA  . GLY A 1 52  ? 5.489   -17.203 -3.783  1.00   15.44 ? 52   GLY A CA  1 
ATOM   356  C  C   . GLY A 1 52  ? 4.928   -15.796 -3.787  1.00   15.02 ? 52   GLY A C   1 
ATOM   357  O  O   . GLY A 1 52  ? 5.246   -14.988 -4.662  1.00   15.11 ? 52   GLY A O   1 
ATOM   358  N  N   . TYR A 1 53  ? 4.082   -15.513 -2.800  1.00   14.56 ? 53   TYR A N   1 
ATOM   359  C  CA  . TYR A 1 53  ? 3.549   -14.173 -2.591  1.00   14.18 ? 53   TYR A CA  1 
ATOM   360  C  C   . TYR A 1 53  ? 3.805   -13.722 -1.158  1.00   13.82 ? 53   TYR A C   1 
ATOM   361  O  O   . TYR A 1 53  ? 3.839   -14.544 -0.242  1.00   13.72 ? 53   TYR A O   1 
ATOM   362  C  CB  . TYR A 1 53  ? 2.049   -14.113 -2.922  1.00   14.15 ? 53   TYR A CB  1 
ATOM   363  C  CG  . TYR A 1 53  ? 1.145   -14.924 -2.015  1.00   14.56 ? 53   TYR A CG  1 
ATOM   364  C  CD1 . TYR A 1 53  ? 0.609   -14.368 -0.850  1.00   14.57 ? 53   TYR A CD1 1 
ATOM   365  C  CD2 . TYR A 1 53  ? 0.802   -16.238 -2.334  1.00   14.74 ? 53   TYR A CD2 1 
ATOM   366  C  CE1 . TYR A 1 53  ? -0.229  -15.106 -0.018  1.00   14.62 ? 53   TYR A CE1 1 
ATOM   367  C  CE2 . TYR A 1 53  ? -0.038  -16.984 -1.509  1.00   14.99 ? 53   TYR A CE2 1 
ATOM   368  C  CZ  . TYR A 1 53  ? -0.548  -16.410 -0.353  1.00   14.85 ? 53   TYR A CZ  1 
ATOM   369  O  OH  . TYR A 1 53  ? -1.378  -17.142 0.469   1.00   14.91 ? 53   TYR A OH  1 
ATOM   370  N  N   . TRP A 1 54  ? 3.995   -12.419 -0.979  1.00   13.37 ? 54   TRP A N   1 
ATOM   371  C  CA  . TRP A 1 54  ? 4.126   -11.830 0.353   1.00   13.10 ? 54   TRP A CA  1 
ATOM   372  C  C   . TRP A 1 54  ? 3.534   -10.426 0.363   1.00   12.92 ? 54   TRP A C   1 
ATOM   373  O  O   . TRP A 1 54  ? 3.430   -9.774  -0.680  1.00   12.63 ? 54   TRP A O   1 
ATOM   374  C  CB  . TRP A 1 54  ? 5.593   -11.805 0.820   1.00   12.98 ? 54   TRP A CB  1 
ATOM   375  C  CG  . TRP A 1 54  ? 6.480   -10.908 0.000   1.00   13.08 ? 54   TRP A CG  1 
ATOM   376  C  CD1 . TRP A 1 54  ? 7.315   -11.286 -1.010  1.00   13.17 ? 54   TRP A CD1 1 
ATOM   377  C  CD2 . TRP A 1 54  ? 6.613   -9.483  0.114   1.00   13.17 ? 54   TRP A CD2 1 
ATOM   378  N  NE1 . TRP A 1 54  ? 7.959   -10.189 -1.532  1.00   12.72 ? 54   TRP A NE1 1 
ATOM   379  C  CE2 . TRP A 1 54  ? 7.544   -9.067  -0.862  1.00   12.89 ? 54   TRP A CE2 1 
ATOM   380  C  CE3 . TRP A 1 54  ? 6.038   -8.509  0.946   1.00   12.98 ? 54   TRP A CE3 1 
ATOM   381  C  CZ2 . TRP A 1 54  ? 7.907   -7.727  -1.034  1.00   12.73 ? 54   TRP A CZ2 1 
ATOM   382  C  CZ3 . TRP A 1 54  ? 6.401   -7.176  0.776   1.00   12.66 ? 54   TRP A CZ3 1 
ATOM   383  C  CH2 . TRP A 1 54  ? 7.328   -6.800  -0.207  1.00   12.70 ? 54   TRP A CH2 1 
ATOM   384  N  N   . GLY A 1 55  ? 3.152   -9.964  1.548   1.00   12.78 ? 55   GLY A N   1 
ATOM   385  C  CA  . GLY A 1 55  ? 2.660   -8.612  1.707   1.00   12.78 ? 55   GLY A CA  1 
ATOM   386  C  C   . GLY A 1 55  ? 2.456   -8.219  3.152   1.00   12.90 ? 55   GLY A C   1 
ATOM   387  O  O   . GLY A 1 55  ? 2.387   -9.070  4.042   1.00   12.92 ? 55   GLY A O   1 
ATOM   388  N  N   . THR A 1 56  ? 2.381   -6.913  3.380   1.00   12.89 ? 56   THR A N   1 
ATOM   389  C  CA  . THR A 1 56  ? 1.953   -6.379  4.666   1.00   12.91 ? 56   THR A CA  1 
ATOM   390  C  C   . THR A 1 56  ? 0.728   -5.496  4.435   1.00   12.97 ? 56   THR A C   1 
ATOM   391  O  O   . THR A 1 56  ? 0.685   -4.723  3.472   1.00   13.00 ? 56   THR A O   1 
ATOM   392  C  CB  . THR A 1 56  ? 3.111   -5.645  5.406   1.00   12.85 ? 56   THR A CB  1 
ATOM   393  O  OG1 . THR A 1 56  ? 2.605   -5.010  6.589   1.00   12.96 ? 56   THR A OG1 1 
ATOM   394  C  CG2 . THR A 1 56  ? 3.674   -4.487  4.581   1.00   12.85 ? 56   THR A CG2 1 
ATOM   395  N  N   . VAL A 1 57  ? -0.270  -5.636  5.305   1.00   12.96 ? 57   VAL A N   1 
ATOM   396  C  CA  . VAL A 1 57  ? -1.593  -5.068  5.058   1.00   13.09 ? 57   VAL A CA  1 
ATOM   397  C  C   . VAL A 1 57  ? -2.148  -4.261  6.233   1.00   13.24 ? 57   VAL A C   1 
ATOM   398  O  O   . VAL A 1 57  ? -2.020  -4.655  7.392   1.00   13.15 ? 57   VAL A O   1 
ATOM   399  C  CB  . VAL A 1 57  ? -2.616  -6.173  4.622   1.00   13.13 ? 57   VAL A CB  1 
ATOM   400  C  CG1 . VAL A 1 57  ? -2.694  -7.313  5.644   1.00   12.83 ? 57   VAL A CG1 1 
ATOM   401  C  CG2 . VAL A 1 57  ? -4.001  -5.584  4.359   1.00   13.12 ? 57   VAL A CG2 1 
ATOM   402  N  N   . TYR A 1 58  ? -2.747  -3.118  5.911   1.00   13.60 ? 58   TYR A N   1 
ATOM   403  C  CA  . TYR A 1 58  ? -3.572  -2.375  6.853   1.00   13.99 ? 58   TYR A CA  1 
ATOM   404  C  C   . TYR A 1 58  ? -5.005  -2.396  6.329   1.00   14.12 ? 58   TYR A C   1 
ATOM   405  O  O   . TYR A 1 58  ? -5.304  -1.802  5.289   1.00   13.95 ? 58   TYR A O   1 
ATOM   406  C  CB  . TYR A 1 58  ? -3.062  -0.936  7.007   1.00   14.26 ? 58   TYR A CB  1 
ATOM   407  C  CG  . TYR A 1 58  ? -3.822  -0.064  7.999   1.00   14.83 ? 58   TYR A CG  1 
ATOM   408  C  CD1 . TYR A 1 58  ? -3.665  1.322   7.990   1.00   15.59 ? 58   TYR A CD1 1 
ATOM   409  C  CD2 . TYR A 1 58  ? -4.685  -0.620  8.951   1.00   15.57 ? 58   TYR A CD2 1 
ATOM   410  C  CE1 . TYR A 1 58  ? -4.352  2.134   8.896   1.00   15.93 ? 58   TYR A CE1 1 
ATOM   411  C  CE2 . TYR A 1 58  ? -5.380  0.184   9.857   1.00   16.08 ? 58   TYR A CE2 1 
ATOM   412  C  CZ  . TYR A 1 58  ? -5.206  1.559   9.823   1.00   16.31 ? 58   TYR A CZ  1 
ATOM   413  O  OH  . TYR A 1 58  ? -5.887  2.358   10.716  1.00   16.79 ? 58   TYR A OH  1 
ATOM   414  N  N   . SER A 1 59  ? -5.874  -3.109  7.044   1.00   14.23 ? 59   SER A N   1 
ATOM   415  C  CA  . SER A 1 59  ? -7.297  -3.155  6.724   1.00   14.38 ? 59   SER A CA  1 
ATOM   416  C  C   . SER A 1 59  ? -7.989  -1.956  7.358   1.00   14.48 ? 59   SER A C   1 
ATOM   417  O  O   . SER A 1 59  ? -7.852  -1.712  8.560   1.00   14.51 ? 59   SER A O   1 
ATOM   418  C  CB  . SER A 1 59  ? -7.917  -4.460  7.222   1.00   14.35 ? 59   SER A CB  1 
ATOM   419  O  OG  . SER A 1 59  ? -7.299  -5.579  6.613   1.00   14.74 ? 59   SER A OG  1 
ATOM   420  N  N   . LEU A 1 60  ? -8.734  -1.211  6.547   1.00   14.52 ? 60   LEU A N   1 
ATOM   421  C  CA  . LEU A 1 60  ? -9.270  0.078   6.977   1.00   14.59 ? 60   LEU A CA  1 
ATOM   422  C  C   . LEU A 1 60  ? -10.686 0.003   7.550   1.00   14.46 ? 60   LEU A C   1 
ATOM   423  O  O   . LEU A 1 60  ? -11.563 -0.640  6.968   1.00   14.26 ? 60   LEU A O   1 
ATOM   424  C  CB  . LEU A 1 60  ? -9.192  1.097   5.836   1.00   14.81 ? 60   LEU A CB  1 
ATOM   425  C  CG  . LEU A 1 60  ? -7.813  1.168   5.169   1.00   15.31 ? 60   LEU A CG  1 
ATOM   426  C  CD1 . LEU A 1 60  ? -7.956  1.257   3.666   1.00   15.75 ? 60   LEU A CD1 1 
ATOM   427  C  CD2 . LEU A 1 60  ? -6.984  2.326   5.716   1.00   16.10 ? 60   LEU A CD2 1 
ATOM   428  N  N   . PRO A 1 61  ? -10.894 0.654   8.696   1.00   14.47 ? 61   PRO A N   1 
ATOM   429  C  CA  . PRO A 1 61  ? -12.219 0.712   9.335   1.00   14.55 ? 61   PRO A CA  1 
ATOM   430  C  C   . PRO A 1 61  ? -13.236 1.524   8.534   1.00   14.70 ? 61   PRO A C   1 
ATOM   431  O  O   . PRO A 1 61  ? -14.424 1.196   8.558   1.00   14.87 ? 61   PRO A O   1 
ATOM   432  C  CB  . PRO A 1 61  ? -11.932 1.387   10.682  1.00   14.36 ? 61   PRO A CB  1 
ATOM   433  C  CG  . PRO A 1 61  ? -10.684 2.174   10.462  1.00   14.49 ? 61   PRO A CG  1 
ATOM   434  C  CD  . PRO A 1 61  ? -9.872  1.376   9.479   1.00   14.46 ? 61   PRO A CD  1 
ATOM   435  N  N   . ASP A 1 62  ? -12.771 2.562   7.842   1.00   14.84 ? 62   ASP A N   1 
ATOM   436  C  CA  . ASP A 1 62  ? -13.625 3.390   6.995   1.00   14.99 ? 62   ASP A CA  1 
ATOM   437  C  C   . ASP A 1 62  ? -13.127 3.340   5.553   1.00   15.02 ? 62   ASP A C   1 
ATOM   438  O  O   . ASP A 1 62  ? -11.996 3.732   5.265   1.00   15.16 ? 62   ASP A O   1 
ATOM   439  C  CB  . ASP A 1 62  ? -13.654 4.834   7.506   1.00   15.05 ? 62   ASP A CB  1 
ATOM   440  C  CG  . ASP A 1 62  ? -14.694 6.132   6.325   0.0000 16.40 ? 62   ASP A CG  1 
ATOM   441  O  OD1 . ASP A 1 62  ? -15.834 5.705   6.035   0.0000 17.74 ? 62   ASP A OD1 1 
ATOM   442  O  OD2 . ASP A 1 62  ? -14.363 7.262   5.907   0.0000 17.68 ? 62   ASP A OD2 1 
ATOM   443  N  N   . GLY A 1 63  ? -13.978 2.849   4.655   1.00   15.01 ? 63   GLY A N   1 
ATOM   444  C  CA  . GLY A 1 63  ? -13.587 2.615   3.276   1.00   15.07 ? 63   GLY A CA  1 
ATOM   445  C  C   . GLY A 1 63  ? -13.927 3.711   2.281   1.00   15.05 ? 63   GLY A C   1 
ATOM   446  O  O   . GLY A 1 63  ? -13.675 3.555   1.083   1.00   14.92 ? 63   GLY A O   1 
ATOM   447  N  N   . ASP A 1 64  ? -14.495 4.813   2.765   1.00   15.10 ? 64   ASP A N   1 
ATOM   448  C  CA  . ASP A 1 64  ? -14.895 5.913   1.890   1.00   15.24 ? 64   ASP A CA  1 
ATOM   449  C  C   . ASP A 1 64  ? -13.774 6.937   1.703   1.00   15.27 ? 64   ASP A C   1 
ATOM   450  O  O   . ASP A 1 64  ? -13.583 7.835   2.528   1.00   15.09 ? 64   ASP A O   1 
ATOM   451  C  CB  . ASP A 1 64  ? -16.174 6.586   2.402   1.00   15.33 ? 64   ASP A CB  1 
ATOM   452  C  CG  . ASP A 1 64  ? -16.810 7.509   1.366   1.00   15.65 ? 64   ASP A CG  1 
ATOM   453  O  OD1 . ASP A 1 64  ? -16.268 7.640   0.248   1.00   15.03 ? 64   ASP A OD1 1 
ATOM   454  O  OD2 . ASP A 1 64  ? -17.862 8.146   1.588   1.00   16.35 ? 64   ASP A OD2 1 
ATOM   455  N  N   . TRP A 1 65  ? -13.050 6.788   0.597   1.00   15.27 ? 65   TRP A N   1 
ATOM   456  C  CA  . TRP A 1 65  ? -11.944 7.673   0.243   1.00   15.52 ? 65   TRP A CA  1 
ATOM   457  C  C   . TRP A 1 65  ? -12.290 8.563   -0.951  1.00   15.60 ? 65   TRP A C   1 
ATOM   458  O  O   . TRP A 1 65  ? -11.401 9.154   -1.569  1.00   15.63 ? 65   TRP A O   1 
ATOM   459  C  CB  . TRP A 1 65  ? -10.705 6.840   -0.092  1.00   15.56 ? 65   TRP A CB  1 
ATOM   460  C  CG  . TRP A 1 65  ? -9.975  6.299   1.100   1.00   15.88 ? 65   TRP A CG  1 
ATOM   461  C  CD1 . TRP A 1 65  ? -10.345 6.393   2.414   1.00   16.24 ? 65   TRP A CD1 1 
ATOM   462  C  CD2 . TRP A 1 65  ? -8.742  5.576   1.085   1.00   16.25 ? 65   TRP A CD2 1 
ATOM   463  N  NE1 . TRP A 1 65  ? -9.415  5.773   3.215   1.00   16.75 ? 65   TRP A NE1 1 
ATOM   464  C  CE2 . TRP A 1 65  ? -8.419  5.263   2.425   1.00   16.47 ? 65   TRP A CE2 1 
ATOM   465  C  CE3 . TRP A 1 65  ? -7.868  5.158   0.071   1.00   16.11 ? 65   TRP A CE3 1 
ATOM   466  C  CZ2 . TRP A 1 65  ? -7.266  4.557   2.775   1.00   16.81 ? 65   TRP A CZ2 1 
ATOM   467  C  CZ3 . TRP A 1 65  ? -6.722  4.454   0.422   1.00   16.38 ? 65   TRP A CZ3 1 
ATOM   468  C  CH2 . TRP A 1 65  ? -6.434  4.161   1.763   1.00   16.32 ? 65   TRP A CH2 1 
ATOM   469  N  N   . SER A 1 66  ? -13.578 8.663   -1.267  1.00   15.84 ? 66   SER A N   1 
ATOM   470  C  CA  . SER A 1 66  ? -14.035 9.403   -2.448  1.00   16.08 ? 66   SER A CA  1 
ATOM   471  C  C   . SER A 1 66  ? -13.704 10.902  -2.424  1.00   16.14 ? 66   SER A C   1 
ATOM   472  O  O   . SER A 1 66  ? -13.750 11.563  -3.463  1.00   16.15 ? 66   SER A O   1 
ATOM   473  C  CB  . SER A 1 66  ? -15.533 9.178   -2.682  1.00   16.07 ? 66   SER A CB  1 
ATOM   474  O  OG  . SER A 1 66  ? -16.296 9.602   -1.569  1.00   16.36 ? 66   SER A OG  1 
ATOM   475  N  N   . LYS A 1 67  ? -13.360 11.425  -1.247  1.00   16.22 ? 67   LYS A N   1 
ATOM   476  C  CA  . LYS A 1 67  ? -12.989 12.835  -1.099  1.00   16.33 ? 67   LYS A CA  1 
ATOM   477  C  C   . LYS A 1 67  ? -11.485 13.084  -1.268  1.00   16.19 ? 67   LYS A C   1 
ATOM   478  O  O   . LYS A 1 67  ? -11.034 14.232  -1.270  1.00   16.12 ? 67   LYS A O   1 
ATOM   479  C  CB  . LYS A 1 67  ? -13.471 13.383  0.250   1.00   16.57 ? 67   LYS A CB  1 
ATOM   480  C  CG  . LYS A 1 67  ? -14.991 13.434  0.408   1.00   17.13 ? 67   LYS A CG  1 
ATOM   481  C  CD  . LYS A 1 67  ? -15.583 14.700  -0.201  1.00   18.50 ? 67   LYS A CD  1 
ATOM   482  C  CE  . LYS A 1 67  ? -16.920 14.415  -0.875  1.00   18.95 ? 67   LYS A CE  1 
ATOM   483  N  NZ  . LYS A 1 67  ? -17.444 14.038  -2.232  0.0000 18.15 ? 67   LYS A NZ  1 
ATOM   484  N  N   . TRP A 1 68  ? -10.716 12.009  -1.424  1.00   16.04 ? 68   TRP A N   1 
ATOM   485  C  CA  . TRP A 1 68  ? -9.258  12.108  -1.517  1.00   15.94 ? 68   TRP A CA  1 
ATOM   486  C  C   . TRP A 1 68  ? -8.748  11.835  -2.933  1.00   15.73 ? 68   TRP A C   1 
ATOM   487  O  O   . TRP A 1 68  ? -9.435  11.199  -3.736  1.00   15.62 ? 68   TRP A O   1 
ATOM   488  C  CB  . TRP A 1 68  ? -8.604  11.186  -0.483  1.00   16.02 ? 68   TRP A CB  1 
ATOM   489  C  CG  . TRP A 1 68  ? -9.076  11.500  0.910   1.00   16.61 ? 68   TRP A CG  1 
ATOM   490  C  CD1 . TRP A 1 68  ? -9.973  10.787  1.656   1.00   17.10 ? 68   TRP A CD1 1 
ATOM   491  C  CD2 . TRP A 1 68  ? -8.705  12.630  1.705   1.00   16.99 ? 68   TRP A CD2 1 
ATOM   492  N  NE1 . TRP A 1 68  ? -10.168 11.397  2.872   1.00   17.34 ? 68   TRP A NE1 1 
ATOM   493  C  CE2 . TRP A 1 68  ? -9.402  12.533  2.930   1.00   17.44 ? 68   TRP A CE2 1 
ATOM   494  C  CE3 . TRP A 1 68  ? -7.841  13.719  1.512   1.00   17.25 ? 68   TRP A CE3 1 
ATOM   495  C  CZ2 . TRP A 1 68  ? -9.265  13.479  3.954   1.00   17.69 ? 68   TRP A CZ2 1 
ATOM   496  C  CZ3 . TRP A 1 68  ? -7.705  14.661  2.531   1.00   17.50 ? 68   TRP A CZ3 1 
ATOM   497  C  CH2 . TRP A 1 68  ? -8.414  14.532  3.735   1.00   17.51 ? 68   TRP A CH2 1 
ATOM   498  N  N   . LEU A 1 69  ? -7.546  12.324  -3.236  1.00   15.49 ? 69   LEU A N   1 
ATOM   499  C  CA  . LEU A 1 69  ? -7.027  12.275  -4.603  1.00   15.35 ? 69   LEU A CA  1 
ATOM   500  C  C   . LEU A 1 69  ? -5.752  11.452  -4.770  1.00   15.13 ? 69   LEU A C   1 
ATOM   501  O  O   . LEU A 1 69  ? -5.540  10.847  -5.822  1.00   15.15 ? 69   LEU A O   1 
ATOM   502  C  CB  . LEU A 1 69  ? -6.809  13.691  -5.151  1.00   15.31 ? 69   LEU A CB  1 
ATOM   503  C  CG  . LEU A 1 69  ? -8.052  14.550  -5.408  1.00   15.50 ? 69   LEU A CG  1 
ATOM   504  C  CD1 . LEU A 1 69  ? -7.652  15.999  -5.613  1.00   15.43 ? 69   LEU A CD1 1 
ATOM   505  C  CD2 . LEU A 1 69  ? -8.860  14.043  -6.603  1.00   15.75 ? 69   LEU A CD2 1 
ATOM   506  N  N   . LYS A 1 70  ? -4.906  11.444  -3.742  1.00   14.93 ? 70   LYS A N   1 
ATOM   507  C  CA  . LYS A 1 70  ? -3.631  10.730  -3.789  1.00   14.74 ? 70   LYS A CA  1 
ATOM   508  C  C   . LYS A 1 70  ? -3.338  9.996   -2.481  1.00   14.70 ? 70   LYS A C   1 
ATOM   509  O  O   . LYS A 1 70  ? -3.921  10.301  -1.437  1.00   14.53 ? 70   LYS A O   1 
ATOM   510  C  CB  . LYS A 1 70  ? -2.465  11.686  -4.099  1.00   14.67 ? 70   LYS A CB  1 
ATOM   511  C  CG  . LYS A 1 70  ? -2.729  12.746  -5.169  1.00   14.46 ? 70   LYS A CG  1 
ATOM   512  C  CD  . LYS A 1 70  ? -2.741  14.136  -4.560  1.00   14.33 ? 70   LYS A CD  1 
ATOM   513  C  CE  . LYS A 1 70  ? -3.169  15.188  -5.567  1.00   14.34 ? 70   LYS A CE  1 
ATOM   514  N  NZ  . LYS A 1 70  ? -3.228  16.536  -4.937  1.00   14.41 ? 70   LYS A NZ  1 
ATOM   515  N  N   . ILE A 1 71  ? -2.429  9.029   -2.559  1.00   14.62 ? 71   ILE A N   1 
ATOM   516  C  CA  . ILE A 1 71  ? -1.861  8.383   -1.378  1.00   14.70 ? 71   ILE A CA  1 
ATOM   517  C  C   . ILE A 1 71  ? -0.346  8.617   -1.354  1.00   14.70 ? 71   ILE A C   1 
ATOM   518  O  O   . ILE A 1 71  ? 0.329   8.486   -2.380  1.00   14.77 ? 71   ILE A O   1 
ATOM   519  C  CB  . ILE A 1 71  ? -2.234  6.869   -1.324  1.00   14.79 ? 71   ILE A CB  1 
ATOM   520  C  CG1 . ILE A 1 71  ? -1.818  6.252   0.018   1.00   14.98 ? 71   ILE A CG1 1 
ATOM   521  C  CG2 . ILE A 1 71  ? -1.645  6.092   -2.508  1.00   14.73 ? 71   ILE A CG2 1 
ATOM   522  C  CD1 . ILE A 1 71  ? -2.902  5.419   0.665   1.00   15.28 ? 71   ILE A CD1 1 
ATOM   523  N  N   . SER A 1 72  ? 0.174   8.986   -0.187  1.00   14.65 ? 72   SER A N   1 
ATOM   524  C  CA  . SER A 1 72  ? 1.583   9.345   -0.053  1.00   14.82 ? 72   SER A CA  1 
ATOM   525  C  C   . SER A 1 72  ? 2.267   8.573   1.070   1.00   14.90 ? 72   SER A C   1 
ATOM   526  O  O   . SER A 1 72  ? 1.654   8.287   2.099   1.00   14.74 ? 72   SER A O   1 
ATOM   527  C  CB  . SER A 1 72  ? 1.729   10.852  0.180   1.00   14.81 ? 72   SER A CB  1 
ATOM   528  O  OG  . SER A 1 72  ? 3.092   11.225  0.318   1.00   14.98 ? 72   SER A OG  1 
ATOM   529  N  N   . PHE A 1 73  ? 3.539   8.241   0.854   1.00   14.96 ? 73   PHE A N   1 
ATOM   530  C  CA  . PHE A 1 73  ? 4.364   7.584   1.867   1.00   15.25 ? 73   PHE A CA  1 
ATOM   531  C  C   . PHE A 1 73  ? 5.852   7.864   1.660   1.00   15.57 ? 73   PHE A C   1 
ATOM   532  O  O   . PHE A 1 73  ? 6.295   8.124   0.537   1.00   15.50 ? 73   PHE A O   1 
ATOM   533  C  CB  . PHE A 1 73  ? 4.103   6.067   1.911   1.00   15.16 ? 73   PHE A CB  1 
ATOM   534  C  CG  . PHE A 1 73  ? 4.273   5.369   0.584   1.00   14.96 ? 73   PHE A CG  1 
ATOM   535  C  CD1 . PHE A 1 73  ? 5.531   4.951   0.153   1.00   14.93 ? 73   PHE A CD1 1 
ATOM   536  C  CD2 . PHE A 1 73  ? 3.169   5.108   -0.223  1.00   15.04 ? 73   PHE A CD2 1 
ATOM   537  C  CE1 . PHE A 1 73  ? 5.690   4.301   -1.070  1.00   14.98 ? 73   PHE A CE1 1 
ATOM   538  C  CE2 . PHE A 1 73  ? 3.316   4.456   -1.449  1.00   15.02 ? 73   PHE A CE2 1 
ATOM   539  C  CZ  . PHE A 1 73  ? 4.578   4.053   -1.872  1.00   15.12 ? 73   PHE A CZ  1 
ATOM   540  N  N   . ASP A 1 74  ? 6.608   7.816   2.754   1.00   15.91 ? 74   ASP A N   1 
ATOM   541  C  CA  . ASP A 1 74  ? 8.064   7.869   2.703   1.00   16.40 ? 74   ASP A CA  1 
ATOM   542  C  C   . ASP A 1 74  ? 8.593   6.443   2.674   1.00   16.66 ? 74   ASP A C   1 
ATOM   543  O  O   . ASP A 1 74  ? 8.086   5.576   3.388   1.00   16.56 ? 74   ASP A O   1 
ATOM   544  C  CB  . ASP A 1 74  ? 8.620   8.603   3.925   1.00   16.33 ? 74   ASP A CB  1 
ATOM   545  C  CG  . ASP A 1 74  ? 8.375   10.099  3.871   1.00   16.73 ? 74   ASP A CG  1 
ATOM   546  O  OD1 . ASP A 1 74  ? 7.748   10.635  4.810   1.00   16.61 ? 74   ASP A OD1 1 
ATOM   547  O  OD2 . ASP A 1 74  ? 8.778   10.822  2.934   1.00   17.13 ? 74   ASP A OD2 1 
ATOM   548  N  N   . ILE A 1 75  ? 9.604   6.202   1.845   1.00   17.14 ? 75   ILE A N   1 
ATOM   549  C  CA  . ILE A 1 75  ? 10.201  4.869   1.723   1.00   17.63 ? 75   ILE A CA  1 
ATOM   550  C  C   . ILE A 1 75  ? 11.722  4.917   1.540   1.00   18.07 ? 75   ILE A C   1 
ATOM   551  O  O   . ILE A 1 75  ? 12.261  5.860   0.954   1.00   18.07 ? 75   ILE A O   1 
ATOM   552  C  CB  . ILE A 1 75  ? 9.506   4.043   0.595   1.00   17.54 ? 75   ILE A CB  1 
ATOM   553  C  CG1 . ILE A 1 75  ? 9.755   2.540   0.790   1.00   17.49 ? 75   ILE A CG1 1 
ATOM   554  C  CG2 . ILE A 1 75  ? 9.949   4.516   -0.789  1.00   17.36 ? 75   ILE A CG2 1 
ATOM   555  C  CD1 . ILE A 1 75  ? 8.741   1.635   0.099   1.00   17.52 ? 75   ILE A CD1 1 
ATOM   556  N  N   . LYS A 1 76  ? 12.396  3.888   2.052   1.00   18.75 ? 76   LYS A N   1 
ATOM   557  C  CA  . LYS A 1 76  ? 13.848  3.763   1.970   1.00   19.58 ? 76   LYS A CA  1 
ATOM   558  C  C   . LYS A 1 76  ? 14.240  2.289   2.012   1.00   20.01 ? 76   LYS A C   1 
ATOM   559  O  O   . LYS A 1 76  ? 13.661  1.508   2.769   1.00   19.89 ? 76   LYS A O   1 
ATOM   560  C  CB  . LYS A 1 76  ? 14.506  4.522   3.128   1.00   19.66 ? 76   LYS A CB  1 
ATOM   561  C  CG  . LYS A 1 76  ? 16.031  4.563   3.100   1.00   20.48 ? 76   LYS A CG  1 
ATOM   562  C  CD  . LYS A 1 76  ? 16.585  5.271   4.329   1.00   21.74 ? 76   LYS A CD  1 
ATOM   563  C  CE  . LYS A 1 76  ? 16.999  4.281   5.409   1.00   22.85 ? 76   LYS A CE  1 
ATOM   564  N  NZ  . LYS A 1 76  ? 16.511  4.691   6.758   1.00   23.51 ? 76   LYS A NZ  1 
ATOM   565  N  N   . SER A 1 77  ? 15.218  1.916   1.190   1.00   20.65 ? 77   SER A N   1 
ATOM   566  C  CA  . SER A 1 77  ? 15.775  0.566   1.207   1.00   21.38 ? 77   SER A CA  1 
ATOM   567  C  C   . SER A 1 77  ? 16.730  0.388   2.389   1.00   21.76 ? 77   SER A C   1 
ATOM   568  O  O   . SER A 1 77  ? 17.283  1.363   2.904   1.00   21.85 ? 77   SER A O   1 
ATOM   569  C  CB  . SER A 1 77  ? 16.501  0.272   -0.111  1.00   21.43 ? 77   SER A CB  1 
ATOM   570  O  OG  . SER A 1 77  ? 17.160  -0.982  -0.065  1.00   21.94 ? 77   SER A OG  1 
ATOM   571  N  N   . VAL A 1 78  ? 16.904  -0.860  2.817   1.00   22.31 ? 78   VAL A N   1 
ATOM   572  C  CA  . VAL A 1 78  ? 17.851  -1.201  3.878   1.00   22.79 ? 78   VAL A CA  1 
ATOM   573  C  C   . VAL A 1 78  ? 18.945  -2.107  3.321   1.00   22.90 ? 78   VAL A C   1 
ATOM   574  O  O   . VAL A 1 78  ? 19.932  -1.631  2.759   1.00   23.35 ? 78   VAL A O   1 
ATOM   575  C  CB  . VAL A 1 78  ? 17.163  -1.911  5.073   1.00   22.81 ? 78   VAL A CB  1 
ATOM   576  C  CG1 . VAL A 1 78  ? 18.147  -2.128  6.217   1.00   23.16 ? 78   VAL A CG1 1 
ATOM   577  C  CG2 . VAL A 1 78  ? 15.964  -1.119  5.557   1.00   23.05 ? 78   VAL A CG2 1 
ATOM   578  N  N   . ALA A 1 82  ? 18.445  -2.505  -4.183  1.00   21.01 ? 82   ALA A N   1 
ATOM   579  C  CA  . ALA A 1 82  ? 17.151  -1.958  -4.572  1.00   20.80 ? 82   ALA A CA  1 
ATOM   580  C  C   . ALA A 1 82  ? 16.350  -2.967  -5.388  1.00   20.69 ? 82   ALA A C   1 
ATOM   581  O  O   . ALA A 1 82  ? 16.739  -3.339  -6.500  1.00   20.91 ? 82   ALA A O   1 
ATOM   582  C  CB  . ALA A 1 82  ? 17.332  -0.659  -5.347  1.00   20.95 ? 82   ALA A CB  1 
ATOM   583  N  N   . ASN A 1 83  ? 15.235  -3.412  -4.819  1.00   20.23 ? 83   ASN A N   1 
ATOM   584  C  CA  . ASN A 1 83  ? 14.347  -4.358  -5.482  1.00   19.82 ? 83   ASN A CA  1 
ATOM   585  C  C   . ASN A 1 83  ? 12.936  -3.789  -5.575  1.00   19.49 ? 83   ASN A C   1 
ATOM   586  O  O   . ASN A 1 83  ? 12.432  -3.202  -4.615  1.00   19.51 ? 83   ASN A O   1 
ATOM   587  C  CB  . ASN A 1 83  ? 14.352  -5.701  -4.743  1.00   19.94 ? 83   ASN A CB  1 
ATOM   588  C  CG  . ASN A 1 83  ? 13.576  -6.782  -5.476  1.00   20.13 ? 83   ASN A CG  1 
ATOM   589  O  OD1 . ASN A 1 83  ? 13.592  -6.845  -6.707  1.00   20.26 ? 83   ASN A OD1 1 
ATOM   590  N  ND2 . ASN A 1 83  ? 12.888  -7.633  -4.726  1.00   20.26 ? 83   ASN A ND2 1 
ATOM   591  N  N   . GLU A 1 84  ? 12.315  -3.955  -6.741  1.00   18.87 ? 84   GLU A N   1 
ATOM   592  C  CA  . GLU A 1 84  ? 10.979  -3.430  -6.993  1.00   18.30 ? 84   GLU A CA  1 
ATOM   593  C  C   . GLU A 1 84  ? 9.917   -4.134  -6.151  1.00   17.72 ? 84   GLU A C   1 
ATOM   594  O  O   . GLU A 1 84  ? 9.937   -5.358  -5.996  1.00   17.67 ? 84   GLU A O   1 
ATOM   595  C  CB  . GLU A 1 84  ? 10.631  -3.529  -8.482  1.00   18.42 ? 84   GLU A CB  1 
ATOM   596  C  CG  . GLU A 1 84  ? 9.382   -2.758  -8.884  1.00   18.63 ? 84   GLU A CG  1 
ATOM   597  C  CD  . GLU A 1 84  ? 9.076   -2.864  -10.364 1.00   19.19 ? 84   GLU A CD  1 
ATOM   598  O  OE1 . GLU A 1 84  ? 8.778   -3.981  -10.837 1.00   19.41 ? 84   GLU A OE1 1 
ATOM   599  O  OE2 . GLU A 1 84  ? 9.127   -1.824  -11.054 1.00   19.56 ? 84   GLU A OE2 1 
ATOM   600  N  N   . ILE A 1 85  ? 9.011   -3.335  -5.593  1.00   16.98 ? 85   ILE A N   1 
ATOM   601  C  CA  . ILE A 1 85  ? 7.839   -3.836  -4.882  1.00   16.21 ? 85   ILE A CA  1 
ATOM   602  C  C   . ILE A 1 85  ? 6.593   -3.133  -5.424  1.00   15.83 ? 85   ILE A C   1 
ATOM   603  O  O   . ILE A 1 85  ? 6.690   -2.280  -6.309  1.00   15.70 ? 85   ILE A O   1 
ATOM   604  C  CB  . ILE A 1 85  ? 7.973   -3.634  -3.340  1.00   16.26 ? 85   ILE A CB  1 
ATOM   605  C  CG1 . ILE A 1 85  ? 8.139   -2.149  -2.986  1.00   16.16 ? 85   ILE A CG1 1 
ATOM   606  C  CG2 . ILE A 1 85  ? 9.115   -4.484  -2.770  1.00   16.00 ? 85   ILE A CG2 1 
ATOM   607  C  CD1 . ILE A 1 85  ? 7.678   -1.790  -1.583  1.00   16.02 ? 85   ILE A CD1 1 
ATOM   608  N  N   . ARG A 1 86  ? 5.429   -3.489  -4.888  1.00   15.24 ? 86   ARG A N   1 
ATOM   609  C  CA  . ARG A 1 86  ? 4.177   -2.863  -5.294  1.00   14.80 ? 86   ARG A CA  1 
ATOM   610  C  C   . ARG A 1 86  ? 3.418   -2.292  -4.103  1.00   14.57 ? 86   ARG A C   1 
ATOM   611  O  O   . ARG A 1 86  ? 3.356   -2.913  -3.037  1.00   14.57 ? 86   ARG A O   1 
ATOM   612  C  CB  . ARG A 1 86  ? 3.288   -3.869  -6.031  1.00   14.68 ? 86   ARG A CB  1 
ATOM   613  C  CG  . ARG A 1 86  ? 3.677   -4.099  -7.490  1.00   14.63 ? 86   ARG A CG  1 
ATOM   614  C  CD  . ARG A 1 86  ? 2.754   -5.053  -8.240  1.00   14.59 ? 86   ARG A CD  1 
ATOM   615  N  NE  . ARG A 1 86  ? 2.784   -6.407  -7.686  1.00   14.67 ? 86   ARG A NE  1 
ATOM   616  C  CZ  . ARG A 1 86  ? 2.131   -7.447  -8.198  1.00   15.34 ? 86   ARG A CZ  1 
ATOM   617  N  NH1 . ARG A 1 86  ? 2.225   -8.637  -7.617  1.00   15.33 ? 86   ARG A NH1 1 
ATOM   618  N  NH2 . ARG A 1 86  ? 1.389   -7.305  -9.291  1.00   14.72 ? 86   ARG A NH2 1 
ATOM   619  N  N   . PHE A 1 87  ? 2.861   -1.099  -4.289  1.00   14.30 ? 87   PHE A N   1 
ATOM   620  C  CA  . PHE A 1 87  ? 1.824   -0.597  -3.395  1.00   14.13 ? 87   PHE A CA  1 
ATOM   621  C  C   . PHE A 1 87  ? 0.481   -0.973  -4.004  1.00   14.05 ? 87   PHE A C   1 
ATOM   622  O  O   . PHE A 1 87  ? 0.237   -0.730  -5.191  1.00   13.89 ? 87   PHE A O   1 
ATOM   623  C  CB  . PHE A 1 87  ? 1.922   0.919   -3.197  1.00   14.03 ? 87   PHE A CB  1 
ATOM   624  C  CG  . PHE A 1 87  ? 0.993   1.453   -2.135  1.00   13.90 ? 87   PHE A CG  1 
ATOM   625  C  CD1 . PHE A 1 87  ? 1.352   1.409   -0.790  1.00   13.58 ? 87   PHE A CD1 1 
ATOM   626  C  CD2 . PHE A 1 87  ? -0.243  1.990   -2.479  1.00   13.70 ? 87   PHE A CD2 1 
ATOM   627  C  CE1 . PHE A 1 87  ? 0.494   1.896   0.197   1.00   13.71 ? 87   PHE A CE1 1 
ATOM   628  C  CE2 . PHE A 1 87  ? -1.109  2.481   -1.500  1.00   13.85 ? 87   PHE A CE2 1 
ATOM   629  C  CZ  . PHE A 1 87  ? -0.738  2.433   -0.159  1.00   13.46 ? 87   PHE A CZ  1 
HETATM 630  N  N   . MSE A 1 88  ? -0.383  -1.570  -3.190  1.00   14.01 ? 88   MSE A N   1 
HETATM 631  C  CA  . MSE A 1 88  ? -1.654  -2.092  -3.678  1.00   14.19 ? 88   MSE A CA  1 
HETATM 632  C  C   . MSE A 1 88  ? -2.841  -1.590  -2.864  1.00   13.82 ? 88   MSE A C   1 
HETATM 633  O  O   . MSE A 1 88  ? -2.793  -1.556  -1.634  1.00   13.59 ? 88   MSE A O   1 
HETATM 634  C  CB  . MSE A 1 88  ? -1.628  -3.624  -3.690  1.00   14.56 ? 88   MSE A CB  1 
HETATM 635  C  CG  . MSE A 1 88  ? -2.766  -4.272  -4.467  1.00   16.28 ? 88   MSE A CG  1 
HETATM 636  SE SE  . MSE A 1 88  ? -4.286  -4.712  -3.323  1.00   21.93 ? 88   MSE A SE  1 
HETATM 637  C  CE  . MSE A 1 88  ? -3.611  -6.393  -2.606  1.00   19.62 ? 88   MSE A CE  1 
ATOM   638  N  N   . ILE A 1 89  ? -3.897  -1.195  -3.572  1.00   13.54 ? 89   ILE A N   1 
ATOM   639  C  CA  . ILE A 1 89  ? -5.177  -0.856  -2.961  1.00   13.35 ? 89   ILE A CA  1 
ATOM   640  C  C   . ILE A 1 89  ? -6.200  -1.896  -3.390  1.00   13.26 ? 89   ILE A C   1 
ATOM   641  O  O   . ILE A 1 89  ? -6.372  -2.153  -4.585  1.00   13.23 ? 89   ILE A O   1 
ATOM   642  C  CB  . ILE A 1 89  ? -5.650  0.561   -3.380  1.00   13.36 ? 89   ILE A CB  1 
ATOM   643  C  CG1 . ILE A 1 89  ? -4.637  1.627   -2.952  1.00   13.27 ? 89   ILE A CG1 1 
ATOM   644  C  CG2 . ILE A 1 89  ? -7.038  0.864   -2.800  1.00   13.34 ? 89   ILE A CG2 1 
ATOM   645  C  CD1 . ILE A 1 89  ? -4.883  2.996   -3.571  1.00   13.36 ? 89   ILE A CD1 1 
ATOM   646  N  N   . ALA A 1 90  ? -6.862  -2.504  -2.411  1.00   13.11 ? 90   ALA A N   1 
ATOM   647  C  CA  . ALA A 1 90  ? -7.914  -3.476  -2.676  1.00   13.23 ? 90   ALA A CA  1 
ATOM   648  C  C   . ALA A 1 90  ? -9.278  -2.890  -2.344  1.00   13.33 ? 90   ALA A C   1 
ATOM   649  O  O   . ALA A 1 90  ? -9.471  -2.304  -1.275  1.00   13.20 ? 90   ALA A O   1 
ATOM   650  C  CB  . ALA A 1 90  ? -7.678  -4.750  -1.878  1.00   13.05 ? 90   ALA A CB  1 
ATOM   651  N  N   . GLU A 1 91  ? -10.218 -3.047  -3.272  1.00   13.46 ? 91   GLU A N   1 
ATOM   652  C  CA  . GLU A 1 91  ? -11.610 -2.690  -3.027  1.00   13.76 ? 91   GLU A CA  1 
ATOM   653  C  C   . GLU A 1 91  ? -12.268 -3.741  -2.135  1.00   14.09 ? 91   GLU A C   1 
ATOM   654  O  O   . GLU A 1 91  ? -11.678 -4.788  -1.860  1.00   13.97 ? 91   GLU A O   1 
ATOM   655  C  CB  . GLU A 1 91  ? -12.374 -2.586  -4.345  1.00   13.72 ? 91   GLU A CB  1 
ATOM   656  C  CG  . GLU A 1 91  ? -12.050 -1.352  -5.168  1.00   12.97 ? 91   GLU A CG  1 
ATOM   657  C  CD  . GLU A 1 91  ? -12.600 -1.434  -6.578  1.00   12.57 ? 91   GLU A CD  1 
ATOM   658  O  OE1 . GLU A 1 91  ? -13.454 -2.306  -6.848  1.00   11.88 ? 91   GLU A OE1 1 
ATOM   659  O  OE2 . GLU A 1 91  ? -12.179 -0.623  -7.430  1.00   11.28 ? 91   GLU A OE2 1 
ATOM   660  N  N   . LYS A 1 92  ? -13.485 -3.453  -1.679  1.00   14.64 ? 92   LYS A N   1 
ATOM   661  C  CA  . LYS A 1 92  ? -14.277 -4.421  -0.927  1.00   15.28 ? 92   LYS A CA  1 
ATOM   662  C  C   . LYS A 1 92  ? -14.871 -5.455  -1.879  1.00   15.57 ? 92   LYS A C   1 
ATOM   663  O  O   . LYS A 1 92  ? -15.183 -5.141  -3.030  1.00   15.56 ? 92   LYS A O   1 
ATOM   664  C  CB  . LYS A 1 92  ? -15.396 -3.719  -0.156  1.00   15.32 ? 92   LYS A CB  1 
ATOM   665  C  CG  . LYS A 1 92  ? -14.922 -2.808  0.966   1.00   16.08 ? 92   LYS A CG  1 
ATOM   666  C  CD  . LYS A 1 92  ? -16.082 -2.408  1.864   1.00   17.28 ? 92   LYS A CD  1 
ATOM   667  C  CE  . LYS A 1 92  ? -15.971 -0.959  2.312   1.00   17.99 ? 92   LYS A CE  1 
ATOM   668  N  NZ  . LYS A 1 92  ? -17.005 -0.624  3.333   1.00   18.72 ? 92   LYS A NZ  1 
ATOM   669  N  N   . SER A 1 93  ? -15.020 -6.685  -1.392  1.00   16.06 ? 93   SER A N   1 
ATOM   670  C  CA  . SER A 1 93  ? -15.596 -7.776  -2.178  1.00   16.60 ? 93   SER A CA  1 
ATOM   671  C  C   . SER A 1 93  ? -17.065 -7.531  -2.520  1.00   16.99 ? 93   SER A C   1 
ATOM   672  O  O   . SER A 1 93  ? -17.795 -6.909  -1.746  1.00   16.80 ? 93   SER A O   1 
ATOM   673  C  CB  . SER A 1 93  ? -15.452 -9.105  -1.430  1.00   16.60 ? 93   SER A CB  1 
ATOM   674  O  OG  . SER A 1 93  ? -16.211 -10.131 -2.049  1.00   16.69 ? 93   SER A OG  1 
ATOM   675  N  N   . ILE A 1 94  ? -17.487 -8.032  -3.681  1.00   17.63 ? 94   ILE A N   1 
ATOM   676  C  CA  . ILE A 1 94  ? -18.890 -7.953  -4.106  1.00   18.35 ? 94   ILE A CA  1 
ATOM   677  C  C   . ILE A 1 94  ? -19.790 -8.870  -3.280  1.00   18.63 ? 94   ILE A C   1 
ATOM   678  O  O   . ILE A 1 94  ? -21.010 -8.701  -3.265  1.00   18.92 ? 94   ILE A O   1 
ATOM   679  C  CB  . ILE A 1 94  ? -19.054 -8.270  -5.622  1.00   18.30 ? 94   ILE A CB  1 
ATOM   680  C  CG1 . ILE A 1 94  ? -18.342 -9.575  -6.000  1.00   18.82 ? 94   ILE A CG1 1 
ATOM   681  C  CG2 . ILE A 1 94  ? -18.574 -7.106  -6.462  1.00   18.45 ? 94   ILE A CG2 1 
ATOM   682  C  CD1 . ILE A 1 94  ? -19.144 -10.474 -6.924  1.00   19.28 ? 94   ILE A CD1 1 
ATOM   683  N  N   . ASN A 1 95  ? -19.178 -9.839  -2.604  1.00   19.11 ? 95   ASN A N   1 
ATOM   684  C  CA  . ASN A 1 95  ? -19.897 -10.776 -1.742  1.00   19.47 ? 95   ASN A CA  1 
ATOM   685  C  C   . ASN A 1 95  ? -19.937 -10.341 -0.271  1.00   19.73 ? 95   ASN A C   1 
ATOM   686  O  O   . ASN A 1 95  ? -20.391 -11.093 0.597   1.00   20.16 ? 95   ASN A O   1 
ATOM   687  C  CB  . ASN A 1 95  ? -19.309 -12.184 -1.879  1.00   19.58 ? 95   ASN A CB  1 
ATOM   688  C  CG  . ASN A 1 95  ? -19.617 -12.957 -3.068  1.00   19.59 ? 95   ASN A CG  1 
ATOM   689  O  OD1 . ASN A 1 95  ? -19.845 -12.363 -4.118  0.0000 19.29 ? 95   ASN A OD1 1 
ATOM   690  N  ND2 . ASN A 1 95  ? -19.701 -14.271 -3.015  0.0000 19.61 ? 95   ASN A ND2 1 
ATOM   691  N  N   . GLY A 1 96  ? -19.462 -9.127  0.001   1.00   19.81 ? 96   GLY A N   1 
ATOM   692  C  CA  . GLY A 1 96  ? -19.572 -8.532  1.324   1.00   19.77 ? 96   GLY A CA  1 
ATOM   693  C  C   . GLY A 1 96  ? -18.365 -8.713  2.225   1.00   19.68 ? 96   GLY A C   1 
ATOM   694  O  O   . GLY A 1 96  ? -17.995 -7.795  2.961   1.00   19.92 ? 96   GLY A O   1 
ATOM   695  N  N   . VAL A 1 97  ? -17.764 -9.900  2.186   1.00   19.46 ? 97   VAL A N   1 
ATOM   696  C  CA  . VAL A 1 97  ? -16.603 -10.209 3.019   1.00   19.18 ? 97   VAL A CA  1 
ATOM   697  C  C   . VAL A 1 97  ? -15.424 -10.633 2.147   1.00   18.88 ? 97   VAL A C   1 
ATOM   698  O  O   . VAL A 1 97  ? -15.575 -11.452 1.236   1.00   19.01 ? 97   VAL A O   1 
ATOM   699  C  CB  . VAL A 1 97  ? -16.919 -11.307 4.076   1.00   19.22 ? 97   VAL A CB  1 
ATOM   700  C  CG1 . VAL A 1 97  ? -15.735 -11.522 5.014   1.00   19.15 ? 97   VAL A CG1 1 
ATOM   701  C  CG2 . VAL A 1 97  ? -18.159 -10.946 4.882   1.00   19.34 ? 97   VAL A CG2 1 
ATOM   702  N  N   . GLY A 1 98  ? -14.255 -10.063 2.431   1.00   18.44 ? 98   GLY A N   1 
ATOM   703  C  CA  . GLY A 1 98  ? -13.048 -10.354 1.676   1.00   17.77 ? 98   GLY A CA  1 
ATOM   704  C  C   . GLY A 1 98  ? -12.622 -9.185  0.809   1.00   17.27 ? 98   GLY A C   1 
ATOM   705  O  O   . GLY A 1 98  ? -13.227 -8.114  0.856   1.00   17.30 ? 98   GLY A O   1 
ATOM   706  N  N   . ASP A 1 99  ? -11.577 -9.393  0.016   1.00   16.69 ? 99   ASP A N   1 
ATOM   707  C  CA  . ASP A 1 99  ? -11.056 -8.339  -0.851  1.00   16.15 ? 99   ASP A CA  1 
ATOM   708  C  C   . ASP A 1 99  ? -11.702 -8.356  -2.236  1.00   15.43 ? 99   ASP A C   1 
ATOM   709  O  O   . ASP A 1 99  ? -12.128 -9.404  -2.730  1.00   15.12 ? 99   ASP A O   1 
ATOM   710  C  CB  . ASP A 1 99  ? -9.526  -8.418  -0.956  1.00   16.41 ? 99   ASP A CB  1 
ATOM   711  C  CG  . ASP A 1 99  ? -9.029  -9.795  -1.367  1.00   17.03 ? 99   ASP A CG  1 
ATOM   712  O  OD1 . ASP A 1 99  ? -7.993  -9.866  -2.058  1.00   17.83 ? 99   ASP A OD1 1 
ATOM   713  O  OD2 . ASP A 1 99  ? -9.595  -10.863 -1.042  1.00   18.30 ? 99   ASP A OD2 1 
ATOM   714  N  N   . GLY A 1 100 ? -11.788 -7.176  -2.842  1.00   14.72 ? 100  GLY A N   1 
ATOM   715  C  CA  . GLY A 1 100 ? -12.281 -7.020  -4.197  1.00   13.91 ? 100  GLY A CA  1 
ATOM   716  C  C   . GLY A 1 100 ? -11.157 -6.629  -5.136  1.00   13.42 ? 100  GLY A C   1 
ATOM   717  O  O   . GLY A 1 100 ? -9.995  -6.958  -4.888  1.00   13.46 ? 100  GLY A O   1 
ATOM   718  N  N   . GLU A 1 101 ? -11.507 -5.912  -6.202  1.00   12.76 ? 101  GLU A N   1 
ATOM   719  C  CA  . GLU A 1 101 ? -10.565 -5.536  -7.259  1.00   12.11 ? 101  GLU A CA  1 
ATOM   720  C  C   . GLU A 1 101 ? -9.252  -4.971  -6.717  1.00   11.86 ? 101  GLU A C   1 
ATOM   721  O  O   . GLU A 1 101 ? -9.255  -4.052  -5.895  1.00   11.56 ? 101  GLU A O   1 
ATOM   722  C  CB  . GLU A 1 101 ? -11.218 -4.530  -8.210  1.00   12.06 ? 101  GLU A CB  1 
ATOM   723  C  CG  . GLU A 1 101 ? -10.694 -4.579  -9.639  1.00   11.74 ? 101  GLU A CG  1 
ATOM   724  C  CD  . GLU A 1 101 ? -11.545 -3.770  -10.600 1.00   11.56 ? 101  GLU A CD  1 
ATOM   725  O  OE1 . GLU A 1 101 ? -11.978 -2.657  -10.227 1.00   11.22 ? 101  GLU A OE1 1 
ATOM   726  O  OE2 . GLU A 1 101 ? -11.785 -4.244  -11.730 1.00   11.72 ? 101  GLU A OE2 1 
ATOM   727  N  N   . HIS A 1 102 ? -8.141  -5.543  -7.181  1.00   11.47 ? 102  HIS A N   1 
ATOM   728  C  CA  . HIS A 1 102 ? -6.804  -5.102  -6.797  1.00   11.36 ? 102  HIS A CA  1 
ATOM   729  C  C   . HIS A 1 102 ? -6.298  -4.029  -7.760  1.00   11.40 ? 102  HIS A C   1 
ATOM   730  O  O   . HIS A 1 102 ? -6.433  -4.160  -8.979  1.00   11.25 ? 102  HIS A O   1 
ATOM   731  C  CB  . HIS A 1 102 ? -5.823  -6.281  -6.789  1.00   11.27 ? 102  HIS A CB  1 
ATOM   732  C  CG  . HIS A 1 102 ? -5.967  -7.194  -5.608  1.00   11.11 ? 102  HIS A CG  1 
ATOM   733  N  ND1 . HIS A 1 102 ? -5.075  -8.212  -5.347  1.00   10.85 ? 102  HIS A ND1 1 
ATOM   734  C  CD2 . HIS A 1 102 ? -6.897  -7.248  -4.626  1.00   10.64 ? 102  HIS A CD2 1 
ATOM   735  C  CE1 . HIS A 1 102 ? -5.450  -8.855  -4.256  1.00   10.83 ? 102  HIS A CE1 1 
ATOM   736  N  NE2 . HIS A 1 102 ? -6.553  -8.289  -3.797  1.00   10.60 ? 102  HIS A NE2 1 
ATOM   737  N  N   . TRP A 1 103 ? -5.711  -2.977  -7.195  1.00   11.51 ? 103  TRP A N   1 
ATOM   738  C  CA  . TRP A 1 103 ? -5.145  -1.877  -7.969  1.00   11.64 ? 103  TRP A CA  1 
ATOM   739  C  C   . TRP A 1 103 ? -3.713  -1.615  -7.510  1.00   11.94 ? 103  TRP A C   1 
ATOM   740  O  O   . TRP A 1 103 ? -3.454  -1.480  -6.312  1.00   11.69 ? 103  TRP A O   1 
ATOM   741  C  CB  . TRP A 1 103 ? -6.027  -0.630  -7.840  1.00   11.47 ? 103  TRP A CB  1 
ATOM   742  C  CG  . TRP A 1 103 ? -7.299  -0.777  -8.616  1.00   11.22 ? 103  TRP A CG  1 
ATOM   743  C  CD1 . TRP A 1 103 ? -8.443  -1.410  -8.213  1.00   10.91 ? 103  TRP A CD1 1 
ATOM   744  C  CD2 . TRP A 1 103 ? -7.546  -0.318  -9.949  1.00   10.96 ? 103  TRP A CD2 1 
ATOM   745  N  NE1 . TRP A 1 103 ? -9.388  -1.362  -9.211  1.00   11.01 ? 103  TRP A NE1 1 
ATOM   746  C  CE2 . TRP A 1 103 ? -8.864  -0.696  -10.288 1.00   10.98 ? 103  TRP A CE2 1 
ATOM   747  C  CE3 . TRP A 1 103 ? -6.788  0.387   -10.895 1.00   11.06 ? 103  TRP A CE3 1 
ATOM   748  C  CZ2 . TRP A 1 103 ? -9.435  -0.398  -11.527 1.00   11.05 ? 103  TRP A CZ2 1 
ATOM   749  C  CZ3 . TRP A 1 103 ? -7.356  0.682   -12.127 1.00   10.83 ? 103  TRP A CZ3 1 
ATOM   750  C  CH2 . TRP A 1 103 ? -8.668  0.291   -12.430 1.00   11.00 ? 103  TRP A CH2 1 
ATOM   751  N  N   . VAL A 1 104 ? -2.787  -1.555  -8.466  1.00   12.32 ? 104  VAL A N   1 
ATOM   752  C  CA  . VAL A 1 104 ? -1.356  -1.573  -8.152  1.00   12.87 ? 104  VAL A CA  1 
ATOM   753  C  C   . VAL A 1 104 ? -0.566  -0.372  -8.674  1.00   13.23 ? 104  VAL A C   1 
ATOM   754  O  O   . VAL A 1 104 ? -0.961  0.284   -9.641  1.00   13.12 ? 104  VAL A O   1 
ATOM   755  C  CB  . VAL A 1 104 ? -0.666  -2.892  -8.632  1.00   12.83 ? 104  VAL A CB  1 
ATOM   756  C  CG1 . VAL A 1 104 ? -1.228  -4.107  -7.896  1.00   13.01 ? 104  VAL A CG1 1 
ATOM   757  C  CG2 . VAL A 1 104 ? -0.783  -3.070  -10.146 1.00   12.91 ? 104  VAL A CG2 1 
ATOM   758  N  N   . TYR A 1 105 ? 0.550   -0.096  -8.004  1.00   13.75 ? 105  TYR A N   1 
ATOM   759  C  CA  . TYR A 1 105 ? 1.570   0.822   -8.497  1.00   14.47 ? 105  TYR A CA  1 
ATOM   760  C  C   . TYR A 1 105 ? 2.938   0.322   -8.042  1.00   14.84 ? 105  TYR A C   1 
ATOM   761  O  O   . TYR A 1 105 ? 3.161   0.112   -6.848  1.00   14.92 ? 105  TYR A O   1 
ATOM   762  C  CB  . TYR A 1 105 ? 1.321   2.257   -8.014  1.00   14.47 ? 105  TYR A CB  1 
ATOM   763  C  CG  . TYR A 1 105 ? 2.021   3.298   -8.864  1.00   15.02 ? 105  TYR A CG  1 
ATOM   764  C  CD1 . TYR A 1 105 ? 1.421   3.803   -10.015 1.00   15.14 ? 105  TYR A CD1 1 
ATOM   765  C  CD2 . TYR A 1 105 ? 3.294   3.761   -8.527  1.00   15.57 ? 105  TYR A CD2 1 
ATOM   766  C  CE1 . TYR A 1 105 ? 2.063   4.750   -10.807 1.00   16.04 ? 105  TYR A CE1 1 
ATOM   767  C  CE2 . TYR A 1 105 ? 3.946   4.710   -9.314  1.00   16.17 ? 105  TYR A CE2 1 
ATOM   768  C  CZ  . TYR A 1 105 ? 3.324   5.198   -10.450 1.00   16.31 ? 105  TYR A CZ  1 
ATOM   769  O  OH  . TYR A 1 105 ? 3.958   6.133   -11.235 1.00   17.56 ? 105  TYR A OH  1 
ATOM   770  N  N   . SER A 1 106 ? 3.838   0.118   -8.999  1.00   15.35 ? 106  SER A N   1 
ATOM   771  C  CA  . SER A 1 106 ? 5.174   -0.399  -8.712  1.00   15.90 ? 106  SER A CA  1 
ATOM   772  C  C   . SER A 1 106 ? 6.131   0.711   -8.292  1.00   16.37 ? 106  SER A C   1 
ATOM   773  O  O   . SER A 1 106 ? 6.167   1.779   -8.907  1.00   16.37 ? 106  SER A O   1 
ATOM   774  C  CB  . SER A 1 106 ? 5.737   -1.148  -9.921  1.00   15.89 ? 106  SER A CB  1 
ATOM   775  O  OG  . SER A 1 106 ? 4.966   -2.300  -10.208 1.00   15.95 ? 106  SER A OG  1 
ATOM   776  N  N   . ILE A 1 107 ? 6.908   0.439   -7.247  1.00   16.96 ? 107  ILE A N   1 
ATOM   777  C  CA  . ILE A 1 107 ? 7.885   1.389   -6.712  1.00   17.62 ? 107  ILE A CA  1 
ATOM   778  C  C   . ILE A 1 107 ? 9.183   0.676   -6.325  1.00   17.92 ? 107  ILE A C   1 
ATOM   779  O  O   . ILE A 1 107 ? 9.160   -0.481  -5.898  1.00   17.86 ? 107  ILE A O   1 
ATOM   780  C  CB  . ILE A 1 107 ? 7.302   2.158   -5.493  1.00   17.69 ? 107  ILE A CB  1 
ATOM   781  C  CG1 . ILE A 1 107 ? 6.562   1.207   -4.547  1.00   18.07 ? 107  ILE A CG1 1 
ATOM   782  C  CG2 . ILE A 1 107 ? 6.374   3.282   -5.950  1.00   18.08 ? 107  ILE A CG2 1 
ATOM   783  C  CD1 . ILE A 1 107 ? 6.842   1.461   -3.090  1.00   18.85 ? 107  ILE A CD1 1 
ATOM   784  N  N   . THR A 1 108 ? 10.309  1.369   -6.481  1.00   18.35 ? 108  THR A N   1 
ATOM   785  C  CA  . THR A 1 108 ? 11.614  0.819   -6.114  1.00   18.94 ? 108  THR A CA  1 
ATOM   786  C  C   . THR A 1 108 ? 12.277  1.654   -5.011  1.00   19.20 ? 108  THR A C   1 
ATOM   787  O  O   . THR A 1 108 ? 12.735  2.768   -5.266  1.00   19.20 ? 108  THR A O   1 
ATOM   788  C  CB  . THR A 1 108 ? 12.535  0.709   -7.355  1.00   18.87 ? 108  THR A CB  1 
ATOM   789  O  OG1 . THR A 1 108 ? 11.939  -0.164  -8.322  1.00   19.06 ? 108  THR A OG1 1 
ATOM   790  C  CG2 . THR A 1 108 ? 13.841  -0.002  -7.006  1.00   19.03 ? 108  THR A CG2 1 
ATOM   791  N  N   . PRO A 1 109 ? 12.316  1.116   -3.790  1.00   19.61 ? 109  PRO A N   1 
ATOM   792  C  CA  . PRO A 1 109 ? 12.975  1.788   -2.661  1.00   19.88 ? 109  PRO A CA  1 
ATOM   793  C  C   . PRO A 1 109 ? 14.478  1.966   -2.892  1.00   20.22 ? 109  PRO A C   1 
ATOM   794  O  O   . PRO A 1 109 ? 15.155  1.012   -3.289  1.00   20.26 ? 109  PRO A O   1 
ATOM   795  C  CB  . PRO A 1 109 ? 12.733  0.828   -1.492  1.00   19.84 ? 109  PRO A CB  1 
ATOM   796  C  CG  . PRO A 1 109 ? 11.575  -0.006  -1.913  1.00   19.74 ? 109  PRO A CG  1 
ATOM   797  C  CD  . PRO A 1 109 ? 11.721  -0.172  -3.391  1.00   19.58 ? 109  PRO A CD  1 
ATOM   798  N  N   . ASP A 1 110 ? 14.979  3.178   -2.656  1.00   20.44 ? 110  ASP A N   1 
ATOM   799  C  CA  . ASP A 1 110 ? 16.395  3.488   -2.852  1.00   20.70 ? 110  ASP A CA  1 
ATOM   800  C  C   . ASP A 1 110 ? 17.118  3.710   -1.518  1.00   20.79 ? 110  ASP A C   1 
ATOM   801  O  O   . ASP A 1 110 ? 16.503  3.633   -0.453  1.00   20.81 ? 110  ASP A O   1 
ATOM   802  C  CB  . ASP A 1 110 ? 16.562  4.694   -3.789  1.00   20.63 ? 110  ASP A CB  1 
ATOM   803  C  CG  . ASP A 1 110 ? 16.217  6.039   -2.930  1.00   20.94 ? 110  ASP A CG  1 
ATOM   804  O  OD1 . ASP A 1 110 ? 15.018  6.257   -2.516  0.0000 22.18 ? 110  ASP A OD1 1 
ATOM   805  O  OD2 . ASP A 1 110 ? 17.147  6.899   -2.694  0.0000 22.00 ? 110  ASP A OD2 1 
ATOM   806  N  N   . SER A 1 111 ? 18.419  3.991   -1.593  1.00   20.83 ? 111  SER A N   1 
ATOM   807  C  CA  . SER A 1 111 ? 19.271  4.136   -0.409  1.00   20.97 ? 111  SER A CA  1 
ATOM   808  C  C   . SER A 1 111 ? 18.871  5.295   0.511   1.00   20.93 ? 111  SER A C   1 
ATOM   809  O  O   . SER A 1 111 ? 19.108  5.241   1.719   1.00   21.15 ? 111  SER A O   1 
ATOM   810  C  CB  . SER A 1 111 ? 20.740  4.276   -0.822  1.00   21.00 ? 111  SER A CB  1 
ATOM   811  O  OG  . SER A 1 111 ? 20.865  5.773   -1.999  0.0000 20.31 ? 111  SER A OG  1 
ATOM   812  N  N   . SER A 1 112 ? 18.264  6.330   -0.066  1.00   20.85 ? 112  SER A N   1 
ATOM   813  C  CA  . SER A 1 112 ? 17.853  7.515   0.684   1.00   20.71 ? 112  SER A CA  1 
ATOM   814  C  C   . SER A 1 112 ? 16.333  7.637   0.780   1.00   20.44 ? 112  SER A C   1 
ATOM   815  O  O   . SER A 1 112 ? 15.608  7.142   -0.087  1.00   20.31 ? 112  SER A O   1 
ATOM   816  C  CB  . SER A 1 112 ? 18.439  8.775   0.043   1.00   20.79 ? 112  SER A CB  1 
ATOM   817  O  OG  . SER A 1 112 ? 19.852  8.701   -0.023  1.00   21.37 ? 112  SER A OG  1 
ATOM   818  N  N   . TRP A 1 113 ? 15.868  8.301   1.838   1.00   20.12 ? 113  TRP A N   1 
ATOM   819  C  CA  . TRP A 1 113 ? 14.443  8.564   2.044   1.00   19.88 ? 113  TRP A CA  1 
ATOM   820  C  C   . TRP A 1 113 ? 13.864  9.400   0.910   1.00   19.68 ? 113  TRP A C   1 
ATOM   821  O  O   . TRP A 1 113 ? 14.398  10.460  0.571   1.00   19.79 ? 113  TRP A O   1 
ATOM   822  C  CB  . TRP A 1 113 ? 14.211  9.297   3.370   1.00   19.89 ? 113  TRP A CB  1 
ATOM   823  C  CG  . TRP A 1 113 ? 14.223  8.414   4.579   1.00   19.78 ? 113  TRP A CG  1 
ATOM   824  C  CD1 . TRP A 1 113 ? 15.180  8.373   5.553   1.00   19.77 ? 113  TRP A CD1 1 
ATOM   825  C  CD2 . TRP A 1 113 ? 13.228  7.454   4.956   1.00   19.93 ? 113  TRP A CD2 1 
ATOM   826  N  NE1 . TRP A 1 113 ? 14.846  7.444   6.508   1.00   19.89 ? 113  TRP A NE1 1 
ATOM   827  C  CE2 . TRP A 1 113 ? 13.651  6.864   6.168   1.00   19.86 ? 113  TRP A CE2 1 
ATOM   828  C  CE3 . TRP A 1 113 ? 12.017  7.026   4.391   1.00   19.76 ? 113  TRP A CE3 1 
ATOM   829  C  CZ2 . TRP A 1 113 ? 12.913  5.871   6.821   1.00   20.16 ? 113  TRP A CZ2 1 
ATOM   830  C  CZ3 . TRP A 1 113 ? 11.284  6.041   5.041   1.00   19.79 ? 113  TRP A CZ3 1 
ATOM   831  C  CH2 . TRP A 1 113 ? 11.735  5.477   6.244   1.00   19.94 ? 113  TRP A CH2 1 
ATOM   832  N  N   . LYS A 1 114 ? 12.775  8.913   0.323   1.00   19.28 ? 114  LYS A N   1 
ATOM   833  C  CA  . LYS A 1 114 ? 12.040  9.676   -0.678  1.00   18.85 ? 114  LYS A CA  1 
ATOM   834  C  C   . LYS A 1 114 ? 10.537  9.584   -0.450  1.00   18.48 ? 114  LYS A C   1 
ATOM   835  O  O   . LYS A 1 114 ? 10.023  8.546   -0.023  1.00   18.42 ? 114  LYS A O   1 
ATOM   836  C  CB  . LYS A 1 114 ? 12.422  9.245   -2.103  1.00   18.95 ? 114  LYS A CB  1 
ATOM   837  C  CG  . LYS A 1 114 ? 11.803  7.939   -2.583  1.00   19.05 ? 114  LYS A CG  1 
ATOM   838  C  CD  . LYS A 1 114 ? 11.942  7.512   -3.988  0.0000 20.00 ? 114  LYS A CD  1 
ATOM   839  C  CE  . LYS A 1 114 ? 11.423  7.586   -5.423  0.0000 20.00 ? 114  LYS A CE  1 
ATOM   840  N  NZ  . LYS A 1 114 ? 11.347  6.270   -6.072  0.0000 20.00 ? 114  LYS A NZ  1 
ATOM   841  N  N   . THR A 1 115 ? 9.845   10.688  -0.712  1.00   18.07 ? 115  THR A N   1 
ATOM   842  C  CA  . THR A 1 115 ? 8.394   10.734  -0.616  1.00   17.69 ? 115  THR A CA  1 
ATOM   843  C  C   . THR A 1 115 ? 7.792   10.333  -1.956  1.00   17.40 ? 115  THR A C   1 
ATOM   844  O  O   . THR A 1 115 ? 8.106   10.925  -2.992  1.00   17.37 ? 115  THR A O   1 
ATOM   845  C  CB  . THR A 1 115 ? 7.912   12.145  -0.205  1.00   17.77 ? 115  THR A CB  1 
ATOM   846  O  OG1 . THR A 1 115 ? 8.621   12.577  0.964   1.00   17.93 ? 115  THR A OG1 1 
ATOM   847  C  CG2 . THR A 1 115 ? 6.461   12.106  0.261   1.00   17.64 ? 115  THR A CG2 1 
ATOM   848  N  N   . ILE A 1 116 ? 6.941   9.312   -1.927  1.00   16.88 ? 116  ILE A N   1 
ATOM   849  C  CA  . ILE A 1 116 ? 6.241   8.856   -3.121  1.00   16.42 ? 116  ILE A CA  1 
ATOM   850  C  C   . ILE A 1 116 ? 4.759   9.194   -2.995  1.00   16.12 ? 116  ILE A C   1 
ATOM   851  O  O   . ILE A 1 116 ? 4.068   8.677   -2.116  1.00   16.05 ? 116  ILE A O   1 
ATOM   852  C  CB  . ILE A 1 116 ? 6.457   7.338   -3.349  1.00   16.51 ? 116  ILE A CB  1 
ATOM   853  C  CG1 . ILE A 1 116 ? 7.947   7.033   -3.541  1.00   16.40 ? 116  ILE A CG1 1 
ATOM   854  C  CG2 . ILE A 1 116 ? 5.642   6.847   -4.548  1.00   16.26 ? 116  ILE A CG2 1 
ATOM   855  C  CD1 . ILE A 1 116 ? 8.271   5.562   -3.684  1.00   16.51 ? 116  ILE A CD1 1 
ATOM   856  N  N   . GLU A 1 117 ? 4.291   10.083  -3.867  1.00   15.64 ? 117  GLU A N   1 
ATOM   857  C  CA  . GLU A 1 117 ? 2.886   10.474  -3.905  1.00   15.31 ? 117  GLU A CA  1 
ATOM   858  C  C   . GLU A 1 117 ? 2.247   9.958   -5.188  1.00   15.01 ? 117  GLU A C   1 
ATOM   859  O  O   . GLU A 1 117 ? 2.595   10.399  -6.286  1.00   14.97 ? 117  GLU A O   1 
ATOM   860  C  CB  . GLU A 1 117 ? 2.746   11.996  -3.804  1.00   15.33 ? 117  GLU A CB  1 
ATOM   861  C  CG  . GLU A 1 117 ? 1.313   12.496  -3.677  1.00   15.37 ? 117  GLU A CG  1 
ATOM   862  C  CD  . GLU A 1 117 ? 1.227   14.011  -3.618  1.00   16.05 ? 117  GLU A CD  1 
ATOM   863  O  OE1 . GLU A 1 117 ? 1.721   14.599  -2.633  1.00   15.70 ? 117  GLU A OE1 1 
ATOM   864  O  OE2 . GLU A 1 117 ? 0.663   14.613  -4.556  1.00   16.23 ? 117  GLU A OE2 1 
ATOM   865  N  N   . ILE A 1 118 ? 1.315   9.020   -5.040  1.00   14.65 ? 118  ILE A N   1 
ATOM   866  C  CA  . ILE A 1 118 ? 0.630   8.416   -6.179  1.00   14.31 ? 118  ILE A CA  1 
ATOM   867  C  C   . ILE A 1 118 ? -0.840  8.834   -6.214  1.00   14.13 ? 118  ILE A C   1 
ATOM   868  O  O   . ILE A 1 118 ? -1.604  8.500   -5.302  1.00   13.92 ? 118  ILE A O   1 
ATOM   869  C  CB  . ILE A 1 118 ? 0.744   6.863   -6.148  1.00   14.31 ? 118  ILE A CB  1 
ATOM   870  C  CG1 . ILE A 1 118 ? 2.164   6.415   -5.787  1.00   14.39 ? 118  ILE A CG1 1 
ATOM   871  C  CG2 . ILE A 1 118 ? 0.322   6.267   -7.491  1.00   14.37 ? 118  ILE A CG2 1 
ATOM   872  C  CD1 . ILE A 1 118 ? 2.224   5.112   -5.004  1.00   14.41 ? 118  ILE A CD1 1 
ATOM   873  N  N   . PRO A 1 119 ? -1.237  9.560   -7.261  1.00   13.95 ? 119  PRO A N   1 
ATOM   874  C  CA  . PRO A 1 119 ? -2.657  9.859   -7.489  1.00   13.86 ? 119  PRO A CA  1 
ATOM   875  C  C   . PRO A 1 119 ? -3.430  8.559   -7.687  1.00   13.73 ? 119  PRO A C   1 
ATOM   876  O  O   . PRO A 1 119 ? -2.887  7.622   -8.277  1.00   13.66 ? 119  PRO A O   1 
ATOM   877  C  CB  . PRO A 1 119 ? -2.644  10.672  -8.785  1.00   13.83 ? 119  PRO A CB  1 
ATOM   878  C  CG  . PRO A 1 119 ? -1.252  11.210  -8.889  1.00   13.97 ? 119  PRO A CG  1 
ATOM   879  C  CD  . PRO A 1 119 ? -0.375  10.152  -8.302  1.00   13.94 ? 119  PRO A CD  1 
ATOM   880  N  N   . PHE A 1 120 ? -4.662  8.495   -7.190  1.00   13.62 ? 120  PHE A N   1 
ATOM   881  C  CA  . PHE A 1 120 ? -5.491  7.300   -7.349  1.00   13.64 ? 120  PHE A CA  1 
ATOM   882  C  C   . PHE A 1 120 ? -5.759  6.975   -8.820  1.00   13.50 ? 120  PHE A C   1 
ATOM   883  O  O   . PHE A 1 120 ? -5.927  5.809   -9.183  1.00   13.54 ? 120  PHE A O   1 
ATOM   884  C  CB  . PHE A 1 120 ? -6.804  7.434   -6.570  1.00   13.66 ? 120  PHE A CB  1 
ATOM   885  C  CG  . PHE A 1 120 ? -6.622  7.483   -5.075  1.00   13.99 ? 120  PHE A CG  1 
ATOM   886  C  CD1 . PHE A 1 120 ? -5.831  6.539   -4.421  1.00   14.74 ? 120  PHE A CD1 1 
ATOM   887  C  CD2 . PHE A 1 120 ? -7.244  8.471   -4.321  1.00   14.44 ? 120  PHE A CD2 1 
ATOM   888  C  CE1 . PHE A 1 120 ? -5.660  6.585   -3.037  1.00   15.25 ? 120  PHE A CE1 1 
ATOM   889  C  CE2 . PHE A 1 120 ? -7.082  8.525   -2.937  1.00   15.11 ? 120  PHE A CE2 1 
ATOM   890  C  CZ  . PHE A 1 120 ? -6.287  7.579   -2.295  1.00   15.04 ? 120  PHE A CZ  1 
ATOM   891  N  N   . SER A 1 121 ? -5.770  8.012   -9.658  1.00   13.36 ? 121  SER A N   1 
ATOM   892  C  CA  . SER A 1 121 ? -5.938  7.860   -11.103 1.00   13.17 ? 121  SER A CA  1 
ATOM   893  C  C   . SER A 1 121 ? -4.713  7.229   -11.783 1.00   13.03 ? 121  SER A C   1 
ATOM   894  O  O   . SER A 1 121 ? -4.788  6.815   -12.942 1.00   13.06 ? 121  SER A O   1 
ATOM   895  C  CB  . SER A 1 121 ? -6.262  9.213   -11.748 1.00   13.30 ? 121  SER A CB  1 
ATOM   896  O  OG  . SER A 1 121 ? -5.189  10.126  -11.587 1.00   13.35 ? 121  SER A OG  1 
ATOM   897  N  N   . SER A 1 122 ? -3.597  7.162   -11.060 1.00   12.85 ? 122  SER A N   1 
ATOM   898  C  CA  . SER A 1 122 ? -2.357  6.581   -11.580 1.00   12.79 ? 122  SER A CA  1 
ATOM   899  C  C   . SER A 1 122 ? -2.220  5.081   -11.303 1.00   12.54 ? 122  SER A C   1 
ATOM   900  O  O   . SER A 1 122 ? -1.326  4.424   -11.849 1.00   12.50 ? 122  SER A O   1 
ATOM   901  C  CB  . SER A 1 122 ? -1.141  7.324   -11.022 1.00   12.86 ? 122  SER A CB  1 
ATOM   902  O  OG  . SER A 1 122 ? -0.836  8.452   -11.817 1.00   13.75 ? 122  SER A OG  1 
ATOM   903  N  N   . PHE A 1 123 ? -3.093  4.548   -10.450 1.00   12.15 ? 123  PHE A N   1 
ATOM   904  C  CA  . PHE A 1 123 ? -3.089  3.119   -10.143 1.00   11.90 ? 123  PHE A CA  1 
ATOM   905  C  C   . PHE A 1 123 ? -3.589  2.309   -11.335 1.00   11.83 ? 123  PHE A C   1 
ATOM   906  O  O   . PHE A 1 123 ? -4.475  2.749   -12.073 1.00   11.85 ? 123  PHE A O   1 
ATOM   907  C  CB  . PHE A 1 123 ? -3.923  2.823   -8.892  1.00   11.77 ? 123  PHE A CB  1 
ATOM   908  C  CG  . PHE A 1 123 ? -3.192  3.083   -7.604  1.00   11.75 ? 123  PHE A CG  1 
ATOM   909  C  CD1 . PHE A 1 123 ? -3.148  4.363   -7.059  1.00   11.54 ? 123  PHE A CD1 1 
ATOM   910  C  CD2 . PHE A 1 123 ? -2.543  2.046   -6.935  1.00   11.76 ? 123  PHE A CD2 1 
ATOM   911  C  CE1 . PHE A 1 123 ? -2.467  4.609   -5.864  1.00   11.70 ? 123  PHE A CE1 1 
ATOM   912  C  CE2 . PHE A 1 123 ? -1.858  2.281   -5.744  1.00   11.59 ? 123  PHE A CE2 1 
ATOM   913  C  CZ  . PHE A 1 123 ? -1.818  3.566   -5.210  1.00   11.51 ? 123  PHE A CZ  1 
ATOM   914  N  N   . ARG A 1 124 ? -3.000  1.130   -11.513 1.00   11.76 ? 124  ARG A N   1 
ATOM   915  C  CA  . ARG A 1 124 ? -3.313  0.247   -12.631 1.00   11.59 ? 124  ARG A CA  1 
ATOM   916  C  C   . ARG A 1 124 ? -4.007  -1.011  -12.127 1.00   11.48 ? 124  ARG A C   1 
ATOM   917  O  O   . ARG A 1 124 ? -3.675  -1.518  -11.055 1.00   11.27 ? 124  ARG A O   1 
ATOM   918  C  CB  . ARG A 1 124 ? -2.032  -0.133  -13.376 1.00   11.60 ? 124  ARG A CB  1 
ATOM   919  C  CG  . ARG A 1 124 ? -1.277  1.047   -13.980 1.00   11.89 ? 124  ARG A CG  1 
ATOM   920  C  CD  . ARG A 1 124 ? -0.061  1.508   -13.182 1.00   12.25 ? 124  ARG A CD  1 
ATOM   921  N  NE  . ARG A 1 124 ? 0.235   2.915   -13.450 1.00   13.23 ? 124  ARG A NE  1 
ATOM   922  C  CZ  . ARG A 1 124 ? 1.066   3.353   -14.391 1.00   13.75 ? 124  ARG A CZ  1 
ATOM   923  N  NH1 . ARG A 1 124 ? 1.249   4.657   -14.552 1.00   13.78 ? 124  ARG A NH1 1 
ATOM   924  N  NH2 . ARG A 1 124 ? 1.720   2.497   -15.169 1.00   13.77 ? 124  ARG A NH2 1 
ATOM   925  N  N   . ARG A 1 125 ? -4.967  -1.510  -12.901 1.00   11.58 ? 125  ARG A N   1 
ATOM   926  C  CA  . ARG A 1 125 ? -5.689  -2.732  -12.545 1.00   11.64 ? 125  ARG A CA  1 
ATOM   927  C  C   . ARG A 1 125 ? -4.763  -3.946  -12.613 1.00   11.67 ? 125  ARG A C   1 
ATOM   928  O  O   . ARG A 1 125 ? -4.138  -4.203  -13.643 1.00   11.71 ? 125  ARG A O   1 
ATOM   929  C  CB  . ARG A 1 125 ? -6.912  -2.927  -13.445 1.00   11.55 ? 125  ARG A CB  1 
ATOM   930  C  CG  . ARG A 1 125 ? -7.896  -3.968  -12.934 1.00   11.81 ? 125  ARG A CG  1 
ATOM   931  C  CD  . ARG A 1 125 ? -9.158  -4.099  -13.768 1.00   12.20 ? 125  ARG A CD  1 
ATOM   932  N  NE  . ARG A 1 125 ? -9.884  -5.326  -13.444 1.00   12.11 ? 125  ARG A NE  1 
ATOM   933  C  CZ  . ARG A 1 125 ? -9.731  -6.481  -14.082 1.00   12.76 ? 125  ARG A CZ  1 
ATOM   934  N  NH1 . ARG A 1 125 ? -8.882  -6.584  -15.098 1.00   12.39 ? 125  ARG A NH1 1 
ATOM   935  N  NH2 . ARG A 1 125 ? -10.435 -7.539  -13.709 1.00   12.80 ? 125  ARG A NH2 1 
ATOM   936  N  N   . ARG A 1 126 ? -4.683  -4.678  -11.504 1.00   11.82 ? 126  ARG A N   1 
ATOM   937  C  CA  . ARG A 1 126 ? -3.807  -5.846  -11.391 1.00   11.99 ? 126  ARG A CA  1 
ATOM   938  C  C   . ARG A 1 126 ? -4.235  -6.956  -12.349 1.00   12.08 ? 126  ARG A C   1 
ATOM   939  O  O   . ARG A 1 126 ? -5.431  -7.231  -12.500 1.00   12.01 ? 126  ARG A O   1 
ATOM   940  C  CB  . ARG A 1 126 ? -3.791  -6.360  -9.949  1.00   11.91 ? 126  ARG A CB  1 
ATOM   941  C  CG  . ARG A 1 126 ? -2.627  -7.280  -9.627  1.00   12.14 ? 126  ARG A CG  1 
ATOM   942  C  CD  . ARG A 1 126 ? -2.604  -7.783  -8.192  1.00   11.79 ? 126  ARG A CD  1 
ATOM   943  N  NE  . ARG A 1 126 ? -1.596  -8.824  -8.000  1.00   11.91 ? 126  ARG A NE  1 
ATOM   944  C  CZ  . ARG A 1 126 ? -1.444  -9.535  -6.887  1.00   12.23 ? 126  ARG A CZ  1 
ATOM   945  N  NH1 . ARG A 1 126 ? -0.495  -10.462 -6.818  1.00   11.95 ? 126  ARG A NH1 1 
ATOM   946  N  NH2 . ARG A 1 126 ? -2.237  -9.333  -5.841  1.00   11.86 ? 126  ARG A NH2 1 
ATOM   947  N  N   . LEU A 1 127 ? -3.251  -7.587  -12.988 1.00   12.26 ? 127  LEU A N   1 
ATOM   948  C  CA  . LEU A 1 127 ? -3.520  -8.611  -13.997 1.00   12.56 ? 127  LEU A CA  1 
ATOM   949  C  C   . LEU A 1 127 ? -2.944  -9.993  -13.677 1.00   12.73 ? 127  LEU A C   1 
ATOM   950  O  O   . LEU A 1 127 ? -3.448  -11.002 -14.177 1.00   12.77 ? 127  LEU A O   1 
ATOM   951  C  CB  . LEU A 1 127 ? -3.049  -8.146  -15.381 1.00   12.62 ? 127  LEU A CB  1 
ATOM   952  C  CG  . LEU A 1 127 ? -3.862  -7.055  -16.090 1.00   12.80 ? 127  LEU A CG  1 
ATOM   953  C  CD1 . LEU A 1 127 ? -3.224  -6.726  -17.426 1.00   13.16 ? 127  LEU A CD1 1 
ATOM   954  C  CD2 . LEU A 1 127 ? -5.325  -7.456  -16.282 1.00   13.26 ? 127  LEU A CD2 1 
ATOM   955  N  N   . ASP A 1 128 ? -1.896  -10.046 -12.856 1.00   12.90 ? 128  ASP A N   1 
ATOM   956  C  CA  . ASP A 1 128 ? -1.314  -11.331 -12.461 1.00   13.10 ? 128  ASP A CA  1 
ATOM   957  C  C   . ASP A 1 128 ? -2.211  -12.093 -11.479 1.00   13.09 ? 128  ASP A C   1 
ATOM   958  O  O   . ASP A 1 128 ? -2.158  -13.323 -11.406 1.00   13.24 ? 128  ASP A O   1 
ATOM   959  C  CB  . ASP A 1 128 ? 0.113   -11.163 -11.913 1.00   13.22 ? 128  ASP A CB  1 
ATOM   960  C  CG  . ASP A 1 128 ? 0.160   -10.444 -10.571 1.00   13.66 ? 128  ASP A CG  1 
ATOM   961  O  OD1 . ASP A 1 128 ? -0.353  -9.310  -10.473 1.00   13.58 ? 128  ASP A OD1 1 
ATOM   962  O  OD2 . ASP A 1 128 ? 0.710   -10.932 -9.561  1.00   14.40 ? 128  ASP A OD2 1 
ATOM   963  N  N   . TYR A 1 129 ? -3.040  -11.352 -10.743 1.00   13.02 ? 129  TYR A N   1 
ATOM   964  C  CA  . TYR A 1 129 ? -3.981  -11.929 -9.785  1.00   12.95 ? 129  TYR A CA  1 
ATOM   965  C  C   . TYR A 1 129 ? -5.144  -10.981 -9.509  1.00   12.86 ? 129  TYR A C   1 
ATOM   966  O  O   . TYR A 1 129 ? -4.956  -9.769  -9.389  1.00   12.81 ? 129  TYR A O   1 
ATOM   967  C  CB  . TYR A 1 129 ? -3.272  -12.272 -8.468  1.00   12.95 ? 129  TYR A CB  1 
ATOM   968  C  CG  . TYR A 1 129 ? -4.185  -12.796 -7.373  1.00   13.24 ? 129  TYR A CG  1 
ATOM   969  C  CD1 . TYR A 1 129 ? -4.517  -14.147 -7.304  1.00   13.35 ? 129  TYR A CD1 1 
ATOM   970  C  CD2 . TYR A 1 129 ? -4.709  -11.939 -6.401  1.00   13.42 ? 129  TYR A CD2 1 
ATOM   971  C  CE1 . TYR A 1 129 ? -5.349  -14.635 -6.303  1.00   13.62 ? 129  TYR A CE1 1 
ATOM   972  C  CE2 . TYR A 1 129 ? -5.546  -12.417 -5.394  1.00   13.58 ? 129  TYR A CE2 1 
ATOM   973  C  CZ  . TYR A 1 129 ? -5.859  -13.766 -5.351  1.00   13.88 ? 129  TYR A CZ  1 
ATOM   974  O  OH  . TYR A 1 129 ? -6.682  -14.252 -4.360  1.00   14.29 ? 129  TYR A OH  1 
ATOM   975  N  N   . GLN A 1 130 ? -6.342  -11.550 -9.422  1.00   12.67 ? 130  GLN A N   1 
ATOM   976  C  CA  . GLN A 1 130 ? -7.508  -10.861 -8.881  1.00   12.64 ? 130  GLN A CA  1 
ATOM   977  C  C   . GLN A 1 130 ? -8.278  -11.850 -7.998  1.00   12.70 ? 130  GLN A C   1 
ATOM   978  O  O   . GLN A 1 130 ? -8.439  -13.013 -8.375  1.00   12.64 ? 130  GLN A O   1 
ATOM   979  C  CB  . GLN A 1 130 ? -8.410  -10.320 -9.998  1.00   12.59 ? 130  GLN A CB  1 
ATOM   980  C  CG  . GLN A 1 130 ? -7.866  -9.085  -10.737 1.00   12.21 ? 130  GLN A CG  1 
ATOM   981  C  CD  . GLN A 1 130 ? -7.944  -7.795  -9.925  1.00   12.19 ? 130  GLN A CD  1 
ATOM   982  O  OE1 . GLN A 1 130 ? -8.544  -7.757  -8.847  1.00   12.10 ? 130  GLN A OE1 1 
ATOM   983  N  NE2 . GLN A 1 130 ? -7.338  -6.733  -10.447 1.00   11.40 ? 130  GLN A NE2 1 
ATOM   984  N  N   . PRO A 1 131 ? -8.742  -11.401 -6.831  1.00   12.85 ? 131  PRO A N   1 
ATOM   985  C  CA  . PRO A 1 131 ? -9.476  -12.275 -5.905  1.00   13.03 ? 131  PRO A CA  1 
ATOM   986  C  C   . PRO A 1 131 ? -10.874 -12.614 -6.435  1.00   13.28 ? 131  PRO A C   1 
ATOM   987  O  O   . PRO A 1 131 ? -11.373 -11.875 -7.286  1.00   13.24 ? 131  PRO A O   1 
ATOM   988  C  CB  . PRO A 1 131 ? -9.573  -11.427 -4.630  1.00   13.00 ? 131  PRO A CB  1 
ATOM   989  C  CG  . PRO A 1 131 ? -9.531  -10.028 -5.112  1.00   12.93 ? 131  PRO A CG  1 
ATOM   990  C  CD  . PRO A 1 131 ? -8.611  -10.029 -6.303  1.00   12.79 ? 131  PRO A CD  1 
ATOM   991  N  N   . PRO A 1 132 ? -11.490 -13.698 -5.956  1.00   13.54 ? 132  PRO A N   1 
ATOM   992  C  CA  . PRO A 1 132 ? -12.822 -14.104 -6.434  1.00   13.72 ? 132  PRO A CA  1 
ATOM   993  C  C   . PRO A 1 132 ? -13.916 -13.056 -6.216  1.00   13.80 ? 132  PRO A C   1 
ATOM   994  O  O   . PRO A 1 132 ? -14.907 -13.073 -6.948  1.00   13.89 ? 132  PRO A O   1 
ATOM   995  C  CB  . PRO A 1 132 ? -13.124 -15.372 -5.619  1.00   13.74 ? 132  PRO A CB  1 
ATOM   996  C  CG  . PRO A 1 132 ? -12.189 -15.335 -4.467  1.00   13.80 ? 132  PRO A CG  1 
ATOM   997  C  CD  . PRO A 1 132 ? -10.961 -14.628 -4.942  1.00   13.59 ? 132  PRO A CD  1 
ATOM   998  N  N   . GLY A 1 133 ? -13.733 -12.162 -5.245  1.00   13.92 ? 133  GLY A N   1 
ATOM   999  C  CA  . GLY A 1 133 ? -14.720 -11.140 -4.935  1.00   14.11 ? 133  GLY A CA  1 
ATOM   1000 C  C   . GLY A 1 133 ? -14.575 -9.817  -5.675  1.00   14.35 ? 133  GLY A C   1 
ATOM   1001 O  O   . GLY A 1 133 ? -15.220 -8.834  -5.304  1.00   14.25 ? 133  GLY A O   1 
ATOM   1002 N  N   . GLN A 1 134 ? -13.741 -9.786  -6.713  1.00   14.54 ? 134  GLN A N   1 
ATOM   1003 C  CA  . GLN A 1 134 ? -13.531 -8.570  -7.508  1.00   14.97 ? 134  GLN A CA  1 
ATOM   1004 C  C   . GLN A 1 134 ? -14.775 -8.202  -8.326  1.00   15.35 ? 134  GLN A C   1 
ATOM   1005 O  O   . GLN A 1 134 ? -15.521 -9.082  -8.759  1.00   15.21 ? 134  GLN A O   1 
ATOM   1006 C  CB  . GLN A 1 134 ? -12.300 -8.715  -8.418  1.00   14.90 ? 134  GLN A CB  1 
ATOM   1007 C  CG  . GLN A 1 134 ? -12.444 -9.741  -9.547  1.00   14.81 ? 134  GLN A CG  1 
ATOM   1008 C  CD  . GLN A 1 134 ? -11.837 -9.284  -10.865 1.00   15.29 ? 134  GLN A CD  1 
ATOM   1009 O  OE1 . GLN A 1 134 ? -11.709 -8.080  -11.105 1.00   15.07 ? 134  GLN A OE1 1 
ATOM   1010 N  NE2 . GLN A 1 134 ? -11.455 -10.233 -11.711 1.00   14.13 ? 134  GLN A NE2 1 
ATOM   1011 N  N   . ASP A 1 135 ? -14.994 -6.905  -8.532  1.00   16.02 ? 135  ASP A N   1 
ATOM   1012 C  CA  . ASP A 1 135 ? -16.182 -6.434  -9.253  1.00   16.71 ? 135  ASP A CA  1 
ATOM   1013 C  C   . ASP A 1 135 ? -16.024 -6.390  -10.772 1.00   17.33 ? 135  ASP A C   1 
ATOM   1014 O  O   . ASP A 1 135 ? -17.006 -6.188  -11.494 1.00   17.30 ? 135  ASP A O   1 
ATOM   1015 C  CB  . ASP A 1 135 ? -16.672 -5.083  -8.704  1.00   16.57 ? 135  ASP A CB  1 
ATOM   1016 C  CG  . ASP A 1 135 ? -15.700 -3.941  -8.962  1.00   16.41 ? 135  ASP A CG  1 
ATOM   1017 O  OD1 . ASP A 1 135 ? -14.579 -4.173  -9.472  1.00   16.18 ? 135  ASP A OD1 1 
ATOM   1018 O  OD2 . ASP A 1 135 ? -15.976 -2.757  -8.673  1.00   15.31 ? 135  ASP A OD2 1 
HETATM 1019 N  N   . MSE A 1 136 ? -14.791 -6.576  -11.247 1.00   18.19 ? 136  MSE A N   1 
HETATM 1020 C  CA  . MSE A 1 136 ? -14.470 -6.556  -12.680 1.00   19.09 ? 136  MSE A CA  1 
HETATM 1021 C  C   . MSE A 1 136 ? -14.904 -5.258  -13.374 1.00   18.50 ? 136  MSE A C   1 
HETATM 1022 O  O   . MSE A 1 136 ? -15.185 -5.257  -14.575 1.00   18.43 ? 136  MSE A O   1 
HETATM 1023 C  CB  . MSE A 1 136 ? -15.105 -7.759  -13.396 1.00   19.99 ? 136  MSE A CB  1 
HETATM 1024 C  CG  . MSE A 1 136 ? -14.409 -9.085  -13.179 1.00   23.87 ? 136  MSE A CG  1 
HETATM 1025 SE SE  . MSE A 1 136 ? -15.315 -10.534 -14.132 1.00   34.87 ? 136  MSE A SE  1 
HETATM 1026 C  CE  . MSE A 1 136 ? -16.869 -10.740 -12.959 1.00   31.50 ? 136  MSE A CE  1 
ATOM   1027 N  N   . SER A 1 137 ? -14.958 -4.160  -12.621 1.00   17.94 ? 137  SER A N   1 
ATOM   1028 C  CA  . SER A 1 137 ? -15.472 -2.899  -13.156 1.00   17.38 ? 137  SER A CA  1 
ATOM   1029 C  C   . SER A 1 137 ? -14.442 -2.119  -13.969 1.00   17.15 ? 137  SER A C   1 
ATOM   1030 O  O   . SER A 1 137 ? -14.807 -1.304  -14.818 1.00   17.16 ? 137  SER A O   1 
ATOM   1031 C  CB  . SER A 1 137 ? -16.049 -2.024  -12.036 1.00   17.34 ? 137  SER A CB  1 
ATOM   1032 O  OG  . SER A 1 137 ? -15.022 -1.375  -11.306 1.00   16.59 ? 137  SER A OG  1 
ATOM   1033 N  N   . GLY A 1 138 ? -13.161 -2.365  -13.704 1.00   16.85 ? 138  GLY A N   1 
ATOM   1034 C  CA  . GLY A 1 138 ? -12.086 -1.661  -14.383 1.00   16.55 ? 138  GLY A CA  1 
ATOM   1035 C  C   . GLY A 1 138 ? -11.922 -0.220  -13.928 1.00   16.31 ? 138  GLY A C   1 
ATOM   1036 O  O   . GLY A 1 138 ? -11.196 0.553   -14.555 1.00   16.30 ? 138  GLY A O   1 
ATOM   1037 N  N   . THR A 1 139 ? -12.608 0.138   -12.843 1.00   16.05 ? 139  THR A N   1 
ATOM   1038 C  CA  . THR A 1 139 ? -12.492 1.458   -12.224 1.00   15.96 ? 139  THR A CA  1 
ATOM   1039 C  C   . THR A 1 139 ? -12.181 1.297   -10.744 1.00   15.56 ? 139  THR A C   1 
ATOM   1040 O  O   . THR A 1 139 ? -12.796 0.472   -10.064 1.00   15.23 ? 139  THR A O   1 
ATOM   1041 C  CB  . THR A 1 139 ? -13.795 2.276   -12.389 1.00   16.02 ? 139  THR A CB  1 
ATOM   1042 O  OG1 . THR A 1 139 ? -14.920 1.490   -11.964 1.00   17.18 ? 139  THR A OG1 1 
ATOM   1043 C  CG2 . THR A 1 139 ? -14.084 2.558   -13.856 1.00   16.09 ? 139  THR A CG2 1 
ATOM   1044 N  N   . LEU A 1 140 ? -11.216 2.070   -10.252 1.00   15.29 ? 140  LEU A N   1 
ATOM   1045 C  CA  . LEU A 1 140 ? -10.911 2.081   -8.827  1.00   15.02 ? 140  LEU A CA  1 
ATOM   1046 C  C   . LEU A 1 140 ? -11.993 2.877   -8.108  1.00   14.89 ? 140  LEU A C   1 
ATOM   1047 O  O   . LEU A 1 140 ? -12.062 4.102   -8.224  1.00   14.98 ? 140  LEU A O   1 
ATOM   1048 C  CB  . LEU A 1 140 ? -9.512  2.656   -8.553  1.00   15.02 ? 140  LEU A CB  1 
ATOM   1049 C  CG  . LEU A 1 140 ? -9.095  2.877   -7.091  1.00   14.76 ? 140  LEU A CG  1 
ATOM   1050 C  CD1 . LEU A 1 140 ? -9.137  1.578   -6.280  1.00   14.56 ? 140  LEU A CD1 1 
ATOM   1051 C  CD2 . LEU A 1 140 ? -7.716  3.510   -7.011  1.00   14.27 ? 140  LEU A CD2 1 
ATOM   1052 N  N   . ASP A 1 141 ? -12.846 2.164   -7.382  1.00   14.63 ? 141  ASP A N   1 
ATOM   1053 C  CA  . ASP A 1 141 ? -13.970 2.781   -6.688  1.00   14.48 ? 141  ASP A CA  1 
ATOM   1054 C  C   . ASP A 1 141 ? -13.557 3.245   -5.298  1.00   14.42 ? 141  ASP A C   1 
ATOM   1055 O  O   . ASP A 1 141 ? -13.484 2.455   -4.352  1.00   14.30 ? 141  ASP A O   1 
ATOM   1056 C  CB  . ASP A 1 141 ? -15.158 1.821   -6.642  1.00   14.42 ? 141  ASP A CB  1 
ATOM   1057 C  CG  . ASP A 1 141 ? -15.516 1.290   -8.014  1.00   14.27 ? 141  ASP A CG  1 
ATOM   1058 O  OD1 . ASP A 1 141 ? -15.990 2.086   -8.853  1.00   13.42 ? 141  ASP A OD1 1 
ATOM   1059 O  OD2 . ASP A 1 141 ? -15.334 0.101   -8.352  1.00   13.66 ? 141  ASP A OD2 1 
ATOM   1060 N  N   . LEU A 1 142 ? -13.296 4.543   -5.195  1.00   14.32 ? 142  LEU A N   1 
ATOM   1061 C  CA  . LEU A 1 142 ? -12.727 5.141   -3.993  1.00   14.33 ? 142  LEU A CA  1 
ATOM   1062 C  C   . LEU A 1 142 ? -13.669 5.145   -2.789  1.00   14.24 ? 142  LEU A C   1 
ATOM   1063 O  O   . LEU A 1 142 ? -13.221 5.298   -1.652  1.00   14.21 ? 142  LEU A O   1 
ATOM   1064 C  CB  . LEU A 1 142 ? -12.227 6.558   -4.296  1.00   14.41 ? 142  LEU A CB  1 
ATOM   1065 C  CG  . LEU A 1 142 ? -11.051 6.669   -5.272  1.00   14.84 ? 142  LEU A CG  1 
ATOM   1066 C  CD1 . LEU A 1 142 ? -10.753 8.130   -5.592  1.00   15.45 ? 142  LEU A CD1 1 
ATOM   1067 C  CD2 . LEU A 1 142 ? -9.807  5.969   -4.731  1.00   14.99 ? 142  LEU A CD2 1 
ATOM   1068 N  N   . ASP A 1 143 ? -14.964 4.964   -3.034  1.00   14.14 ? 143  ASP A N   1 
ATOM   1069 C  CA  . ASP A 1 143 ? -15.947 4.912   -1.952  1.00   14.10 ? 143  ASP A CA  1 
ATOM   1070 C  C   . ASP A 1 143 ? -16.063 3.516   -1.323  1.00   13.87 ? 143  ASP A C   1 
ATOM   1071 O  O   . ASP A 1 143 ? -16.860 3.308   -0.406  1.00   13.71 ? 143  ASP A O   1 
ATOM   1072 C  CB  . ASP A 1 143 ? -17.317 5.419   -2.433  1.00   14.24 ? 143  ASP A CB  1 
ATOM   1073 C  CG  . ASP A 1 143 ? -17.935 4.545   -3.525  1.00   14.82 ? 143  ASP A CG  1 
ATOM   1074 O  OD1 . ASP A 1 143 ? -17.289 3.588   -4.000  1.00   15.21 ? 143  ASP A OD1 1 
ATOM   1075 O  OD2 . ASP A 1 143 ? -19.080 4.750   -3.977  1.00   15.95 ? 143  ASP A OD2 1 
ATOM   1076 N  N   . ASN A 1 144 ? -15.248 2.578   -1.806  1.00   13.64 ? 144  ASN A N   1 
ATOM   1077 C  CA  . ASN A 1 144 ? -15.351 1.172   -1.422  1.00   13.61 ? 144  ASN A CA  1 
ATOM   1078 C  C   . ASN A 1 144 ? -13.989 0.506   -1.186  1.00   13.32 ? 144  ASN A C   1 
ATOM   1079 O  O   . ASN A 1 144 ? -13.707 -0.560  -1.733  1.00   13.25 ? 144  ASN A O   1 
ATOM   1080 C  CB  . ASN A 1 144 ? -16.142 0.407   -2.495  1.00   13.88 ? 144  ASN A CB  1 
ATOM   1081 C  CG  . ASN A 1 144 ? -16.754 -0.878  -1.972  1.00   14.46 ? 144  ASN A CG  1 
ATOM   1082 O  OD1 . ASN A 1 144 ? -17.291 -0.920  -0.866  1.00   15.45 ? 144  ASN A OD1 1 
ATOM   1083 N  ND2 . ASN A 1 144 ? -16.682 -1.935  -2.775  1.00   15.32 ? 144  ASN A ND2 1 
ATOM   1084 N  N   . ILE A 1 145 ? -13.154 1.134   -0.363  1.00   12.95 ? 145  ILE A N   1 
ATOM   1085 C  CA  . ILE A 1 145 ? -11.796 0.641   -0.132  1.00   12.66 ? 145  ILE A CA  1 
ATOM   1086 C  C   . ILE A 1 145 ? -11.733 -0.324  1.054   1.00   12.58 ? 145  ILE A C   1 
ATOM   1087 O  O   . ILE A 1 145 ? -12.247 -0.028  2.133   1.00   12.57 ? 145  ILE A O   1 
ATOM   1088 C  CB  . ILE A 1 145 ? -10.800 1.824   0.053   1.00   12.57 ? 145  ILE A CB  1 
ATOM   1089 C  CG1 . ILE A 1 145 ? -10.896 2.827   -1.113  1.00   12.54 ? 145  ILE A CG1 1 
ATOM   1090 C  CG2 . ILE A 1 145 ? -9.364  1.314   0.230   1.00   12.40 ? 145  ILE A CG2 1 
ATOM   1091 C  CD1 . ILE A 1 145 ? -10.625 2.245   -2.504  1.00   12.48 ? 145  ILE A CD1 1 
ATOM   1092 N  N   . ASP A 1 146 ? -11.102 -1.477  0.837   1.00   12.43 ? 146  ASP A N   1 
ATOM   1093 C  CA  . ASP A 1 146 ? -10.948 -2.497  1.872   1.00   12.44 ? 146  ASP A CA  1 
ATOM   1094 C  C   . ASP A 1 146 ? -9.641  -2.334  2.649   1.00   12.21 ? 146  ASP A C   1 
ATOM   1095 O  O   . ASP A 1 146 ? -9.643  -2.303  3.883   1.00   12.08 ? 146  ASP A O   1 
ATOM   1096 C  CB  . ASP A 1 146 ? -11.016 -3.899  1.253   1.00   12.57 ? 146  ASP A CB  1 
ATOM   1097 C  CG  . ASP A 1 146 ? -10.743 -5.005  2.262   1.00   13.34 ? 146  ASP A CG  1 
ATOM   1098 O  OD1 . ASP A 1 146 ? -9.685  -5.664  2.163   1.00   14.60 ? 146  ASP A OD1 1 
ATOM   1099 O  OD2 . ASP A 1 146 ? -11.529 -5.289  3.187   1.00   14.41 ? 146  ASP A OD2 1 
ATOM   1100 N  N   . SER A 1 147 ? -8.530  -2.235  1.921   1.00   11.94 ? 147  SER A N   1 
ATOM   1101 C  CA  . SER A 1 147 ? -7.205  -2.285  2.531   1.00   11.81 ? 147  SER A CA  1 
ATOM   1102 C  C   . SER A 1 147 ? -6.107  -1.739  1.626   1.00   11.75 ? 147  SER A C   1 
ATOM   1103 O  O   . SER A 1 147 ? -6.283  -1.637  0.407   1.00   11.58 ? 147  SER A O   1 
ATOM   1104 C  CB  . SER A 1 147 ? -6.865  -3.729  2.925   1.00   11.83 ? 147  SER A CB  1 
ATOM   1105 O  OG  . SER A 1 147 ? -7.161  -4.626  1.868   1.00   12.02 ? 147  SER A OG  1 
ATOM   1106 N  N   . ILE A 1 148 ? -4.977  -1.392  2.239   1.00   11.64 ? 148  ILE A N   1 
ATOM   1107 C  CA  . ILE A 1 148 ? -3.766  -1.008  1.512   1.00   11.75 ? 148  ILE A CA  1 
ATOM   1108 C  C   . ILE A 1 148 ? -2.618  -1.964  1.834   1.00   11.85 ? 148  ILE A C   1 
ATOM   1109 O  O   . ILE A 1 148 ? -2.535  -2.501  2.944   1.00   11.73 ? 148  ILE A O   1 
ATOM   1110 C  CB  . ILE A 1 148 ? -3.363  0.468   1.790   1.00   11.65 ? 148  ILE A CB  1 
ATOM   1111 C  CG1 . ILE A 1 148 ? -3.342  0.768   3.298   1.00   11.70 ? 148  ILE A CG1 1 
ATOM   1112 C  CG2 . ILE A 1 148 ? -4.287  1.418   1.037   1.00   11.82 ? 148  ILE A CG2 1 
ATOM   1113 C  CD1 . ILE A 1 148 ? -2.618  2.057   3.663   1.00   11.62 ? 148  ILE A CD1 1 
ATOM   1114 N  N   . HIS A 1 149 ? -1.748  -2.176  0.850   1.00   12.02 ? 149  HIS A N   1 
ATOM   1115 C  CA  . HIS A 1 149 ? -0.688  -3.175  0.947   1.00   12.33 ? 149  HIS A CA  1 
ATOM   1116 C  C   . HIS A 1 149 ? 0.649   -2.655  0.430   1.00   12.62 ? 149  HIS A C   1 
ATOM   1117 O  O   . HIS A 1 149 ? 0.693   -1.884  -0.527  1.00   12.57 ? 149  HIS A O   1 
ATOM   1118 C  CB  . HIS A 1 149 ? -1.038  -4.413  0.109   1.00   12.20 ? 149  HIS A CB  1 
ATOM   1119 C  CG  . HIS A 1 149 ? -2.266  -5.142  0.556   1.00   12.37 ? 149  HIS A CG  1 
ATOM   1120 N  ND1 . HIS A 1 149 ? -2.235  -6.157  1.487   1.00   12.16 ? 149  HIS A ND1 1 
ATOM   1121 C  CD2 . HIS A 1 149 ? -3.565  -4.974  0.223   1.00   12.23 ? 149  HIS A CD2 1 
ATOM   1122 C  CE1 . HIS A 1 149 ? -3.465  -6.592  1.700   1.00   12.37 ? 149  HIS A CE1 1 
ATOM   1123 N  NE2 . HIS A 1 149 ? -4.290  -5.890  0.946   1.00   12.80 ? 149  HIS A NE2 1 
ATOM   1124 N  N   . PHE A 1 150 ? 1.729   -3.085  1.077   1.00   13.13 ? 150  PHE A N   1 
ATOM   1125 C  CA  . PHE A 1 150 ? 3.054   -3.117  0.458   1.00   13.72 ? 150  PHE A CA  1 
ATOM   1126 C  C   . PHE A 1 150 ? 3.331   -4.593  0.209   1.00   14.21 ? 150  PHE A C   1 
ATOM   1127 O  O   . PHE A 1 150 ? 3.330   -5.395  1.148   1.00   14.18 ? 150  PHE A O   1 
ATOM   1128 C  CB  . PHE A 1 150 ? 4.124   -2.521  1.376   1.00   13.66 ? 150  PHE A CB  1 
ATOM   1129 C  CG  . PHE A 1 150 ? 3.996   -1.038  1.582   1.00   13.63 ? 150  PHE A CG  1 
ATOM   1130 C  CD1 . PHE A 1 150 ? 3.272   -0.533  2.660   1.00   13.42 ? 150  PHE A CD1 1 
ATOM   1131 C  CD2 . PHE A 1 150 ? 4.607   -0.144  0.706   1.00   13.53 ? 150  PHE A CD2 1 
ATOM   1132 C  CE1 . PHE A 1 150 ? 3.152   0.842   2.858   1.00   13.43 ? 150  PHE A CE1 1 
ATOM   1133 C  CE2 . PHE A 1 150 ? 4.492   1.233   0.894   1.00   13.49 ? 150  PHE A CE2 1 
ATOM   1134 C  CZ  . PHE A 1 150 ? 3.761   1.727   1.971   1.00   13.52 ? 150  PHE A CZ  1 
HETATM 1135 N  N   . MSE A 1 151 ? 3.548   -4.956  -1.053  1.00   14.83 ? 151  MSE A N   1 
HETATM 1136 C  CA  . MSE A 1 151 ? 3.588   -6.368  -1.435  1.00   15.53 ? 151  MSE A CA  1 
HETATM 1137 C  C   . MSE A 1 151 ? 4.587   -6.697  -2.546  1.00   15.42 ? 151  MSE A C   1 
HETATM 1138 O  O   . MSE A 1 151 ? 5.198   -5.802  -3.133  1.00   15.31 ? 151  MSE A O   1 
HETATM 1139 C  CB  . MSE A 1 151 ? 2.184   -6.834  -1.834  1.00   15.83 ? 151  MSE A CB  1 
HETATM 1140 C  CG  . MSE A 1 151 ? 1.671   -6.224  -3.130  1.00   17.94 ? 151  MSE A CG  1 
HETATM 1141 SE SE  . MSE A 1 151 ? -0.090  -6.884  -3.626  1.00   23.99 ? 151  MSE A SE  1 
HETATM 1142 C  CE  . MSE A 1 151 ? 0.211   -8.799  -3.432  1.00   22.36 ? 151  MSE A CE  1 
ATOM   1143 N  N   . TYR A 1 152 ? 4.722   -7.993  -2.832  1.00   15.53 ? 152  TYR A N   1 
ATOM   1144 C  CA  . TYR A 1 152 ? 5.657   -8.502  -3.839  1.00   15.74 ? 152  TYR A CA  1 
ATOM   1145 C  C   . TYR A 1 152 ? 5.371   -8.006  -5.249  1.00   15.93 ? 152  TYR A C   1 
ATOM   1146 O  O   . TYR A 1 152 ? 4.222   -7.737  -5.608  1.00   15.95 ? 152  TYR A O   1 
ATOM   1147 C  CB  . TYR A 1 152 ? 5.698   -10.040 -3.815  1.00   15.67 ? 152  TYR A CB  1 
ATOM   1148 C  CG  . TYR A 1 152 ? 4.584   -10.739 -4.575  1.00   15.50 ? 152  TYR A CG  1 
ATOM   1149 C  CD1 . TYR A 1 152 ? 3.264   -10.692 -4.123  1.00   15.37 ? 152  TYR A CD1 1 
ATOM   1150 C  CD2 . TYR A 1 152 ? 4.854   -11.462 -5.737  1.00   15.55 ? 152  TYR A CD2 1 
ATOM   1151 C  CE1 . TYR A 1 152 ? 2.240   -11.334 -4.817  1.00   15.22 ? 152  TYR A CE1 1 
ATOM   1152 C  CE2 . TYR A 1 152 ? 3.835   -12.111 -6.437  1.00   15.64 ? 152  TYR A CE2 1 
ATOM   1153 C  CZ  . TYR A 1 152 ? 2.532   -12.044 -5.969  1.00   15.59 ? 152  TYR A CZ  1 
ATOM   1154 O  OH  . TYR A 1 152 ? 1.518   -12.681 -6.648  1.00   15.53 ? 152  TYR A OH  1 
ATOM   1155 N  N   . ALA A 1 153 ? 6.440   -7.884  -6.031  1.00   16.26 ? 153  ALA A N   1 
ATOM   1156 C  CA  . ALA A 1 153 ? 6.359   -7.574  -7.452  1.00   16.59 ? 153  ALA A CA  1 
ATOM   1157 C  C   . ALA A 1 153 ? 7.126   -8.620  -8.261  1.00   16.83 ? 153  ALA A C   1 
ATOM   1158 O  O   . ALA A 1 153 ? 6.935   -8.738  -9.472  1.00   16.94 ? 153  ALA A O   1 
ATOM   1159 C  CB  . ALA A 1 153 ? 6.909   -6.183  -7.725  1.00   16.48 ? 153  ALA A CB  1 
ATOM   1160 N  N   . ASN A 1 154 ? 7.985   -9.376  -7.577  1.00   17.17 ? 154  ASN A N   1 
ATOM   1161 C  CA  . ASN A 1 154 ? 8.861   -10.362 -8.214  1.00   17.52 ? 154  ASN A CA  1 
ATOM   1162 C  C   . ASN A 1 154 ? 9.257   -11.507 -7.275  1.00   17.73 ? 154  ASN A C   1 
ATOM   1163 O  O   . ASN A 1 154 ? 8.719   -11.632 -6.170  1.00   17.72 ? 154  ASN A O   1 
ATOM   1164 C  CB  . ASN A 1 154 ? 10.119  -9.679  -8.767  1.00   17.53 ? 154  ASN A CB  1 
ATOM   1165 C  CG  . ASN A 1 154 ? 10.804  -8.791  -7.741  1.00   17.86 ? 154  ASN A CG  1 
ATOM   1166 O  OD1 . ASN A 1 154 ? 11.124  -9.226  -6.630  1.00   17.90 ? 154  ASN A OD1 1 
ATOM   1167 N  ND2 . ASN A 1 154 ? 11.032  -7.536  -8.109  1.00   18.21 ? 154  ASN A ND2 1 
ATOM   1168 N  N   . ASN A 1 155 ? 10.210  -12.326 -7.718  1.00   18.08 ? 155  ASN A N   1 
ATOM   1169 C  CA  . ASN A 1 155 ? 10.683  -13.477 -6.947  1.00   18.54 ? 155  ASN A CA  1 
ATOM   1170 C  C   . ASN A 1 155 ? 11.938  -13.209 -6.102  1.00   18.55 ? 155  ASN A C   1 
ATOM   1171 O  O   . ASN A 1 155 ? 12.534  -14.141 -5.555  1.00   18.58 ? 155  ASN A O   1 
ATOM   1172 C  CB  . ASN A 1 155 ? 10.906  -14.681 -7.878  1.00   18.73 ? 155  ASN A CB  1 
ATOM   1173 C  CG  . ASN A 1 155 ? 12.053  -14.473 -8.856  1.00   19.49 ? 155  ASN A CG  1 
ATOM   1174 O  OD1 . ASN A 1 155 ? 12.368  -13.347 -9.240  1.00   20.48 ? 155  ASN A OD1 1 
ATOM   1175 N  ND2 . ASN A 1 155 ? 12.677  -15.571 -9.270  1.00   20.64 ? 155  ASN A ND2 1 
ATOM   1176 N  N   . LYS A 1 156 ? 12.325  -11.940 -5.992  1.00   18.60 ? 156  LYS A N   1 
ATOM   1177 C  CA  . LYS A 1 156 ? 13.566  -11.569 -5.309  1.00   18.62 ? 156  LYS A CA  1 
ATOM   1178 C  C   . LYS A 1 156 ? 13.368  -11.232 -3.827  1.00   18.55 ? 156  LYS A C   1 
ATOM   1179 O  O   . LYS A 1 156 ? 12.244  -11.257 -3.317  1.00   18.56 ? 156  LYS A O   1 
ATOM   1180 C  CB  . LYS A 1 156 ? 14.264  -10.409 -6.037  1.00   18.76 ? 156  LYS A CB  1 
ATOM   1181 C  CG  . LYS A 1 156 ? 14.299  -10.527 -7.563  1.00   19.29 ? 156  LYS A CG  1 
ATOM   1182 C  CD  . LYS A 1 156 ? 15.231  -11.640 -8.032  1.00   20.08 ? 156  LYS A CD  1 
ATOM   1183 C  CE  . LYS A 1 156 ? 15.562  -11.498 -9.510  1.00   20.21 ? 156  LYS A CE  1 
ATOM   1184 N  NZ  . LYS A 1 156 ? 14.466  -11.989 -10.392 1.00   20.75 ? 156  LYS A NZ  1 
ATOM   1185 N  N   . SER A 1 157 ? 14.471  -10.922 -3.146  1.00   18.41 ? 157  SER A N   1 
ATOM   1186 C  CA  . SER A 1 157 ? 14.461  -10.608 -1.720  1.00   18.23 ? 157  SER A CA  1 
ATOM   1187 C  C   . SER A 1 157 ? 14.949  -9.184  -1.452  1.00   18.05 ? 157  SER A C   1 
ATOM   1188 O  O   . SER A 1 157 ? 15.651  -8.594  -2.274  1.00   17.98 ? 157  SER A O   1 
ATOM   1189 C  CB  . SER A 1 157 ? 15.321  -11.615 -0.949  1.00   18.36 ? 157  SER A CB  1 
ATOM   1190 O  OG  . SER A 1 157 ? 14.894  -12.947 -1.194  1.00   18.77 ? 157  SER A OG  1 
ATOM   1191 N  N   . GLY A 1 158 ? 14.577  -8.636  -0.296  1.00   17.77 ? 158  GLY A N   1 
ATOM   1192 C  CA  . GLY A 1 158 ? 14.974  -7.288  0.069   1.00   17.46 ? 158  GLY A CA  1 
ATOM   1193 C  C   . GLY A 1 158 ? 14.446  -6.821  1.410   1.00   17.26 ? 158  GLY A C   1 
ATOM   1194 O  O   . GLY A 1 158 ? 13.726  -7.546  2.101   1.00   17.09 ? 158  GLY A O   1 
ATOM   1195 N  N   . LYS A 1 159 ? 14.821  -5.597  1.773   1.00   17.17 ? 159  LYS A N   1 
ATOM   1196 C  CA  . LYS A 1 159 ? 14.407  -4.977  3.029   1.00   17.07 ? 159  LYS A CA  1 
ATOM   1197 C  C   . LYS A 1 159 ? 14.169  -3.489  2.810   1.00   16.72 ? 159  LYS A C   1 
ATOM   1198 O  O   . LYS A 1 159 ? 14.987  -2.809  2.187   1.00   16.86 ? 159  LYS A O   1 
ATOM   1199 C  CB  . LYS A 1 159 ? 15.477  -5.172  4.106   1.00   17.18 ? 159  LYS A CB  1 
ATOM   1200 C  CG  . LYS A 1 159 ? 15.483  -6.544  4.756   1.00   17.76 ? 159  LYS A CG  1 
ATOM   1201 C  CD  . LYS A 1 159 ? 16.573  -6.648  5.809   1.00   18.96 ? 159  LYS A CD  1 
ATOM   1202 C  CE  . LYS A 1 159 ? 17.110  -8.065  5.902   1.00   19.87 ? 159  LYS A CE  1 
ATOM   1203 N  NZ  . LYS A 1 159 ? 17.052  -8.588  7.293   1.00   20.84 ? 159  LYS A NZ  1 
ATOM   1204 N  N   . PHE A 1 160 ? 13.046  -2.990  3.316   1.00   16.22 ? 160  PHE A N   1 
ATOM   1205 C  CA  . PHE A 1 160 ? 12.724  -1.568  3.207   1.00   15.64 ? 160  PHE A CA  1 
ATOM   1206 C  C   . PHE A 1 160 ? 12.008  -1.037  4.446   1.00   15.41 ? 160  PHE A C   1 
ATOM   1207 O  O   . PHE A 1 160 ? 11.505  -1.810  5.262   1.00   15.40 ? 160  PHE A O   1 
ATOM   1208 C  CB  . PHE A 1 160 ? 11.929  -1.266  1.923   1.00   15.57 ? 160  PHE A CB  1 
ATOM   1209 C  CG  . PHE A 1 160 ? 10.575  -1.925  1.861   1.00   15.12 ? 160  PHE A CG  1 
ATOM   1210 C  CD1 . PHE A 1 160 ? 9.442   -1.272  2.347   1.00   14.88 ? 160  PHE A CD1 1 
ATOM   1211 C  CD2 . PHE A 1 160 ? 10.426  -3.189  1.296   1.00   14.64 ? 160  PHE A CD2 1 
ATOM   1212 C  CE1 . PHE A 1 160 ? 8.185   -1.875  2.287   1.00   14.20 ? 160  PHE A CE1 1 
ATOM   1213 C  CE2 . PHE A 1 160 ? 9.173   -3.801  1.231   1.00   14.11 ? 160  PHE A CE2 1 
ATOM   1214 C  CZ  . PHE A 1 160 ? 8.052   -3.140  1.726   1.00   14.02 ? 160  PHE A CZ  1 
ATOM   1215 N  N   . VAL A 1 161 ? 11.987  0.285   4.587   1.00   15.18 ? 161  VAL A N   1 
ATOM   1216 C  CA  . VAL A 1 161 ? 11.304  0.944   5.700   1.00   14.89 ? 161  VAL A CA  1 
ATOM   1217 C  C   . VAL A 1 161 ? 10.313  1.972   5.159   1.00   14.62 ? 161  VAL A C   1 
ATOM   1218 O  O   . VAL A 1 161 ? 10.619  2.710   4.216   1.00   14.49 ? 161  VAL A O   1 
ATOM   1219 C  CB  . VAL A 1 161 ? 12.303  1.615   6.692   1.00   14.93 ? 161  VAL A CB  1 
ATOM   1220 C  CG1 . VAL A 1 161 ? 11.566  2.266   7.862   1.00   14.95 ? 161  VAL A CG1 1 
ATOM   1221 C  CG2 . VAL A 1 161 ? 13.290  0.599   7.234   1.00   15.15 ? 161  VAL A CG2 1 
ATOM   1222 N  N   . VAL A 1 162 ? 9.122   2.003   5.749   1.00   14.32 ? 162  VAL A N   1 
ATOM   1223 C  CA  . VAL A 1 162 ? 8.092   2.964   5.362   1.00   14.08 ? 162  VAL A CA  1 
ATOM   1224 C  C   . VAL A 1 162 ? 7.704   3.870   6.527   1.00   14.02 ? 162  VAL A C   1 
ATOM   1225 O  O   . VAL A 1 162 ? 7.840   3.495   7.695   1.00   13.96 ? 162  VAL A O   1 
ATOM   1226 C  CB  . VAL A 1 162 ? 6.822   2.279   4.773   1.00   14.14 ? 162  VAL A CB  1 
ATOM   1227 C  CG1 . VAL A 1 162 ? 7.147   1.575   3.458   1.00   14.03 ? 162  VAL A CG1 1 
ATOM   1228 C  CG2 . VAL A 1 162 ? 6.198   1.313   5.768   1.00   13.99 ? 162  VAL A CG2 1 
ATOM   1229 N  N   . ASP A 1 163 ? 7.223   5.063   6.190   1.00   13.85 ? 163  ASP A N   1 
ATOM   1230 C  CA  . ASP A 1 163 ? 6.777   6.040   7.175   1.00   13.85 ? 163  ASP A CA  1 
ATOM   1231 C  C   . ASP A 1 163 ? 5.755   6.985   6.549   1.00   13.77 ? 163  ASP A C   1 
ATOM   1232 O  O   . ASP A 1 163 ? 5.620   7.041   5.324   1.00   13.64 ? 163  ASP A O   1 
ATOM   1233 C  CB  . ASP A 1 163 ? 7.971   6.842   7.712   1.00   13.80 ? 163  ASP A CB  1 
ATOM   1234 C  CG  . ASP A 1 163 ? 7.740   7.379   9.114   1.00   14.30 ? 163  ASP A CG  1 
ATOM   1235 O  OD1 . ASP A 1 163 ? 6.602   7.287   9.635   1.00   14.16 ? 163  ASP A OD1 1 
ATOM   1236 O  OD2 . ASP A 1 163 ? 8.645   7.918   9.786   1.00   14.66 ? 163  ASP A OD2 1 
ATOM   1237 N  N   . ASN A 1 164 ? 5.036   7.711   7.404   1.00   13.81 ? 164  ASN A N   1 
ATOM   1238 C  CA  . ASN A 1 164 ? 4.138   8.793   6.987   1.00   13.71 ? 164  ASN A CA  1 
ATOM   1239 C  C   . ASN A 1 164 ? 3.178   8.437   5.850   1.00   13.70 ? 164  ASN A C   1 
ATOM   1240 O  O   . ASN A 1 164 ? 3.110   9.130   4.827   1.00   13.83 ? 164  ASN A O   1 
ATOM   1241 C  CB  . ASN A 1 164 ? 4.944   10.057  6.650   1.00   13.68 ? 164  ASN A CB  1 
ATOM   1242 C  CG  . ASN A 1 164 ? 5.819   10.513  7.802   1.00   13.64 ? 164  ASN A CG  1 
ATOM   1243 O  OD1 . ASN A 1 164 ? 5.375   10.571  8.950   1.00   13.32 ? 164  ASN A OD1 1 
ATOM   1244 N  ND2 . ASN A 1 164 ? 7.072   10.836  7.501   1.00   13.98 ? 164  ASN A ND2 1 
ATOM   1245 N  N   . ILE A 1 165 ? 2.440   7.349   6.035   1.00   13.68 ? 165  ILE A N   1 
ATOM   1246 C  CA  . ILE A 1 165 ? 1.421   6.945   5.073   1.00   13.59 ? 165  ILE A CA  1 
ATOM   1247 C  C   . ILE A 1 165 ? 0.181   7.807   5.292   1.00   13.54 ? 165  ILE A C   1 
ATOM   1248 O  O   . ILE A 1 165 ? -0.369  7.850   6.396   1.00   13.53 ? 165  ILE A O   1 
ATOM   1249 C  CB  . ILE A 1 165 ? 1.112   5.435   5.194   1.00   13.67 ? 165  ILE A CB  1 
ATOM   1250 C  CG1 . ILE A 1 165 ? 2.389   4.622   4.945   1.00   14.07 ? 165  ILE A CG1 1 
ATOM   1251 C  CG2 . ILE A 1 165 ? 0.015   5.025   4.209   1.00   13.47 ? 165  ILE A CG2 1 
ATOM   1252 C  CD1 . ILE A 1 165 ? 2.410   3.280   5.616   1.00   14.43 ? 165  ILE A CD1 1 
ATOM   1253 N  N   . LYS A 1 166 ? -0.233  8.509   4.242   1.00   13.38 ? 166  LYS A N   1 
ATOM   1254 C  CA  . LYS A 1 166 ? -1.303  9.499   4.351   1.00   13.51 ? 166  LYS A CA  1 
ATOM   1255 C  C   . LYS A 1 166 ? -2.060  9.711   3.043   1.00   13.48 ? 166  LYS A C   1 
ATOM   1256 O  O   . LYS A 1 166 ? -1.523  9.484   1.954   1.00   13.35 ? 166  LYS A O   1 
ATOM   1257 C  CB  . LYS A 1 166 ? -0.752  10.841  4.865   1.00   13.45 ? 166  LYS A CB  1 
ATOM   1258 C  CG  . LYS A 1 166 ? 0.256   11.520  3.943   1.00   13.95 ? 166  LYS A CG  1 
ATOM   1259 C  CD  . LYS A 1 166 ? 0.944   12.697  4.628   1.00   14.47 ? 166  LYS A CD  1 
ATOM   1260 C  CE  . LYS A 1 166 ? 1.853   13.440  3.656   1.00   15.22 ? 166  LYS A CE  1 
ATOM   1261 N  NZ  . LYS A 1 166 ? 2.265   14.777  4.174   1.00   14.90 ? 166  LYS A NZ  1 
ATOM   1262 N  N   . LEU A 1 167 ? -3.308  10.153  3.170   1.00   13.50 ? 167  LEU A N   1 
ATOM   1263 C  CA  . LEU A 1 167 ? -4.118  10.545  2.026   1.00   13.50 ? 167  LEU A CA  1 
ATOM   1264 C  C   . LEU A 1 167 ? -3.886  12.021  1.731   1.00   13.71 ? 167  LEU A C   1 
ATOM   1265 O  O   . LEU A 1 167 ? -3.704  12.819  2.652   1.00   13.56 ? 167  LEU A O   1 
ATOM   1266 C  CB  . LEU A 1 167 ? -5.602  10.300  2.306   1.00   13.60 ? 167  LEU A CB  1 
ATOM   1267 C  CG  . LEU A 1 167 ? -6.046  8.866   2.616   1.00   13.36 ? 167  LEU A CG  1 
ATOM   1268 C  CD1 . LEU A 1 167 ? -7.361  8.865   3.381   1.00   13.30 ? 167  LEU A CD1 1 
ATOM   1269 C  CD2 . LEU A 1 167 ? -6.168  8.056   1.337   1.00   13.19 ? 167  LEU A CD2 1 
ATOM   1270 N  N   . ILE A 1 168 ? -3.874  12.371  0.449   1.00   13.76 ? 168  ILE A N   1 
ATOM   1271 C  CA  . ILE A 1 168 ? -3.776  13.766  0.029   1.00   14.07 ? 168  ILE A CA  1 
ATOM   1272 C  C   . ILE A 1 168 ? -5.004  14.125  -0.798  1.00   14.27 ? 168  ILE A C   1 
ATOM   1273 O  O   . ILE A 1 168 ? -5.396  13.381  -1.700  1.00   14.23 ? 168  ILE A O   1 
ATOM   1274 C  CB  . ILE A 1 168 ? -2.474  14.036  -0.790  1.00   14.05 ? 168  ILE A CB  1 
ATOM   1275 C  CG1 . ILE A 1 168 ? -1.237  13.399  -0.132  1.00   14.16 ? 168  ILE A CG1 1 
ATOM   1276 C  CG2 . ILE A 1 168 ? -2.274  15.540  -1.022  1.00   13.96 ? 168  ILE A CG2 1 
ATOM   1277 C  CD1 . ILE A 1 168 ? -0.834  13.998  1.204   1.00   14.27 ? 168  ILE A CD1 1 
ATOM   1278 N  N   . GLY A 1 169 ? -5.614  15.261  -0.476  1.00   14.53 ? 169  GLY A N   1 
ATOM   1279 C  CA  . GLY A 1 169 ? -6.731  15.769  -1.247  1.00   14.95 ? 169  GLY A CA  1 
ATOM   1280 C  C   . GLY A 1 169 ? -6.266  16.785  -2.267  1.00   15.30 ? 169  GLY A C   1 
ATOM   1281 O  O   . GLY A 1 169 ? -5.208  16.623  -2.881  1.00   15.33 ? 169  GLY A O   1 
ATOM   1282 N  N   . ALA A 1 170 ? -7.061  17.836  -2.446  1.00   15.68 ? 170  ALA A N   1 
ATOM   1283 C  CA  . ALA A 1 170 ? -6.717  18.917  -3.360  1.00   16.07 ? 170  ALA A CA  1 
ATOM   1284 C  C   . ALA A 1 170 ? -5.774  19.909  -2.691  1.00   16.33 ? 170  ALA A C   1 
ATOM   1285 O  O   . ALA A 1 170 ? -5.818  20.101  -1.473  1.00   16.25 ? 170  ALA A O   1 
ATOM   1286 C  CB  . ALA A 1 170 ? -7.975  19.624  -3.849  1.00   16.11 ? 170  ALA A CB  1 
ATOM   1287 N  N   . LEU A 1 171 ? -4.912  20.522  -3.494  1.00   16.72 ? 171  LEU A N   1 
ATOM   1288 C  CA  . LEU A 1 171 ? -4.067  21.609  -3.016  1.00   17.21 ? 171  LEU A CA  1 
ATOM   1289 C  C   . LEU A 1 171 ? -4.771  22.941  -3.241  1.00   17.49 ? 171  LEU A C   1 
ATOM   1290 O  O   . LEU A 1 171 ? -5.585  23.072  -4.157  1.00   17.54 ? 171  LEU A O   1 
ATOM   1291 C  CB  . LEU A 1 171 ? -2.710  21.598  -3.726  1.00   17.18 ? 171  LEU A CB  1 
ATOM   1292 C  CG  . LEU A 1 171 ? -1.748  20.425  -3.502  1.00   17.40 ? 171  LEU A CG  1 
ATOM   1293 C  CD1 . LEU A 1 171 ? -0.465  20.653  -4.292  1.00   17.80 ? 171  LEU A CD1 1 
ATOM   1294 C  CD2 . LEU A 1 171 ? -1.435  20.206  -2.024  1.00   17.78 ? 171  LEU A CD2 1 
ATOM   1295 N  N   . GLU A 1 172 ? -4.465  23.920  -2.393  1.00   17.81 ? 172  GLU A N   1 
ATOM   1296 C  CA  . GLU A 1 172 ? -5.002  25.267  -2.554  1.00   18.29 ? 172  GLU A CA  1 
ATOM   1297 C  C   . GLU A 1 172 ? -4.117  26.060  -3.513  1.00   18.64 ? 172  GLU A C   1 
ATOM   1298 O  O   . GLU A 1 172 ? -3.118  26.661  -3.109  1.00   18.59 ? 172  GLU A O   1 
ATOM   1299 C  CB  . GLU A 1 172 ? -5.137  25.970  -1.198  1.00   18.20 ? 172  GLU A CB  1 
ATOM   1300 C  CG  . GLU A 1 172 ? -6.422  25.623  -0.457  1.00   18.67 ? 172  GLU A CG  1 
ATOM   1301 C  CD  . GLU A 1 172 ? -6.554  26.308  0.894   1.00   18.80 ? 172  GLU A CD  1 
ATOM   1302 O  OE1 . GLU A 1 172 ? -7.415  25.876  1.688   1.00   19.20 ? 172  GLU A OE1 1 
ATOM   1303 O  OE2 . GLU A 1 172 ? -5.809  27.273  1.168   1.00   19.07 ? 172  GLU A OE2 1 
ATOM   1304 N  N   . HIS A 1 173 ? -4.481  26.030  -4.793  1.00   19.08 ? 173  HIS A N   1 
ATOM   1305 C  CA  . HIS A 1 173 ? -3.734  26.733  -5.829  1.00   19.66 ? 173  HIS A CA  1 
ATOM   1306 C  C   . HIS A 1 173 ? -4.084  28.216  -5.805  1.00   19.91 ? 173  HIS A C   1 
ATOM   1307 O  O   . HIS A 1 173 ? -5.261  28.577  -5.729  1.00   19.87 ? 173  HIS A O   1 
ATOM   1308 C  CB  . HIS A 1 173 ? -4.022  26.127  -7.205  1.00   19.70 ? 173  HIS A CB  1 
ATOM   1309 C  CG  . HIS A 1 173 ? -3.555  24.713  -7.348  1.00   20.14 ? 173  HIS A CG  1 
ATOM   1310 N  ND1 . HIS A 1 173 ? -2.235  24.384  -7.576  1.00   20.69 ? 173  HIS A ND1 1 
ATOM   1311 C  CD2 . HIS A 1 173 ? -4.229  23.539  -7.292  1.00   20.68 ? 173  HIS A CD2 1 
ATOM   1312 C  CE1 . HIS A 1 173 ? -2.117  23.071  -7.655  1.00   20.98 ? 173  HIS A CE1 1 
ATOM   1313 N  NE2 . HIS A 1 173 ? -3.312  22.535  -7.487  1.00   20.94 ? 173  HIS A NE2 1 
ATOM   1314 N  N   . HIS A 1 174 ? -3.058  29.064  -5.861  1.00   20.30 ? 174  HIS A N   1 
ATOM   1315 C  CA  . HIS A 1 174 ? -3.237  30.513  -5.750  1.00   20.66 ? 174  HIS A CA  1 
ATOM   1316 C  C   . HIS A 1 174 ? -3.224  31.231  -7.098  1.00   21.05 ? 174  HIS A C   1 
ATOM   1317 O  O   . HIS A 1 174 ? -3.418  32.449  -7.160  1.00   21.08 ? 174  HIS A O   1 
ATOM   1318 C  CB  . HIS A 1 174 ? -2.179  31.110  -4.819  1.00   20.63 ? 174  HIS A CB  1 
ATOM   1319 C  CG  . HIS A 1 174 ? -2.221  30.561  -3.428  1.00   20.51 ? 174  HIS A CG  1 
ATOM   1320 N  ND1 . HIS A 1 174 ? -1.083  30.227  -2.726  1.00   20.49 ? 174  HIS A ND1 1 
ATOM   1321 C  CD2 . HIS A 1 174 ? -3.263  30.282  -2.608  1.00   20.50 ? 174  HIS A CD2 1 
ATOM   1322 C  CE1 . HIS A 1 174 ? -1.422  29.769  -1.534  1.00   20.67 ? 174  HIS A CE1 1 
ATOM   1323 N  NE2 . HIS A 1 174 ? -2.739  29.790  -1.438  1.00   20.54 ? 174  HIS A NE2 1 
ATOM   1324 N  N   . HIS A 1 175 ? -2.994  30.474  -8.169  1.00   21.40 ? 175  HIS A N   1 
ATOM   1325 C  CA  . HIS A 1 175 ? -2.949  31.022  -9.522  1.00   21.87 ? 175  HIS A CA  1 
ATOM   1326 C  C   . HIS A 1 175 ? -3.612  30.083  -10.527 1.00   21.98 ? 175  HIS A C   1 
ATOM   1327 O  O   . HIS A 1 175 ? -3.620  28.863  -10.347 1.00   22.29 ? 175  HIS A O   1 
ATOM   1328 C  CB  . HIS A 1 175 ? -1.504  31.310  -9.940  1.00   21.94 ? 175  HIS A CB  1 
ATOM   1329 C  CG  . HIS A 1 175 ? -0.809  32.307  -9.065  1.00   22.49 ? 175  HIS A CG  1 
ATOM   1330 N  ND1 . HIS A 1 175 ? 0.085   31.939  -8.083  1.00   23.27 ? 175  HIS A ND1 1 
ATOM   1331 C  CD2 . HIS A 1 175 ? -0.884  33.658  -9.018  1.00   23.01 ? 175  HIS A CD2 1 
ATOM   1332 C  CE1 . HIS A 1 175 ? 0.534   33.021  -7.471  1.00   23.28 ? 175  HIS A CE1 1 
ATOM   1333 N  NE2 . HIS A 1 175 ? -0.038  34.077  -8.020  1.00   23.49 ? 175  HIS A NE2 1 
HETATM 1334 CA CA  . CA  B 2 .   ? -13.814 -1.556  -9.211  1.00   11.85 ? 1176 CA  A CA  1 
HETATM 1335 CA CA  . CA  C 2 .   ? 7.184   8.093   11.931  1.00   15.35 ? 1177 CA  A CA  1 
HETATM 1336 S  S   . SO4 D 3 .   ? -4.458  19.291  -7.240  1.00   35.78 ? 1178 SO4 A S   1 
HETATM 1337 O  O1  . SO4 D 3 .   ? -3.068  19.631  -6.950  1.00   36.04 ? 1178 SO4 A O1  1 
HETATM 1338 O  O2  . SO4 D 3 .   ? -4.766  19.641  -8.623  1.00   35.85 ? 1178 SO4 A O2  1 
HETATM 1339 O  O3  . SO4 D 3 .   ? -4.655  17.858  -7.046  1.00   35.88 ? 1178 SO4 A O3  1 
HETATM 1340 O  O4  . SO4 D 3 .   ? -5.339  20.033  -6.344  1.00   35.60 ? 1178 SO4 A O4  1 
HETATM 1341 S  S   . SO4 E 3 .   ? -0.094  28.030  -7.683  1.00   44.07 ? 1179 SO4 A S   1 
HETATM 1342 O  O1  . SO4 E 3 .   ? -0.027  29.179  -6.783  1.00   43.94 ? 1179 SO4 A O1  1 
HETATM 1343 O  O2  . SO4 E 3 .   ? -1.353  28.059  -8.424  1.00   43.93 ? 1179 SO4 A O2  1 
HETATM 1344 O  O3  . SO4 E 3 .   ? 1.021   28.088  -8.625  1.00   43.96 ? 1179 SO4 A O3  1 
HETATM 1345 O  O4  . SO4 E 3 .   ? -0.018  26.796  -6.904  1.00   43.94 ? 1179 SO4 A O4  1 
HETATM 1346 O  O   . HOH F 4 .   ? -11.491 17.104  -7.251  1.00   25.48 ? 2001 HOH A O   1 
HETATM 1347 O  O   . HOH F 4 .   ? -11.983 20.691  2.045   1.00   31.91 ? 2002 HOH A O   1 
HETATM 1348 O  O   . HOH F 4 .   ? -8.944  17.593  5.218   1.00   43.75 ? 2003 HOH A O   1 
HETATM 1349 O  O   . HOH F 4 .   ? 4.809   14.524  8.536   1.00   39.92 ? 2004 HOH A O   1 
HETATM 1350 O  O   . HOH F 4 .   ? 0.152   14.314  11.337  1.00   38.17 ? 2005 HOH A O   1 
HETATM 1351 O  O   . HOH F 4 .   ? -1.718  15.400  9.131   1.00   38.43 ? 2006 HOH A O   1 
HETATM 1352 O  O   . HOH F 4 .   ? -4.416  17.512  8.273   1.00   41.55 ? 2007 HOH A O   1 
HETATM 1353 O  O   . HOH F 4 .   ? -4.975  18.988  6.105   1.00   14.26 ? 2008 HOH A O   1 
HETATM 1354 O  O   . HOH F 4 .   ? 2.755   16.632  7.175   1.00   37.54 ? 2009 HOH A O   1 
HETATM 1355 O  O   . HOH F 4 .   ? -1.526  5.921   14.526  1.00   37.12 ? 2010 HOH A O   1 
HETATM 1356 O  O   . HOH F 4 .   ? 6.142   0.922   18.726  1.00   29.55 ? 2011 HOH A O   1 
HETATM 1357 O  O   . HOH F 4 .   ? 5.558   12.467  12.769  1.00   30.67 ? 2012 HOH A O   1 
HETATM 1358 O  O   . HOH F 4 .   ? -4.074  13.972  9.588   1.00   24.70 ? 2013 HOH A O   1 
HETATM 1359 O  O   . HOH F 4 .   ? -6.460  7.487   9.739   1.00   32.15 ? 2014 HOH A O   1 
HETATM 1360 O  O   . HOH F 4 .   ? -5.226  5.016   10.550  1.00   21.77 ? 2015 HOH A O   1 
HETATM 1361 O  O   . HOH F 4 .   ? 0.449   4.042   14.450  1.00   13.24 ? 2016 HOH A O   1 
HETATM 1362 O  O   . HOH F 4 .   ? 1.245   0.742   12.696  1.00   15.37 ? 2017 HOH A O   1 
HETATM 1363 O  O   . HOH F 4 .   ? -1.130  7.668   12.484  1.00   22.00 ? 2018 HOH A O   1 
HETATM 1364 O  O   . HOH F 4 .   ? 2.924   -21.887 3.198   1.00   42.25 ? 2019 HOH A O   1 
HETATM 1365 O  O   . HOH F 4 .   ? 12.392  -19.474 3.542   1.00   38.87 ? 2020 HOH A O   1 
HETATM 1366 O  O   . HOH F 4 .   ? 4.516   2.381   17.137  1.00   36.30 ? 2021 HOH A O   1 
HETATM 1367 O  O   . HOH F 4 .   ? 7.492   11.563  14.360  1.00   24.14 ? 2022 HOH A O   1 
HETATM 1368 O  O   . HOH F 4 .   ? 2.750   1.688   14.960  1.00   26.79 ? 2023 HOH A O   1 
HETATM 1369 O  O   . HOH F 4 .   ? -2.766  4.927   17.175  1.00   41.59 ? 2024 HOH A O   1 
HETATM 1370 O  O   . HOH F 4 .   ? -1.270  -4.675  16.438  1.00   40.11 ? 2025 HOH A O   1 
HETATM 1371 O  O   . HOH F 4 .   ? -4.657  -4.377  9.500   1.00   21.61 ? 2026 HOH A O   1 
HETATM 1372 O  O   . HOH F 4 .   ? -4.948  -1.759  14.743  1.00   14.09 ? 2027 HOH A O   1 
HETATM 1373 O  O   . HOH F 4 .   ? -4.158  4.192   13.894  1.00   20.77 ? 2028 HOH A O   1 
HETATM 1374 O  O   . HOH F 4 .   ? -5.841  1.846   14.515  1.00   11.39 ? 2029 HOH A O   1 
HETATM 1375 O  O   . HOH F 4 .   ? 2.469   -4.298  12.952  1.00   32.66 ? 2030 HOH A O   1 
HETATM 1376 O  O   . HOH F 4 .   ? 2.396   -1.772  12.216  1.00   25.92 ? 2031 HOH A O   1 
HETATM 1377 O  O   . HOH F 4 .   ? -4.565  14.087  -8.550  1.00   33.42 ? 2032 HOH A O   1 
HETATM 1378 O  O   . HOH F 4 .   ? -0.101  -10.748 10.630  1.00   27.50 ? 2033 HOH A O   1 
HETATM 1379 O  O   . HOH F 4 .   ? -0.721  -19.292 3.309   1.00   33.71 ? 2034 HOH A O   1 
HETATM 1380 O  O   . HOH F 4 .   ? 3.677   -17.425 7.295   1.00   34.30 ? 2035 HOH A O   1 
HETATM 1381 O  O   . HOH F 4 .   ? 0.416   -15.805 5.946   1.00   20.87 ? 2036 HOH A O   1 
HETATM 1382 O  O   . HOH F 4 .   ? 5.764   -14.974 6.323   1.00   24.96 ? 2037 HOH A O   1 
HETATM 1383 O  O   . HOH F 4 .   ? 1.325   -18.301 6.352   1.00   44.26 ? 2038 HOH A O   1 
HETATM 1384 O  O   . HOH F 4 .   ? -1.011  -21.833 -0.614  1.00   39.10 ? 2039 HOH A O   1 
HETATM 1385 O  O   . HOH F 4 .   ? 1.481   -21.545 0.920   1.00   28.37 ? 2040 HOH A O   1 
HETATM 1386 O  O   . HOH F 4 .   ? -21.174 10.868  0.384   1.00   35.57 ? 2041 HOH A O   1 
HETATM 1387 O  O   . HOH F 4 .   ? 11.289  -17.607 1.256   1.00   32.11 ? 2042 HOH A O   1 
HETATM 1388 O  O   . HOH F 4 .   ? 10.580  -21.097 1.420   1.00   28.49 ? 2043 HOH A O   1 
HETATM 1389 O  O   . HOH F 4 .   ? -11.296 11.306  -7.228  1.00   39.53 ? 2044 HOH A O   1 
HETATM 1390 O  O   . HOH F 4 .   ? 5.306   -19.592 2.425   1.00   29.20 ? 2045 HOH A O   1 
HETATM 1391 O  O   . HOH F 4 .   ? 4.388   -18.524 4.673   1.00   29.93 ? 2046 HOH A O   1 
HETATM 1392 O  O   . HOH F 4 .   ? -9.151  10.239  -8.515  1.00   21.31 ? 2047 HOH A O   1 
HETATM 1393 O  O   . HOH F 4 .   ? 6.561   -13.605 9.771   1.00   37.44 ? 2048 HOH A O   1 
HETATM 1394 O  O   . HOH F 4 .   ? 3.654   -13.695 7.870   1.00   37.54 ? 2049 HOH A O   1 
HETATM 1395 O  O   . HOH F 4 .   ? 11.510  -8.491  10.673  1.00   25.65 ? 2050 HOH A O   1 
HETATM 1396 O  O   . HOH F 4 .   ? 5.308   -4.226  12.439  1.00   29.74 ? 2051 HOH A O   1 
HETATM 1397 O  O   . HOH F 4 .   ? 6.100   -6.183  15.160  1.00   37.86 ? 2052 HOH A O   1 
HETATM 1398 O  O   . HOH F 4 .   ? 2.856   -6.794  9.890   1.00   29.54 ? 2053 HOH A O   1 
HETATM 1399 O  O   . HOH F 4 .   ? 5.884   -9.957  11.358  1.00   27.81 ? 2054 HOH A O   1 
HETATM 1400 O  O   . HOH F 4 .   ? 13.922  -8.979  11.857  1.00   41.92 ? 2055 HOH A O   1 
HETATM 1401 O  O   . HOH F 4 .   ? 14.931  -4.497  15.665  1.00   40.16 ? 2056 HOH A O   1 
HETATM 1402 O  O   . HOH F 4 .   ? 12.090  -3.619  16.390  1.00   43.41 ? 2057 HOH A O   1 
HETATM 1403 O  O   . HOH F 4 .   ? 8.078   -4.046  16.251  1.00   20.40 ? 2058 HOH A O   1 
HETATM 1404 O  O   . HOH F 4 .   ? 15.631  2.304   10.339  1.00   23.47 ? 2059 HOH A O   1 
HETATM 1405 O  O   . HOH F 4 .   ? 15.889  6.290   9.457   1.00   35.18 ? 2060 HOH A O   1 
HETATM 1406 O  O   . HOH F 4 .   ? 11.434  11.592  2.217   1.00   29.19 ? 2061 HOH A O   1 
HETATM 1407 O  O   . HOH F 4 .   ? 11.870  13.928  0.863   1.00   42.23 ? 2062 HOH A O   1 
HETATM 1408 O  O   . HOH F 4 .   ? 8.107   13.058  8.837   1.00   34.08 ? 2063 HOH A O   1 
HETATM 1409 O  O   . HOH F 4 .   ? 13.567  11.738  15.076  1.00   34.62 ? 2064 HOH A O   1 
HETATM 1410 O  O   . HOH F 4 .   ? 10.783  7.112   18.346  1.00   43.12 ? 2065 HOH A O   1 
HETATM 1411 O  O   . HOH F 4 .   ? 16.831  -2.772  11.481  1.00   43.33 ? 2066 HOH A O   1 
HETATM 1412 O  O   . HOH F 4 .   ? 17.294  -5.610  8.961   1.00   28.16 ? 2067 HOH A O   1 
HETATM 1413 O  O   . HOH F 4 .   ? 11.563  -6.307  9.179   1.00   17.64 ? 2068 HOH A O   1 
HETATM 1414 O  O   . HOH F 4 .   ? 11.908  -12.825 6.266   1.00   45.28 ? 2069 HOH A O   1 
HETATM 1415 O  O   . HOH F 4 .   ? 12.379  -3.642  -1.884  1.00   17.69 ? 2070 HOH A O   1 
HETATM 1416 O  O   . HOH F 4 .   ? 15.318  -10.198 3.162   1.00   20.62 ? 2071 HOH A O   1 
HETATM 1417 O  O   . HOH F 4 .   ? 5.466   14.818  -2.132  1.00   30.32 ? 2072 HOH A O   1 
HETATM 1418 O  O   . HOH F 4 .   ? -1.854  14.791  -8.873  1.00   31.27 ? 2073 HOH A O   1 
HETATM 1419 O  O   . HOH F 4 .   ? 1.092   17.855  0.586   1.00   22.84 ? 2074 HOH A O   1 
HETATM 1420 O  O   . HOH F 4 .   ? 4.069   17.701  -2.963  1.00   31.30 ? 2075 HOH A O   1 
HETATM 1421 O  O   . HOH F 4 .   ? 4.548   15.397  -6.116  1.00   40.65 ? 2076 HOH A O   1 
HETATM 1422 O  O   . HOH F 4 .   ? -9.345  7.869   -12.347 1.00   40.71 ? 2077 HOH A O   1 
HETATM 1423 O  O   . HOH F 4 .   ? 13.435  -17.468 -1.295  1.00   32.10 ? 2078 HOH A O   1 
HETATM 1424 O  O   . HOH F 4 .   ? 7.712   -13.574 -4.192  1.00   20.89 ? 2079 HOH A O   1 
HETATM 1425 O  O   . HOH F 4 .   ? 5.791   -14.897 -7.251  1.00   23.29 ? 2080 HOH A O   1 
HETATM 1426 O  O   . HOH F 4 .   ? -20.230 -3.903  -10.164 1.00   31.92 ? 2081 HOH A O   1 
HETATM 1427 O  O   . HOH F 4 .   ? -18.643 1.437   -13.422 1.00   34.29 ? 2082 HOH A O   1 
HETATM 1428 O  O   . HOH F 4 .   ? -7.005  -3.421  10.514  1.00   33.27 ? 2083 HOH A O   1 
HETATM 1429 O  O   . HOH F 4 .   ? -12.964 -0.772  4.646   1.00   20.37 ? 2084 HOH A O   1 
HETATM 1430 O  O   . HOH F 4 .   ? 17.734  -13.525 -4.943  1.00   42.44 ? 2085 HOH A O   1 
HETATM 1431 O  O   . HOH F 4 .   ? -18.260 5.951   5.378   1.00   33.47 ? 2086 HOH A O   1 
HETATM 1432 O  O   . HOH F 4 .   ? -10.275 4.051   7.458   1.00   20.37 ? 2087 HOH A O   1 
HETATM 1433 O  O   . HOH F 4 .   ? -16.247 1.284   5.425   1.00   36.79 ? 2088 HOH A O   1 
HETATM 1434 O  O   . HOH F 4 .   ? -19.955 7.933   -0.541  1.00   34.33 ? 2089 HOH A O   1 
HETATM 1435 O  O   . HOH F 4 .   ? -13.990 10.348  1.623   1.00   15.24 ? 2090 HOH A O   1 
HETATM 1436 O  O   . HOH F 4 .   ? -17.341 10.838  1.870   1.00   30.07 ? 2091 HOH A O   1 
HETATM 1437 O  O   . HOH F 4 .   ? -19.026 9.378   -2.592  1.00   33.05 ? 2092 HOH A O   1 
HETATM 1438 O  O   . HOH F 4 .   ? -11.801 12.998  -4.602  1.00   25.68 ? 2093 HOH A O   1 
HETATM 1439 O  O   . HOH F 4 .   ? -2.562  35.033  -11.271 1.00   37.98 ? 2094 HOH A O   1 
HETATM 1440 O  O   . HOH F 4 .   ? -11.905 10.474  5.098   1.00   31.62 ? 2095 HOH A O   1 
HETATM 1441 O  O   . HOH F 4 .   ? -6.556  10.905  -8.477  1.00   15.24 ? 2096 HOH A O   1 
HETATM 1442 O  O   . HOH F 4 .   ? -0.586  17.115  -4.196  1.00   15.33 ? 2097 HOH A O   1 
HETATM 1443 O  O   . HOH F 4 .   ? 3.977   10.959  2.893   1.00   12.43 ? 2098 HOH A O   1 
HETATM 1444 O  O   . HOH F 4 .   ? 5.921   12.487  4.126   1.00   20.49 ? 2099 HOH A O   1 
HETATM 1445 O  O   . HOH F 4 .   ? 14.881  -2.893  -1.179  1.00   32.49 ? 2100 HOH A O   1 
HETATM 1446 O  O   . HOH F 4 .   ? 15.488  -6.551  -8.849  1.00   37.56 ? 2101 HOH A O   1 
HETATM 1447 O  O   . HOH F 4 .   ? 9.193   -4.618  -13.455 1.00   29.51 ? 2102 HOH A O   1 
HETATM 1448 O  O   . HOH F 4 .   ? 9.018   -7.764  -4.786  1.00   10.71 ? 2103 HOH A O   1 
HETATM 1449 O  O   . HOH F 4 .   ? 9.933   -6.613  -10.639 1.00   26.62 ? 2104 HOH A O   1 
HETATM 1450 O  O   . HOH F 4 .   ? 13.907  -4.436  -9.300  1.00   24.01 ? 2105 HOH A O   1 
HETATM 1451 O  O   . HOH F 4 .   ? 1.748   -5.657  -11.531 1.00   21.12 ? 2106 HOH A O   1 
HETATM 1452 O  O   . HOH F 4 .   ? -16.100 -1.730  -5.674  1.00   22.32 ? 2107 HOH A O   1 
HETATM 1453 O  O   . HOH F 4 .   ? -14.291 -4.949  -6.289  1.00   10.32 ? 2108 HOH A O   1 
HETATM 1454 O  O   . HOH F 4 .   ? -16.712 -4.529  -5.124  1.00   22.53 ? 2109 HOH A O   1 
HETATM 1455 O  O   . HOH F 4 .   ? -15.058 -12.541 -1.463  1.00   28.66 ? 2110 HOH A O   1 
HETATM 1456 O  O   . HOH F 4 .   ? -18.715 -4.140  -2.106  1.00   19.66 ? 2111 HOH A O   1 
HETATM 1457 O  O   . HOH F 4 .   ? -14.912 -6.427  1.780   1.00   31.75 ? 2112 HOH A O   1 
HETATM 1458 O  O   . HOH F 4 .   ? -10.229 -13.781 -1.276  1.00   33.45 ? 2113 HOH A O   1 
HETATM 1459 O  O   . HOH F 4 .   ? -12.390 -12.263 -2.459  1.00   12.47 ? 2114 HOH A O   1 
HETATM 1460 O  O   . HOH F 4 .   ? 5.835   2.255   -11.533 1.00   33.07 ? 2115 HOH A O   1 
HETATM 1461 O  O   . HOH F 4 .   ? 6.026   -4.414  -11.444 1.00   29.57 ? 2116 HOH A O   1 
HETATM 1462 O  O   . HOH F 4 .   ? 3.388   1.113   -11.762 1.00   23.18 ? 2117 HOH A O   1 
HETATM 1463 O  O   . HOH F 4 .   ? 9.651   0.805   -9.603  1.00   34.82 ? 2118 HOH A O   1 
HETATM 1464 O  O   . HOH F 4 .   ? 12.160  4.934   -3.792  1.00   28.25 ? 2119 HOH A O   1 
HETATM 1465 O  O   . HOH F 4 .   ? 13.689  -1.813  -9.984  1.00   28.97 ? 2120 HOH A O   1 
HETATM 1466 O  O   . HOH F 4 .   ? 18.941  8.081   -4.130  1.00   37.62 ? 2121 HOH A O   1 
HETATM 1467 O  O   . HOH F 4 .   ? 13.759  5.450   -1.294  1.00   16.26 ? 2122 HOH A O   1 
HETATM 1468 O  O   . HOH F 4 .   ? 20.156  2.850   3.094   1.00   28.29 ? 2123 HOH A O   1 
HETATM 1469 O  O   . HOH F 4 .   ? 17.865  7.977   8.160   1.00   35.47 ? 2124 HOH A O   1 
HETATM 1470 O  O   . HOH F 4 .   ? 16.002  12.314  1.923   1.00   39.92 ? 2125 HOH A O   1 
HETATM 1471 O  O   . HOH F 4 .   ? 15.887  10.827  -1.879  1.00   42.34 ? 2126 HOH A O   1 
HETATM 1472 O  O   . HOH F 4 .   ? 18.518  9.684   3.983   1.00   32.46 ? 2127 HOH A O   1 
HETATM 1473 O  O   . HOH F 4 .   ? 10.030  4.137   -7.381  1.00   28.89 ? 2128 HOH A O   1 
HETATM 1474 O  O   . HOH F 4 .   ? 11.203  12.958  -1.573  1.00   19.54 ? 2129 HOH A O   1 
HETATM 1475 O  O   . HOH F 4 .   ? 6.693   14.649  2.818   1.00   28.87 ? 2130 HOH A O   1 
HETATM 1476 O  O   . HOH F 4 .   ? 1.519   17.257  -2.073  1.00   19.79 ? 2131 HOH A O   1 
HETATM 1477 O  O   . HOH F 4 .   ? 0.469   13.891  -7.084  1.00   20.52 ? 2132 HOH A O   1 
HETATM 1478 O  O   . HOH F 4 .   ? 6.214   11.444  -5.691  1.00   20.78 ? 2133 HOH A O   1 
HETATM 1479 O  O   . HOH F 4 .   ? 3.248   13.905  -0.640  1.00   14.83 ? 2134 HOH A O   1 
HETATM 1480 O  O   . HOH F 4 .   ? 2.638   12.608  -7.842  1.00   19.33 ? 2135 HOH A O   1 
HETATM 1481 O  O   . HOH F 4 .   ? -6.862  4.426   -11.286 1.00   19.76 ? 2136 HOH A O   1 
HETATM 1482 O  O   . HOH F 4 .   ? -9.277  7.454   -9.684  1.00   41.67 ? 2137 HOH A O   1 
HETATM 1483 O  O   . HOH F 4 .   ? -7.135  6.365   -14.209 1.00   31.31 ? 2138 HOH A O   1 
HETATM 1484 O  O   . HOH F 4 .   ? -2.592  10.300  -12.287 1.00   23.59 ? 2139 HOH A O   1 
HETATM 1485 O  O   . HOH F 4 .   ? 1.251   10.151  -12.223 1.00   38.27 ? 2140 HOH A O   1 
HETATM 1486 O  O   . HOH F 4 .   ? -4.438  3.985   -14.513 1.00   26.17 ? 2141 HOH A O   1 
HETATM 1487 O  O   . HOH F 4 .   ? 1.181   7.271   -13.527 1.00   27.27 ? 2142 HOH A O   1 
HETATM 1488 O  O   . HOH F 4 .   ? -11.099 -10.061 -14.759 1.00   22.15 ? 2143 HOH A O   1 
HETATM 1489 O  O   . HOH F 4 .   ? -6.076  -0.596  -15.721 1.00   20.50 ? 2144 HOH A O   1 
HETATM 1490 O  O   . HOH F 4 .   ? -4.810  -3.505  -16.220 1.00   16.63 ? 2145 HOH A O   1 
HETATM 1491 O  O   . HOH F 4 .   ? -0.214  -7.233  -12.829 1.00   11.00 ? 2146 HOH A O   1 
HETATM 1492 O  O   . HOH F 4 .   ? -0.666  -15.023 -12.867 1.00   32.71 ? 2147 HOH A O   1 
HETATM 1493 O  O   . HOH F 4 .   ? -7.008  -12.658 -2.216  1.00   21.75 ? 2148 HOH A O   1 
HETATM 1494 O  O   . HOH F 4 .   ? -6.589  -14.050 -10.975 1.00   16.31 ? 2149 HOH A O   1 
HETATM 1495 O  O   . HOH F 4 .   ? -15.942 -11.777 -9.000  1.00   32.76 ? 2150 HOH A O   1 
HETATM 1496 O  O   . HOH F 4 .   ? -13.624 -13.730 -10.138 1.00   33.96 ? 2151 HOH A O   1 
HETATM 1497 O  O   . HOH F 4 .   ? -11.077 -12.928 -10.562 1.00   25.57 ? 2152 HOH A O   1 
HETATM 1498 O  O   . HOH F 4 .   ? -17.914 -0.989  -9.304  1.00   25.87 ? 2153 HOH A O   1 
HETATM 1499 O  O   . HOH F 4 .   ? -18.660 -4.260  -12.561 1.00   33.26 ? 2154 HOH A O   1 
HETATM 1500 O  O   . HOH F 4 .   ? -16.446 -4.264  -16.758 1.00   42.65 ? 2155 HOH A O   1 
HETATM 1501 O  O   . HOH F 4 .   ? -17.457 -0.411  -14.980 1.00   24.33 ? 2156 HOH A O   1 
HETATM 1502 O  O   . HOH F 4 .   ? -15.179 -1.951  -17.355 1.00   21.74 ? 2157 HOH A O   1 
HETATM 1503 O  O   . HOH F 4 .   ? -9.011  3.403   -14.755 1.00   38.12 ? 2158 HOH A O   1 
HETATM 1504 O  O   . HOH F 4 .   ? -9.442  3.787   -11.871 1.00   16.15 ? 2159 HOH A O   1 
HETATM 1505 O  O   . HOH F 4 .   ? -16.466 4.753   -8.616  1.00   31.01 ? 2160 HOH A O   1 
HETATM 1506 O  O   . HOH F 4 .   ? -14.289 6.527   -7.378  1.00   25.47 ? 2161 HOH A O   1 
HETATM 1507 O  O   . HOH F 4 .   ? -16.847 2.336   2.169   1.00   19.44 ? 2162 HOH A O   1 
HETATM 1508 O  O   . HOH F 4 .   ? -16.353 6.502   -5.635  1.00   32.72 ? 2163 HOH A O   1 
HETATM 1509 O  O   . HOH F 4 .   ? -14.431 -4.686  3.822   1.00   43.43 ? 2164 HOH A O   1 
HETATM 1510 O  O   . HOH F 4 .   ? 3.002   -15.159 -7.937  1.00   21.51 ? 2165 HOH A O   1 
HETATM 1511 O  O   . HOH F 4 .   ? 6.669   -12.969 -8.869  1.00   28.53 ? 2166 HOH A O   1 
HETATM 1512 O  O   . HOH F 4 .   ? 10.095  -12.561 -10.592 1.00   22.88 ? 2167 HOH A O   1 
HETATM 1513 O  O   . HOH F 4 .   ? 9.689   -10.428 -3.774  1.00   19.96 ? 2168 HOH A O   1 
HETATM 1514 O  O   . HOH F 4 .   ? 15.535  -13.088 -12.879 1.00   37.79 ? 2169 HOH A O   1 
HETATM 1515 O  O   . HOH F 4 .   ? 17.160  -10.294 -4.173  1.00   21.78 ? 2170 HOH A O   1 
HETATM 1516 O  O   . HOH F 4 .   ? 14.931  -14.375 -3.542  1.00   24.80 ? 2171 HOH A O   1 
HETATM 1517 O  O   . HOH F 4 .   ? 15.202  -7.791  9.420   1.00   33.52 ? 2172 HOH A O   1 
HETATM 1518 O  O   . HOH F 4 .   ? 17.977  -10.162 9.474   1.00   31.98 ? 2173 HOH A O   1 
HETATM 1519 O  O   . HOH F 4 .   ? 6.389   10.280  11.367  1.00   18.69 ? 2174 HOH A O   1 
HETATM 1520 O  O   . HOH F 4 .   ? 4.238   13.670  6.012   1.00   33.60 ? 2175 HOH A O   1 
HETATM 1521 O  O   . HOH F 4 .   ? 3.491   15.759  1.321   1.00   28.52 ? 2176 HOH A O   1 
HETATM 1522 O  O   . HOH F 4 .   ? -7.263  22.614  -6.262  1.00   28.57 ? 2177 HOH A O   1 
HETATM 1523 O  O   . HOH F 4 .   ? -4.723  29.389  0.317   1.00   25.15 ? 2178 HOH A O   1 
HETATM 1524 O  O   . HOH F 4 .   ? -4.193  34.744  -8.382  1.00   34.50 ? 2179 HOH A O   1 
HETATM 1525 O  O   . HOH F 4 .   ? 0.026   18.158  -6.663  1.00   29.20 ? 2180 HOH A O   1 
HETATM 1526 O  O   . HOH F 4 .   ? 1.396   29.883  -4.384  1.00   31.36 ? 2181 HOH A O   1 
HETATM 1527 O  O   . HOH F 4 .   ? 2.970   26.499  -9.543  1.00   27.93 ? 2182 HOH A O   1 
# 
